data_3WNO
#
_entry.id   3WNO
#
_cell.length_a   61.928
_cell.length_b   167.715
_cell.length_c   174.861
_cell.angle_alpha   90.00
_cell.angle_beta   90.00
_cell.angle_gamma   90.00
#
_symmetry.space_group_name_H-M   'P 21 21 21'
#
loop_
_entity.id
_entity.type
_entity.pdbx_description
1 polymer 'Cycloisomaltooligosaccharide glucanotransferase'
2 branched Cyclooctakis-(1-6)-(alpha-D-glucopyranose)
3 branched alpha-D-glucopyranose-(1-6)-alpha-D-glucopyranose-(1-6)-alpha-D-glucopyranose-(1-6)-alpha-D-glucopyranose
4 non-polymer 'CALCIUM ION'
5 non-polymer 'SODIUM ION'
6 non-polymer 'SULFATE ION'
7 non-polymer 1,2-ETHANEDIOL
8 non-polymer '2-(N-MORPHOLINO)-ETHANESULFONIC ACID'
9 water water
#
_entity_poly.entity_id   1
_entity_poly.type   'polypeptide(L)'
_entity_poly.pdbx_seq_one_letter_code
;MGSGSGGIERVFTDKARYNPGDAVSIRVQAKNGTGSSWSGAARLEIFHLENSVYTSSQSLSLTNGQSTTLTFTWTAPSTD
FRGYFVRIDAGTLGQGATAIDVSSDFTKYPRYGYISEFESGETALESKAKVDQLAQDYHINAWQFYDWMWRHDKMIKRTG
GSIDSTWLDLFNREISWSTLQNQIDAVHDVNGKAMAYAMIYASRENYSPLGISPTWGIYEDSSHTNQFDVDFGDGSTYLY
MFDPQNPNWQNYIHAEYIDSINTAGFDGIHVAQMGQRSNVYDYNGNSIDLSTRFSPFLDQAKSVLSANNPARDNLTYNIV
DGTVNGWAVNDVSKNADLDFLYSEIWYLSDSYNQLKNYIEQLRANGGNKAVVLAAYMNYADNAGTRYEAESASMTNVSTN
TNHAGYTGSGFVDQFASTGDKVSFAINAPEAGDYSLVFRYGNNTGANSTLNLYVDGNFVQKLYFFNQSSWGTWKHDAWYQ
VPLTQGAHTVELRYESGNVGAVNLDSLTLGTFDEHSVRLADAMMSASGATHIELGDDNQMLPHEYYPNRSKTMRSSLKNA
MKDHYNFITAYENLLFDSDVVPNDTGSQFVNLTGVSASGDGSANTVWYINKRTSDYNIVHLINLLGNDNQWRNTASQPSF
QTNLPAKIYIGADETISDVYLASPDLSGGETQELAFTSGTDAGGKYVSFTVPELKYWNMIYMLEHHHHHH
;
_entity_poly.pdbx_strand_id   A,B
#
loop_
_chem_comp.id
_chem_comp.type
_chem_comp.name
_chem_comp.formula
CA non-polymer 'CALCIUM ION' 'Ca 2'
EDO non-polymer 1,2-ETHANEDIOL 'C2 H6 O2'
GLC D-saccharide, alpha linking alpha-D-glucopyranose 'C6 H12 O6'
MES non-polymer '2-(N-MORPHOLINO)-ETHANESULFONIC ACID' 'C6 H13 N O4 S'
NA non-polymer 'SODIUM ION' 'Na 1'
SO4 non-polymer 'SULFATE ION' 'O4 S -2'
#
# COMPACT_ATOMS: atom_id res chain seq x y z
N GLY A 6 12.69 -50.63 -22.11
CA GLY A 6 13.79 -51.63 -21.98
C GLY A 6 15.12 -50.99 -21.64
N GLY A 7 16.15 -51.32 -22.43
CA GLY A 7 17.52 -50.91 -22.16
C GLY A 7 17.99 -49.66 -22.89
N ILE A 8 17.08 -48.91 -23.50
CA ILE A 8 17.42 -47.61 -24.08
C ILE A 8 17.19 -46.57 -22.99
N GLU A 9 18.26 -46.16 -22.33
CA GLU A 9 18.17 -45.33 -21.12
C GLU A 9 17.97 -43.85 -21.44
N ARG A 10 18.64 -43.37 -22.47
CA ARG A 10 18.57 -41.96 -22.86
C ARG A 10 18.74 -41.83 -24.34
N VAL A 11 17.94 -40.94 -24.94
CA VAL A 11 18.17 -40.46 -26.29
C VAL A 11 18.13 -38.93 -26.24
N PHE A 12 19.14 -38.28 -26.81
CA PHE A 12 19.27 -36.83 -26.73
C PHE A 12 20.21 -36.30 -27.80
N THR A 13 20.28 -34.98 -27.92
CA THR A 13 21.20 -34.32 -28.85
C THR A 13 22.14 -33.39 -28.11
N ASP A 14 23.22 -33.01 -28.79
CA ASP A 14 24.29 -32.21 -28.19
C ASP A 14 23.92 -30.74 -27.92
N LYS A 15 22.98 -30.21 -28.70
CA LYS A 15 22.52 -28.83 -28.55
C LYS A 15 21.00 -28.77 -28.41
N ALA A 16 20.51 -27.62 -27.92
CA ALA A 16 19.09 -27.43 -27.67
C ALA A 16 18.34 -26.93 -28.90
N ARG A 17 19.07 -26.36 -29.83
CA ARG A 17 18.52 -25.70 -31.01
C ARG A 17 19.63 -25.71 -32.07
N TYR A 18 19.23 -25.86 -33.33
CA TYR A 18 20.18 -25.92 -34.44
C TYR A 18 19.76 -24.96 -35.54
N ASN A 19 20.74 -24.33 -36.16
CA ASN A 19 20.51 -23.53 -37.38
C ASN A 19 20.48 -24.48 -38.58
N PRO A 20 19.72 -24.12 -39.64
CA PRO A 20 19.75 -24.92 -40.85
C PRO A 20 21.19 -25.23 -41.31
N GLY A 21 21.46 -26.49 -41.64
CA GLY A 21 22.79 -26.90 -42.10
C GLY A 21 23.76 -27.37 -41.00
N ASP A 22 23.43 -27.10 -39.75
CA ASP A 22 24.27 -27.54 -38.64
C ASP A 22 24.28 -29.08 -38.54
N ALA A 23 25.40 -29.63 -38.08
CA ALA A 23 25.49 -31.05 -37.76
C ALA A 23 24.79 -31.31 -36.42
N VAL A 24 23.90 -32.29 -36.40
CA VAL A 24 23.22 -32.75 -35.18
C VAL A 24 23.81 -34.09 -34.75
N SER A 25 24.38 -34.17 -33.56
CA SER A 25 24.81 -35.45 -32.99
C SER A 25 23.70 -35.97 -32.09
N ILE A 26 23.08 -37.07 -32.52
CA ILE A 26 22.05 -37.75 -31.74
C ILE A 26 22.75 -38.85 -30.95
N ARG A 27 22.63 -38.78 -29.62
CA ARG A 27 23.26 -39.75 -28.73
C ARG A 27 22.22 -40.76 -28.24
N VAL A 28 22.65 -42.02 -28.09
CA VAL A 28 21.77 -43.09 -27.65
C VAL A 28 22.50 -43.90 -26.59
N GLN A 29 22.04 -43.80 -25.35
CA GLN A 29 22.62 -44.54 -24.24
C GLN A 29 21.85 -45.84 -24.06
N ALA A 30 22.55 -46.96 -24.24
CA ALA A 30 21.95 -48.29 -24.20
C ALA A 30 22.65 -49.17 -23.17
N LYS A 31 21.86 -49.98 -22.47
CA LYS A 31 22.38 -50.96 -21.53
C LYS A 31 21.63 -52.27 -21.73
N ASN A 32 22.38 -53.36 -21.82
CA ASN A 32 21.80 -54.70 -21.88
C ASN A 32 21.52 -55.23 -20.48
N GLY A 33 20.24 -55.37 -20.14
CA GLY A 33 19.82 -56.02 -18.89
C GLY A 33 18.82 -57.11 -19.18
N THR A 34 19.04 -57.86 -20.26
CA THR A 34 18.09 -58.87 -20.73
C THR A 34 18.30 -60.23 -20.06
N GLY A 35 19.55 -60.55 -19.73
CA GLY A 35 19.88 -61.83 -19.12
C GLY A 35 21.15 -62.41 -19.69
N SER A 36 21.25 -62.43 -21.01
CA SER A 36 22.46 -62.86 -21.70
C SER A 36 22.83 -61.83 -22.76
N SER A 37 23.80 -62.17 -23.61
CA SER A 37 24.24 -61.28 -24.68
C SER A 37 23.08 -60.79 -25.55
N TRP A 38 23.26 -59.62 -26.14
CA TRP A 38 22.31 -59.08 -27.11
C TRP A 38 23.04 -58.57 -28.34
N SER A 39 22.55 -58.99 -29.51
CA SER A 39 23.00 -58.45 -30.80
C SER A 39 21.80 -58.04 -31.64
N GLY A 40 21.97 -56.99 -32.43
CA GLY A 40 20.92 -56.47 -33.29
C GLY A 40 21.26 -55.09 -33.80
N ALA A 41 20.25 -54.39 -34.32
CA ALA A 41 20.44 -53.05 -34.86
C ALA A 41 19.77 -52.00 -33.97
N ALA A 42 20.34 -50.81 -33.96
CA ALA A 42 19.66 -49.62 -33.45
C ALA A 42 19.29 -48.78 -34.66
N ARG A 43 17.99 -48.61 -34.89
CA ARG A 43 17.49 -47.91 -36.06
C ARG A 43 17.00 -46.52 -35.69
N LEU A 44 17.50 -45.52 -36.41
CA LEU A 44 17.08 -44.13 -36.27
C LEU A 44 16.06 -43.77 -37.35
N GLU A 45 14.94 -43.17 -36.92
CA GLU A 45 14.03 -42.53 -37.85
C GLU A 45 13.65 -41.15 -37.30
N ILE A 46 13.73 -40.16 -38.18
CA ILE A 46 13.36 -38.77 -37.86
C ILE A 46 12.16 -38.38 -38.72
N PHE A 47 11.15 -37.79 -38.09
CA PHE A 47 9.93 -37.36 -38.75
C PHE A 47 9.77 -35.86 -38.61
N HIS A 48 9.17 -35.24 -39.61
CA HIS A 48 8.63 -33.90 -39.48
C HIS A 48 7.13 -34.04 -39.59
N LEU A 49 6.44 -33.87 -38.47
CA LEU A 49 5.00 -34.10 -38.38
C LEU A 49 4.72 -35.53 -38.89
N GLU A 50 3.79 -35.72 -39.83
CA GLU A 50 3.45 -37.08 -40.27
C GLU A 50 4.51 -37.77 -41.14
N ASN A 51 5.43 -37.00 -41.73
CA ASN A 51 6.34 -37.51 -42.74
C ASN A 51 7.72 -37.89 -42.21
N SER A 52 8.13 -39.11 -42.53
CA SER A 52 9.51 -39.55 -42.26
C SER A 52 10.46 -38.76 -43.16
N VAL A 53 11.57 -38.30 -42.60
CA VAL A 53 12.55 -37.54 -43.38
C VAL A 53 13.94 -38.13 -43.35
N TYR A 54 14.21 -39.02 -42.39
CA TYR A 54 15.52 -39.64 -42.32
C TYR A 54 15.49 -41.01 -41.63
N THR A 55 16.32 -41.93 -42.14
CA THR A 55 16.60 -43.21 -41.48
C THR A 55 18.06 -43.57 -41.58
N SER A 56 18.53 -44.34 -40.60
CA SER A 56 19.88 -44.86 -40.60
C SER A 56 19.92 -45.95 -39.56
N SER A 57 20.94 -46.80 -39.60
CA SER A 57 21.07 -47.90 -38.67
C SER A 57 22.51 -48.15 -38.32
N GLN A 58 22.72 -48.67 -37.12
CA GLN A 58 24.02 -49.17 -36.69
C GLN A 58 23.78 -50.50 -36.00
N SER A 59 24.71 -51.43 -36.17
CA SER A 59 24.66 -52.67 -35.40
C SER A 59 25.03 -52.35 -33.96
N LEU A 60 24.53 -53.17 -33.05
CA LEU A 60 24.73 -52.97 -31.63
C LEU A 60 24.82 -54.35 -31.00
N SER A 61 25.99 -54.67 -30.44
CA SER A 61 26.18 -55.93 -29.73
C SER A 61 26.65 -55.63 -28.31
N LEU A 62 25.93 -56.17 -27.34
CA LEU A 62 26.27 -55.95 -25.93
C LEU A 62 26.18 -57.25 -25.14
N THR A 63 27.23 -57.52 -24.36
CA THR A 63 27.19 -58.60 -23.36
C THR A 63 26.23 -58.16 -22.26
N ASN A 64 25.78 -59.12 -21.45
CA ASN A 64 24.82 -58.79 -20.39
C ASN A 64 25.42 -57.82 -19.38
N GLY A 65 24.69 -56.76 -19.08
CA GLY A 65 25.13 -55.77 -18.10
C GLY A 65 26.00 -54.65 -18.63
N GLN A 66 26.48 -54.76 -19.86
CA GLN A 66 27.34 -53.72 -20.42
C GLN A 66 26.52 -52.61 -21.12
N SER A 67 27.10 -51.42 -21.15
CA SER A 67 26.44 -50.25 -21.73
C SER A 67 27.31 -49.62 -22.80
N THR A 68 26.67 -48.84 -23.66
CA THR A 68 27.39 -48.02 -24.63
C THR A 68 26.55 -46.83 -25.06
N THR A 69 27.21 -45.80 -25.55
CA THR A 69 26.53 -44.67 -26.18
C THR A 69 26.82 -44.69 -27.68
N LEU A 70 25.77 -44.83 -28.48
CA LEU A 70 25.89 -44.70 -29.94
C LEU A 70 25.72 -43.24 -30.33
N THR A 71 26.35 -42.85 -31.44
CA THR A 71 26.18 -41.52 -32.02
C THR A 71 25.70 -41.65 -33.46
N PHE A 72 24.58 -40.98 -33.77
CA PHE A 72 24.12 -40.82 -35.16
C PHE A 72 24.28 -39.35 -35.53
N THR A 73 24.82 -39.09 -36.72
CA THR A 73 24.96 -37.72 -37.21
C THR A 73 23.91 -37.42 -38.27
N TRP A 74 23.42 -36.19 -38.26
CA TRP A 74 22.36 -35.75 -39.17
C TRP A 74 22.58 -34.28 -39.42
N THR A 75 22.34 -33.86 -40.65
CA THR A 75 22.43 -32.45 -41.01
C THR A 75 21.04 -31.85 -40.85
N ALA A 76 20.95 -30.78 -40.07
CA ALA A 76 19.70 -30.04 -39.93
C ALA A 76 19.22 -29.57 -41.31
N PRO A 77 18.02 -29.98 -41.71
CA PRO A 77 17.53 -29.61 -43.04
C PRO A 77 17.39 -28.09 -43.23
N SER A 78 17.28 -27.68 -44.49
CA SER A 78 17.44 -26.28 -44.88
C SER A 78 16.26 -25.38 -44.51
N THR A 79 15.09 -25.93 -44.24
CA THR A 79 13.92 -25.11 -43.94
C THR A 79 13.99 -24.64 -42.49
N ASP A 80 14.06 -23.32 -42.31
CA ASP A 80 14.19 -22.72 -40.98
C ASP A 80 12.89 -22.85 -40.20
N PHE A 81 13.00 -22.99 -38.89
CA PHE A 81 11.86 -23.02 -37.99
C PHE A 81 11.00 -24.27 -38.18
N ARG A 82 11.63 -25.42 -37.99
CA ARG A 82 10.94 -26.71 -38.10
C ARG A 82 11.32 -27.61 -36.95
N GLY A 83 10.31 -28.27 -36.38
CA GLY A 83 10.53 -29.25 -35.32
C GLY A 83 10.44 -30.67 -35.87
N TYR A 84 11.19 -31.58 -35.24
CA TYR A 84 11.25 -32.97 -35.67
C TYR A 84 11.15 -33.94 -34.49
N PHE A 85 10.49 -35.08 -34.72
CA PHE A 85 10.45 -36.18 -33.75
C PHE A 85 11.53 -37.20 -34.13
N VAL A 86 12.21 -37.75 -33.11
CA VAL A 86 13.28 -38.71 -33.28
C VAL A 86 12.90 -40.02 -32.58
N ARG A 87 12.85 -41.10 -33.37
CA ARG A 87 12.62 -42.44 -32.83
C ARG A 87 13.93 -43.24 -32.91
N ILE A 88 14.28 -43.90 -31.81
CA ILE A 88 15.31 -44.93 -31.81
C ILE A 88 14.62 -46.26 -31.52
N ASP A 89 14.79 -47.22 -32.44
CA ASP A 89 14.21 -48.54 -32.27
C ASP A 89 15.36 -49.54 -32.23
N ALA A 90 15.50 -50.23 -31.09
CA ALA A 90 16.54 -51.26 -30.92
C ALA A 90 15.91 -52.63 -30.68
N GLY A 91 14.79 -52.91 -31.34
CA GLY A 91 14.12 -54.19 -31.23
C GLY A 91 13.80 -54.61 -29.81
N THR A 92 14.23 -55.82 -29.44
CA THR A 92 13.93 -56.37 -28.12
C THR A 92 14.74 -55.73 -26.99
N LEU A 93 15.80 -55.01 -27.33
CA LEU A 93 16.51 -54.20 -26.34
C LEU A 93 15.65 -53.02 -25.87
N GLY A 94 14.71 -52.58 -26.72
CA GLY A 94 13.77 -51.52 -26.39
C GLY A 94 13.75 -50.38 -27.41
N GLN A 95 13.21 -49.23 -26.99
CA GLN A 95 13.13 -48.05 -27.86
C GLN A 95 13.28 -46.76 -27.06
N GLY A 96 13.51 -45.66 -27.78
CA GLY A 96 13.67 -44.35 -27.14
C GLY A 96 13.26 -43.25 -28.11
N ALA A 97 13.23 -42.02 -27.63
CA ALA A 97 12.84 -40.89 -28.46
C ALA A 97 13.44 -39.58 -27.96
N THR A 98 13.56 -38.62 -28.87
CA THR A 98 13.85 -37.23 -28.50
C THR A 98 13.22 -36.35 -29.58
N ALA A 99 13.62 -35.09 -29.60
CA ALA A 99 13.12 -34.16 -30.58
C ALA A 99 14.24 -33.20 -30.97
N ILE A 100 14.10 -32.58 -32.14
CA ILE A 100 15.08 -31.64 -32.67
C ILE A 100 14.38 -30.36 -33.12
N ASP A 101 14.96 -29.21 -32.78
CA ASP A 101 14.42 -27.93 -33.19
C ASP A 101 15.45 -27.23 -34.08
N VAL A 102 15.06 -27.06 -35.34
CA VAL A 102 15.88 -26.33 -36.29
C VAL A 102 15.29 -24.93 -36.41
N SER A 103 15.93 -23.98 -35.73
CA SER A 103 15.47 -22.58 -35.67
C SER A 103 16.70 -21.71 -35.56
N SER A 104 16.77 -20.66 -36.37
CA SER A 104 17.89 -19.73 -36.34
C SER A 104 17.76 -18.69 -35.25
N ASP A 105 16.63 -18.67 -34.55
CA ASP A 105 16.26 -17.61 -33.61
C ASP A 105 15.36 -18.23 -32.55
N PHE A 106 15.87 -18.38 -31.32
CA PHE A 106 15.07 -19.01 -30.24
C PHE A 106 13.73 -18.32 -29.96
N THR A 107 13.62 -17.03 -30.28
CA THR A 107 12.46 -16.26 -29.87
C THR A 107 11.17 -16.64 -30.60
N LYS A 108 11.27 -17.38 -31.70
CA LYS A 108 10.07 -17.88 -32.37
C LYS A 108 9.50 -19.10 -31.60
N TYR A 109 10.37 -19.97 -31.09
CA TYR A 109 9.94 -21.13 -30.31
C TYR A 109 10.71 -21.20 -28.99
N PRO A 110 10.43 -20.27 -28.07
CA PRO A 110 11.22 -20.30 -26.85
C PRO A 110 10.82 -21.46 -25.93
N ARG A 111 11.82 -22.06 -25.32
CA ARG A 111 11.64 -23.02 -24.25
C ARG A 111 12.53 -22.48 -23.13
N TYR A 112 11.88 -21.76 -22.22
CA TYR A 112 12.54 -20.85 -21.29
C TYR A 112 12.72 -21.53 -19.95
N GLY A 113 13.96 -21.62 -19.50
CA GLY A 113 14.29 -22.13 -18.17
C GLY A 113 14.94 -21.02 -17.35
N TYR A 114 15.55 -21.39 -16.24
CA TYR A 114 16.23 -20.41 -15.39
C TYR A 114 17.47 -20.95 -14.72
N ILE A 115 18.32 -20.01 -14.32
CA ILE A 115 19.43 -20.24 -13.41
C ILE A 115 19.30 -19.18 -12.33
N SER A 116 19.30 -19.61 -11.06
CA SER A 116 19.16 -18.70 -9.92
C SER A 116 20.20 -18.92 -8.83
N GLU A 117 21.15 -19.83 -9.05
CA GLU A 117 22.17 -20.19 -8.06
C GLU A 117 23.56 -20.11 -8.69
N PHE A 118 24.48 -19.45 -7.97
CA PHE A 118 25.75 -19.01 -8.54
C PHE A 118 26.92 -19.25 -7.59
N GLU A 119 26.90 -20.41 -6.92
CA GLU A 119 27.82 -20.68 -5.81
C GLU A 119 29.25 -20.75 -6.33
N SER A 120 30.20 -20.21 -5.56
CA SER A 120 31.61 -20.24 -5.97
C SER A 120 32.16 -21.66 -6.02
N GLY A 121 31.63 -22.55 -5.19
CA GLY A 121 32.04 -23.96 -5.18
C GLY A 121 31.64 -24.74 -6.43
N GLU A 122 30.70 -24.22 -7.21
CA GLU A 122 30.30 -24.87 -8.44
C GLU A 122 31.43 -24.81 -9.46
N THR A 123 31.92 -25.98 -9.88
CA THR A 123 32.99 -26.06 -10.85
C THR A 123 32.46 -25.86 -12.26
N ALA A 124 33.37 -25.57 -13.18
CA ALA A 124 33.01 -25.41 -14.60
C ALA A 124 32.29 -26.67 -15.10
N LEU A 125 32.80 -27.84 -14.70
CA LEU A 125 32.16 -29.12 -15.05
C LEU A 125 30.73 -29.21 -14.54
N GLU A 126 30.53 -28.80 -13.30
CA GLU A 126 29.20 -28.84 -12.69
C GLU A 126 28.24 -27.83 -13.34
N SER A 127 28.75 -26.66 -13.70
CA SER A 127 27.93 -25.67 -14.40
C SER A 127 27.49 -26.24 -15.74
N LYS A 128 28.44 -26.85 -16.44
CA LYS A 128 28.16 -27.50 -17.72
C LYS A 128 27.14 -28.64 -17.56
N ALA A 129 27.29 -29.44 -16.52
CA ALA A 129 26.38 -30.56 -16.28
C ALA A 129 24.93 -30.11 -16.09
N LYS A 130 24.71 -29.07 -15.30
CA LYS A 130 23.33 -28.63 -15.03
C LYS A 130 22.69 -27.99 -16.26
N VAL A 131 23.48 -27.28 -17.06
CA VAL A 131 22.97 -26.68 -18.28
C VAL A 131 22.70 -27.77 -19.32
N ASP A 132 23.66 -28.67 -19.50
CA ASP A 132 23.50 -29.80 -20.42
C ASP A 132 22.27 -30.63 -20.10
N GLN A 133 22.00 -30.82 -18.82
CA GLN A 133 20.88 -31.64 -18.46
C GLN A 133 19.54 -31.03 -18.86
N LEU A 134 19.36 -29.73 -18.61
CA LEU A 134 18.14 -29.06 -19.08
C LEU A 134 18.08 -29.00 -20.61
N ALA A 135 19.22 -28.75 -21.24
CA ALA A 135 19.29 -28.73 -22.70
C ALA A 135 18.94 -30.09 -23.29
N GLN A 136 19.49 -31.16 -22.70
CA GLN A 136 19.32 -32.52 -23.24
C GLN A 136 17.95 -33.10 -22.95
N ASP A 137 17.46 -32.89 -21.73
CA ASP A 137 16.20 -33.48 -21.30
C ASP A 137 14.98 -32.73 -21.78
N TYR A 138 15.09 -31.41 -21.95
CA TYR A 138 13.91 -30.61 -22.31
C TYR A 138 14.10 -29.64 -23.48
N HIS A 139 15.26 -29.65 -24.11
CA HIS A 139 15.55 -28.74 -25.23
C HIS A 139 15.40 -27.26 -24.84
N ILE A 140 15.69 -26.93 -23.58
CA ILE A 140 15.66 -25.54 -23.11
C ILE A 140 16.65 -24.75 -23.94
N ASN A 141 16.17 -23.66 -24.55
CA ASN A 141 16.97 -22.87 -25.48
C ASN A 141 17.30 -21.45 -24.99
N ALA A 142 16.74 -21.07 -23.84
CA ALA A 142 17.04 -19.80 -23.20
C ALA A 142 16.89 -19.94 -21.70
N TRP A 143 17.76 -19.27 -20.95
CA TRP A 143 17.73 -19.31 -19.48
C TRP A 143 17.63 -17.89 -18.94
N GLN A 144 16.64 -17.66 -18.07
CA GLN A 144 16.53 -16.40 -17.33
C GLN A 144 17.47 -16.52 -16.14
N PHE A 145 18.50 -15.69 -16.11
CA PHE A 145 19.42 -15.64 -14.98
C PHE A 145 18.82 -14.74 -13.90
N TYR A 146 18.38 -15.35 -12.81
CA TYR A 146 17.58 -14.68 -11.77
C TYR A 146 18.46 -14.31 -10.57
N ASP A 147 18.43 -13.04 -10.17
CA ASP A 147 19.22 -12.54 -9.03
C ASP A 147 20.72 -12.84 -9.12
N TRP A 148 21.27 -12.60 -10.30
CA TRP A 148 22.69 -12.70 -10.58
C TRP A 148 23.39 -11.40 -10.18
N MET A 149 22.63 -10.30 -10.16
CA MET A 149 23.21 -8.97 -10.14
C MET A 149 23.60 -8.57 -8.72
N TRP A 150 24.54 -7.63 -8.60
CA TRP A 150 24.89 -7.13 -7.28
C TRP A 150 23.77 -6.26 -6.73
N ARG A 151 23.51 -5.13 -7.35
CA ARG A 151 22.38 -4.28 -7.01
C ARG A 151 21.51 -4.13 -8.23
N HIS A 152 20.22 -3.91 -8.02
CA HIS A 152 19.28 -3.65 -9.15
C HIS A 152 19.64 -2.43 -10.00
N ASP A 153 20.39 -1.49 -9.40
CA ASP A 153 20.85 -0.27 -10.05
C ASP A 153 22.36 -0.22 -10.29
N LYS A 154 23.06 -1.32 -10.00
CA LYS A 154 24.51 -1.37 -10.13
C LYS A 154 24.84 -2.85 -10.26
N MET A 155 24.72 -3.35 -11.48
CA MET A 155 24.53 -4.78 -11.68
C MET A 155 25.84 -5.57 -11.55
N ILE A 156 26.93 -5.02 -12.05
CA ILE A 156 28.23 -5.66 -11.92
C ILE A 156 29.03 -4.90 -10.87
N LYS A 157 29.42 -5.56 -9.80
CA LYS A 157 30.13 -4.87 -8.72
C LYS A 157 31.60 -4.71 -9.09
N ARG A 158 32.07 -3.47 -9.10
CA ARG A 158 33.45 -3.15 -9.43
C ARG A 158 34.17 -2.44 -8.28
N THR A 159 35.47 -2.71 -8.17
CA THR A 159 36.38 -1.92 -7.35
C THR A 159 37.26 -1.17 -8.31
N GLY A 160 37.02 0.13 -8.46
CA GLY A 160 37.70 0.91 -9.48
C GLY A 160 37.32 0.38 -10.85
N GLY A 161 38.31 -0.11 -11.59
CA GLY A 161 38.07 -0.66 -12.92
C GLY A 161 37.98 -2.16 -12.94
N SER A 162 38.05 -2.79 -11.77
CA SER A 162 38.17 -4.24 -11.63
C SER A 162 36.82 -4.85 -11.23
N ILE A 163 36.40 -5.91 -11.95
CA ILE A 163 35.19 -6.65 -11.58
C ILE A 163 35.50 -7.51 -10.36
N ASP A 164 34.68 -7.39 -9.31
CA ASP A 164 34.87 -8.19 -8.11
C ASP A 164 34.61 -9.68 -8.44
N SER A 165 35.39 -10.58 -7.83
CA SER A 165 35.25 -12.01 -8.11
C SER A 165 33.97 -12.59 -7.52
N THR A 166 33.51 -12.01 -6.42
CA THR A 166 32.24 -12.37 -5.84
C THR A 166 31.55 -11.11 -5.35
N TRP A 167 30.25 -11.22 -5.16
CA TRP A 167 29.49 -10.18 -4.46
C TRP A 167 28.33 -10.81 -3.72
N LEU A 168 27.77 -10.07 -2.77
CA LEU A 168 26.61 -10.51 -2.02
C LEU A 168 25.35 -9.86 -2.58
N ASP A 169 24.35 -10.68 -2.90
CA ASP A 169 23.10 -10.14 -3.42
C ASP A 169 22.24 -9.57 -2.28
N LEU A 170 21.03 -9.14 -2.62
CA LEU A 170 20.17 -8.48 -1.64
C LEU A 170 19.73 -9.37 -0.48
N PHE A 171 19.88 -10.70 -0.62
CA PHE A 171 19.59 -11.64 0.47
C PHE A 171 20.86 -12.30 1.01
N ASN A 172 21.99 -11.62 0.80
CA ASN A 172 23.30 -12.01 1.35
C ASN A 172 23.80 -13.37 0.84
N ARG A 173 23.39 -13.72 -0.39
CA ARG A 173 23.92 -14.90 -1.06
C ARG A 173 25.17 -14.49 -1.81
N GLU A 174 26.19 -15.33 -1.75
CA GLU A 174 27.42 -15.04 -2.45
C GLU A 174 27.28 -15.45 -3.91
N ILE A 175 27.39 -14.47 -4.80
CA ILE A 175 27.36 -14.69 -6.24
C ILE A 175 28.81 -14.76 -6.72
N SER A 176 29.16 -15.82 -7.44
CA SER A 176 30.50 -15.95 -8.01
C SER A 176 30.54 -15.57 -9.47
N TRP A 177 31.42 -14.63 -9.81
CA TRP A 177 31.61 -14.21 -11.20
C TRP A 177 32.05 -15.39 -12.09
N SER A 178 33.02 -16.17 -11.62
CA SER A 178 33.53 -17.27 -12.45
C SER A 178 32.42 -18.30 -12.69
N THR A 179 31.59 -18.56 -11.69
CA THR A 179 30.47 -19.49 -11.85
C THR A 179 29.44 -18.96 -12.86
N LEU A 180 29.04 -17.70 -12.70
CA LEU A 180 28.15 -17.06 -13.66
C LEU A 180 28.69 -17.16 -15.09
N GLN A 181 29.96 -16.82 -15.27
CA GLN A 181 30.58 -16.87 -16.59
C GLN A 181 30.64 -18.30 -17.13
N ASN A 182 30.95 -19.28 -16.27
CA ASN A 182 30.96 -20.69 -16.71
C ASN A 182 29.57 -21.15 -17.15
N GLN A 183 28.54 -20.69 -16.46
CA GLN A 183 27.16 -21.05 -16.81
C GLN A 183 26.76 -20.44 -18.14
N ILE A 184 27.14 -19.17 -18.34
CA ILE A 184 26.82 -18.50 -19.60
C ILE A 184 27.53 -19.23 -20.76
N ASP A 185 28.80 -19.57 -20.55
CA ASP A 185 29.57 -20.33 -21.55
C ASP A 185 28.87 -21.64 -21.88
N ALA A 186 28.41 -22.36 -20.85
CA ALA A 186 27.73 -23.65 -21.02
C ALA A 186 26.42 -23.47 -21.78
N VAL A 187 25.68 -22.43 -21.45
CA VAL A 187 24.47 -22.07 -22.20
C VAL A 187 24.79 -21.84 -23.68
N HIS A 188 25.84 -21.07 -23.97
CA HIS A 188 26.20 -20.82 -25.37
C HIS A 188 26.62 -22.10 -26.10
N ASP A 189 27.27 -23.01 -25.38
CA ASP A 189 27.76 -24.26 -25.97
C ASP A 189 26.63 -25.15 -26.45
N VAL A 190 25.42 -24.99 -25.90
CA VAL A 190 24.25 -25.75 -26.37
C VAL A 190 23.39 -24.92 -27.33
N ASN A 191 23.96 -23.87 -27.89
CA ASN A 191 23.25 -22.87 -28.70
C ASN A 191 22.09 -22.21 -27.95
N GLY A 192 22.24 -22.08 -26.63
CA GLY A 192 21.23 -21.40 -25.82
C GLY A 192 21.58 -19.94 -25.70
N LYS A 193 20.63 -19.15 -25.23
CA LYS A 193 20.83 -17.73 -24.98
C LYS A 193 20.58 -17.44 -23.50
N ALA A 194 21.35 -16.50 -22.97
CA ALA A 194 21.30 -16.14 -21.57
C ALA A 194 20.62 -14.78 -21.42
N MET A 195 19.49 -14.76 -20.71
CA MET A 195 18.73 -13.51 -20.48
C MET A 195 18.95 -13.01 -19.06
N ALA A 196 19.43 -11.77 -18.93
CA ALA A 196 19.73 -11.19 -17.64
C ALA A 196 18.46 -10.62 -17.04
N TYR A 197 18.08 -11.11 -15.86
CA TYR A 197 17.02 -10.48 -15.08
C TYR A 197 17.43 -9.04 -14.75
N ALA A 198 16.53 -8.11 -14.96
CA ALA A 198 16.69 -6.74 -14.52
C ALA A 198 15.32 -6.09 -14.41
N MET A 199 15.18 -5.22 -13.42
CA MET A 199 13.94 -4.48 -13.25
C MET A 199 13.88 -3.36 -14.25
N ILE A 200 12.67 -2.99 -14.62
CA ILE A 200 12.40 -1.84 -15.49
C ILE A 200 12.63 -0.50 -14.77
N TYR A 201 12.47 -0.50 -13.44
CA TYR A 201 12.35 0.76 -12.70
C TYR A 201 12.82 0.76 -11.25
N ALA A 202 13.73 -0.14 -10.89
CA ALA A 202 14.15 -0.29 -9.51
C ALA A 202 15.59 0.11 -9.22
N SER A 203 15.77 0.94 -8.21
CA SER A 203 17.06 1.05 -7.54
C SER A 203 16.99 0.28 -6.24
N ARG A 204 18.15 0.15 -5.60
CA ARG A 204 18.22 -0.29 -4.20
C ARG A 204 18.26 0.95 -3.29
N GLU A 205 18.31 0.73 -1.98
CA GLU A 205 18.36 1.81 -1.01
C GLU A 205 19.59 2.70 -1.17
N ASN A 206 19.49 3.92 -0.65
CA ASN A 206 20.63 4.83 -0.57
C ASN A 206 21.27 5.05 -1.94
N TYR A 207 20.43 5.47 -2.89
CA TYR A 207 20.82 5.53 -4.30
C TYR A 207 21.49 6.86 -4.71
N SER A 208 21.39 7.89 -3.87
CA SER A 208 21.95 9.21 -4.21
C SER A 208 23.43 9.17 -4.56
N PRO A 209 24.24 8.47 -3.76
CA PRO A 209 25.67 8.38 -4.07
C PRO A 209 26.01 7.69 -5.39
N LEU A 210 25.02 7.07 -6.04
CA LEU A 210 25.22 6.47 -7.36
C LEU A 210 24.91 7.44 -8.48
N GLY A 211 24.50 8.66 -8.12
CA GLY A 211 24.13 9.67 -9.10
C GLY A 211 22.71 9.57 -9.58
N ILE A 212 21.90 8.74 -8.90
CA ILE A 212 20.49 8.58 -9.22
C ILE A 212 19.70 9.66 -8.47
N SER A 213 18.87 10.39 -9.20
CA SER A 213 18.12 11.51 -8.60
C SER A 213 16.71 11.09 -8.18
N PRO A 214 16.26 11.59 -7.01
CA PRO A 214 14.85 11.39 -6.66
C PRO A 214 13.87 11.98 -7.66
N THR A 215 14.34 12.96 -8.45
CA THR A 215 13.49 13.63 -9.42
C THR A 215 13.08 12.68 -10.55
N TRP A 216 13.76 11.56 -10.68
CA TRP A 216 13.40 10.55 -11.67
C TRP A 216 12.35 9.55 -11.15
N GLY A 217 11.98 9.66 -9.88
CA GLY A 217 11.21 8.62 -9.22
C GLY A 217 9.72 8.69 -9.46
N ILE A 218 9.02 7.64 -9.03
CA ILE A 218 7.57 7.69 -8.97
C ILE A 218 7.15 7.67 -7.51
N TYR A 219 6.07 8.40 -7.21
CA TYR A 219 5.69 8.71 -5.84
C TYR A 219 4.23 8.36 -5.56
N GLU A 220 3.97 7.98 -4.32
CA GLU A 220 2.61 7.64 -3.86
C GLU A 220 1.80 8.87 -3.49
N ASP A 221 2.45 10.03 -3.47
CA ASP A 221 1.83 11.32 -3.13
C ASP A 221 2.20 12.38 -4.17
N SER A 222 1.49 13.51 -4.14
CA SER A 222 1.75 14.61 -5.07
C SER A 222 2.83 15.60 -4.61
N SER A 223 3.45 15.35 -3.46
CA SER A 223 4.51 16.23 -2.89
C SER A 223 5.90 15.60 -2.86
N HIS A 224 6.10 14.57 -3.67
CA HIS A 224 7.36 13.80 -3.69
C HIS A 224 7.99 13.49 -2.34
N THR A 225 7.16 13.12 -1.36
CA THR A 225 7.66 12.76 -0.04
C THR A 225 7.70 11.24 0.21
N ASN A 226 6.91 10.48 -0.55
CA ASN A 226 6.77 9.05 -0.32
C ASN A 226 6.96 8.28 -1.63
N GLN A 227 8.22 7.95 -1.91
CA GLN A 227 8.54 7.23 -3.14
C GLN A 227 8.01 5.80 -3.08
N PHE A 228 7.41 5.34 -4.17
CA PHE A 228 7.06 3.93 -4.27
C PHE A 228 8.28 3.07 -3.94
N ASP A 229 8.08 2.03 -3.15
CA ASP A 229 9.18 1.18 -2.74
C ASP A 229 8.79 -0.28 -2.59
N VAL A 230 9.79 -1.11 -2.32
CA VAL A 230 9.59 -2.48 -1.86
C VAL A 230 10.44 -2.57 -0.60
N ASP A 231 9.81 -3.00 0.49
CA ASP A 231 10.43 -3.06 1.80
C ASP A 231 10.59 -4.54 2.16
N PHE A 232 11.84 -5.01 2.20
CA PHE A 232 12.11 -6.42 2.42
C PHE A 232 12.06 -6.84 3.90
N GLY A 233 11.82 -5.88 4.80
CA GLY A 233 11.49 -6.22 6.20
C GLY A 233 12.65 -6.30 7.17
N ASP A 234 13.82 -5.81 6.78
CA ASP A 234 14.99 -5.81 7.67
C ASP A 234 15.45 -4.41 8.05
N GLY A 235 14.68 -3.39 7.69
CA GLY A 235 15.03 -2.00 7.95
C GLY A 235 16.25 -1.48 7.20
N SER A 236 16.73 -2.24 6.22
CA SER A 236 17.97 -1.93 5.52
C SER A 236 17.83 -2.08 4.00
N THR A 237 17.19 -3.17 3.58
CA THR A 237 17.12 -3.57 2.18
C THR A 237 15.79 -3.17 1.58
N TYR A 238 15.86 -2.32 0.54
CA TYR A 238 14.69 -1.77 -0.15
C TYR A 238 14.94 -1.70 -1.65
N LEU A 239 13.87 -1.75 -2.42
CA LEU A 239 13.88 -1.23 -3.78
C LEU A 239 13.15 0.10 -3.77
N TYR A 240 13.57 1.01 -4.63
CA TYR A 240 12.85 2.25 -4.88
C TYR A 240 12.48 2.31 -6.36
N MET A 241 11.27 2.80 -6.64
CA MET A 241 10.71 2.76 -7.97
C MET A 241 10.82 4.09 -8.71
N PHE A 242 11.07 3.97 -10.01
CA PHE A 242 11.32 5.10 -10.87
C PHE A 242 10.38 5.11 -12.08
N ASP A 243 10.32 6.25 -12.76
CA ASP A 243 9.43 6.45 -13.89
C ASP A 243 10.05 5.87 -15.17
N PRO A 244 9.43 4.81 -15.74
CA PRO A 244 10.00 4.19 -16.97
C PRO A 244 10.07 5.13 -18.16
N GLN A 245 9.17 6.12 -18.21
CA GLN A 245 9.20 7.12 -19.25
C GLN A 245 10.20 8.24 -19.05
N ASN A 246 10.87 8.29 -17.90
CA ASN A 246 11.79 9.37 -17.60
C ASN A 246 13.11 9.18 -18.36
N PRO A 247 13.54 10.22 -19.11
CA PRO A 247 14.73 10.10 -19.97
C PRO A 247 16.03 9.82 -19.22
N ASN A 248 16.13 10.35 -18.01
CA ASN A 248 17.35 10.17 -17.22
C ASN A 248 17.40 8.78 -16.60
N TRP A 249 16.26 8.31 -16.11
CA TRP A 249 16.18 6.93 -15.65
C TRP A 249 16.48 5.97 -16.80
N GLN A 250 15.87 6.19 -17.96
CA GLN A 250 16.17 5.36 -19.13
C GLN A 250 17.67 5.35 -19.45
N ASN A 251 18.27 6.54 -19.50
CA ASN A 251 19.70 6.67 -19.77
C ASN A 251 20.49 5.80 -18.78
N TYR A 252 20.18 5.93 -17.50
CA TYR A 252 20.90 5.27 -16.43
C TYR A 252 20.79 3.74 -16.49
N ILE A 253 19.56 3.25 -16.52
CA ILE A 253 19.34 1.80 -16.43
C ILE A 253 19.62 1.09 -17.76
N HIS A 254 19.34 1.74 -18.89
CA HIS A 254 19.76 1.17 -20.18
C HIS A 254 21.28 1.04 -20.24
N ALA A 255 22.02 1.99 -19.66
CA ALA A 255 23.48 1.84 -19.55
C ALA A 255 23.86 0.60 -18.75
N GLU A 256 23.17 0.36 -17.64
CA GLU A 256 23.33 -0.90 -16.88
C GLU A 256 23.03 -2.14 -17.72
N TYR A 257 21.97 -2.08 -18.53
CA TYR A 257 21.66 -3.23 -19.41
C TYR A 257 22.82 -3.50 -20.38
N ILE A 258 23.33 -2.44 -20.99
CA ILE A 258 24.42 -2.58 -21.97
C ILE A 258 25.68 -3.10 -21.30
N ASP A 259 26.01 -2.58 -20.13
CA ASP A 259 27.12 -3.08 -19.32
C ASP A 259 26.97 -4.59 -19.10
N SER A 260 25.76 -5.04 -18.73
CA SER A 260 25.51 -6.46 -18.51
C SER A 260 25.75 -7.29 -19.78
N ILE A 261 25.29 -6.79 -20.93
CA ILE A 261 25.49 -7.49 -22.19
C ILE A 261 26.99 -7.57 -22.50
N ASN A 262 27.65 -6.42 -22.54
CA ASN A 262 29.01 -6.33 -23.04
C ASN A 262 30.06 -6.91 -22.09
N THR A 263 29.86 -6.75 -20.79
CA THR A 263 30.83 -7.21 -19.81
C THR A 263 30.57 -8.64 -19.40
N ALA A 264 29.32 -8.99 -19.15
CA ALA A 264 29.00 -10.35 -18.64
C ALA A 264 28.71 -11.37 -19.74
N GLY A 265 28.40 -10.89 -20.94
CA GLY A 265 28.20 -11.78 -22.09
C GLY A 265 26.79 -12.33 -22.24
N PHE A 266 25.81 -11.65 -21.61
CA PHE A 266 24.40 -11.97 -21.80
C PHE A 266 23.97 -11.72 -23.23
N ASP A 267 22.85 -12.32 -23.62
CA ASP A 267 22.31 -12.23 -24.98
C ASP A 267 21.05 -11.39 -25.04
N GLY A 268 20.66 -10.84 -23.89
CA GLY A 268 19.43 -10.08 -23.82
C GLY A 268 19.05 -9.78 -22.39
N ILE A 269 17.96 -9.06 -22.23
CA ILE A 269 17.47 -8.63 -20.92
C ILE A 269 16.06 -9.16 -20.69
N HIS A 270 15.86 -9.84 -19.58
CA HIS A 270 14.52 -10.19 -19.11
C HIS A 270 14.05 -9.08 -18.19
N VAL A 271 13.22 -8.19 -18.70
CA VAL A 271 12.83 -7.01 -17.95
C VAL A 271 11.68 -7.36 -17.02
N ALA A 272 11.82 -6.97 -15.76
CA ALA A 272 10.90 -7.33 -14.70
C ALA A 272 10.21 -6.11 -14.10
N GLN A 273 9.14 -6.34 -13.34
CA GLN A 273 8.44 -5.30 -12.62
C GLN A 273 7.73 -5.92 -11.41
N MET A 274 7.09 -5.08 -10.61
CA MET A 274 6.42 -5.54 -9.39
C MET A 274 4.93 -5.74 -9.58
N GLY A 275 4.40 -5.32 -10.73
CA GLY A 275 2.98 -5.40 -10.99
C GLY A 275 2.24 -4.13 -10.63
N GLN A 276 0.92 -4.22 -10.70
CA GLN A 276 0.07 -3.05 -10.64
C GLN A 276 0.35 -2.17 -9.44
N ARG A 277 0.55 -0.89 -9.72
CA ARG A 277 0.59 0.16 -8.71
C ARG A 277 -0.27 1.29 -9.24
N SER A 278 -1.14 1.83 -8.40
CA SER A 278 -2.10 2.83 -8.82
C SER A 278 -1.94 4.11 -8.01
N ASN A 279 -2.59 5.17 -8.47
CA ASN A 279 -2.47 6.50 -7.93
C ASN A 279 -1.00 6.92 -7.87
N VAL A 280 -0.36 6.90 -9.04
CA VAL A 280 1.06 7.17 -9.17
C VAL A 280 1.26 8.63 -9.57
N TYR A 281 2.33 9.23 -9.05
CA TYR A 281 2.74 10.60 -9.40
C TYR A 281 4.19 10.62 -9.81
N ASP A 282 4.56 11.57 -10.65
CA ASP A 282 5.98 11.87 -10.87
C ASP A 282 6.47 12.83 -9.78
N TYR A 283 7.76 13.14 -9.80
CA TYR A 283 8.37 14.01 -8.80
C TYR A 283 7.62 15.35 -8.70
N ASN A 284 7.30 15.93 -9.84
CA ASN A 284 6.63 17.24 -9.88
C ASN A 284 5.16 17.23 -9.47
N GLY A 285 4.60 16.07 -9.13
CA GLY A 285 3.22 15.97 -8.66
C GLY A 285 2.18 15.75 -9.74
N ASN A 286 2.61 15.43 -10.95
CA ASN A 286 1.67 15.10 -12.03
C ASN A 286 1.16 13.68 -11.85
N SER A 287 -0.16 13.51 -11.92
CA SER A 287 -0.76 12.19 -11.85
C SER A 287 -0.47 11.44 -13.15
N ILE A 288 0.03 10.21 -13.05
CA ILE A 288 0.43 9.44 -14.23
C ILE A 288 -0.08 8.00 -14.21
N ASP A 289 -0.48 7.51 -15.38
CA ASP A 289 -0.93 6.13 -15.52
C ASP A 289 0.28 5.26 -15.81
N LEU A 290 0.71 4.53 -14.81
CA LEU A 290 1.95 3.75 -14.93
C LEU A 290 1.83 2.63 -15.97
N SER A 291 0.62 2.10 -16.16
CA SER A 291 0.39 0.94 -17.03
C SER A 291 0.77 1.15 -18.49
N THR A 292 0.80 2.40 -18.95
CA THR A 292 1.14 2.72 -20.35
C THR A 292 2.58 3.24 -20.51
N ARG A 293 3.35 3.26 -19.43
CA ARG A 293 4.70 3.84 -19.44
C ARG A 293 5.79 2.83 -19.70
N PHE A 294 5.44 1.54 -19.77
CA PHE A 294 6.44 0.51 -20.01
C PHE A 294 6.84 0.38 -21.48
N SER A 295 5.86 0.49 -22.39
CA SER A 295 6.16 0.30 -23.82
C SER A 295 7.16 1.35 -24.38
N PRO A 296 7.06 2.64 -23.98
CA PRO A 296 8.10 3.57 -24.47
C PRO A 296 9.50 3.24 -23.95
N PHE A 297 9.59 2.81 -22.70
CA PHE A 297 10.84 2.35 -22.12
C PHE A 297 11.40 1.17 -22.90
N LEU A 298 10.53 0.19 -23.18
CA LEU A 298 10.94 -1.04 -23.81
C LEU A 298 11.35 -0.82 -25.27
N ASP A 299 10.60 0.04 -25.97
CA ASP A 299 10.97 0.40 -27.33
C ASP A 299 12.38 0.98 -27.38
N GLN A 300 12.68 1.87 -26.42
CA GLN A 300 14.00 2.49 -26.35
C GLN A 300 15.09 1.52 -25.91
N ALA A 301 14.76 0.62 -24.97
CA ALA A 301 15.71 -0.43 -24.57
C ALA A 301 16.10 -1.29 -25.77
N LYS A 302 15.10 -1.69 -26.55
CA LYS A 302 15.34 -2.50 -27.75
C LYS A 302 16.24 -1.76 -28.73
N SER A 303 15.96 -0.49 -28.93
CA SER A 303 16.74 0.36 -29.83
C SER A 303 18.21 0.37 -29.46
N VAL A 304 18.51 0.68 -28.18
CA VAL A 304 19.91 0.76 -27.77
C VAL A 304 20.57 -0.61 -27.76
N LEU A 305 19.81 -1.66 -27.41
CA LEU A 305 20.33 -3.03 -27.46
C LEU A 305 20.69 -3.48 -28.88
N SER A 306 19.77 -3.25 -29.81
CA SER A 306 20.00 -3.63 -31.21
C SER A 306 21.18 -2.84 -31.82
N ALA A 307 21.26 -1.55 -31.50
CA ALA A 307 22.40 -0.74 -31.96
C ALA A 307 23.73 -1.29 -31.43
N ASN A 308 23.76 -1.69 -30.17
CA ASN A 308 24.96 -2.20 -29.56
C ASN A 308 25.42 -3.53 -30.15
N ASN A 309 24.50 -4.48 -30.27
CA ASN A 309 24.83 -5.81 -30.77
C ASN A 309 23.55 -6.51 -31.19
N PRO A 310 23.30 -6.57 -32.51
CA PRO A 310 22.06 -7.22 -32.97
C PRO A 310 22.01 -8.72 -32.70
N ALA A 311 23.11 -9.35 -32.30
CA ALA A 311 23.07 -10.75 -31.88
C ALA A 311 22.83 -10.91 -30.36
N ARG A 312 22.85 -9.82 -29.61
CA ARG A 312 22.65 -9.88 -28.15
C ARG A 312 21.66 -8.79 -27.73
N ASP A 313 20.53 -8.75 -28.41
CA ASP A 313 19.52 -7.71 -28.22
C ASP A 313 18.14 -8.25 -27.88
N ASN A 314 18.10 -9.49 -27.39
CA ASN A 314 16.83 -10.14 -27.05
C ASN A 314 16.15 -9.47 -25.87
N LEU A 315 14.84 -9.32 -25.95
CA LEU A 315 14.11 -8.51 -24.96
C LEU A 315 12.71 -9.08 -24.71
N THR A 316 12.38 -9.26 -23.44
CA THR A 316 10.99 -9.52 -23.05
C THR A 316 10.71 -8.71 -21.78
N TYR A 317 9.43 -8.69 -21.40
CA TYR A 317 8.97 -7.97 -20.23
C TYR A 317 7.89 -8.77 -19.53
N ASN A 318 7.98 -8.88 -18.21
CA ASN A 318 6.96 -9.55 -17.44
C ASN A 318 5.66 -8.74 -17.25
N ILE A 319 4.62 -9.15 -17.98
CA ILE A 319 3.27 -8.67 -17.74
C ILE A 319 2.75 -9.41 -16.51
N VAL A 320 2.86 -8.76 -15.37
CA VAL A 320 2.50 -9.35 -14.07
C VAL A 320 0.97 -9.36 -13.90
N ASP A 321 0.44 -10.47 -13.42
CA ASP A 321 -1.00 -10.63 -13.09
C ASP A 321 -1.85 -10.77 -14.35
N GLY A 322 -1.45 -11.70 -15.20
CA GLY A 322 -2.03 -11.88 -16.51
C GLY A 322 -3.48 -12.33 -16.48
N THR A 323 -4.29 -11.65 -17.29
CA THR A 323 -5.69 -11.96 -17.50
C THR A 323 -6.15 -11.11 -18.67
N VAL A 324 -7.28 -11.48 -19.26
CA VAL A 324 -7.82 -10.73 -20.40
C VAL A 324 -8.03 -9.27 -19.99
N ASN A 325 -7.53 -8.34 -20.82
CA ASN A 325 -7.57 -6.90 -20.53
C ASN A 325 -7.01 -6.49 -19.18
N GLY A 326 -6.04 -7.25 -18.67
CA GLY A 326 -5.46 -6.97 -17.37
C GLY A 326 -4.55 -5.75 -17.40
N TRP A 327 -3.91 -5.50 -16.27
CA TRP A 327 -3.14 -4.28 -16.06
C TRP A 327 -1.90 -4.27 -16.94
N ALA A 328 -1.84 -3.29 -17.84
CA ALA A 328 -0.74 -3.16 -18.81
C ALA A 328 -0.76 -4.20 -19.93
N VAL A 329 -1.78 -5.06 -19.95
CA VAL A 329 -1.79 -6.17 -20.89
C VAL A 329 -1.87 -5.64 -22.32
N ASN A 330 -2.86 -4.81 -22.59
CA ASN A 330 -3.07 -4.34 -23.96
C ASN A 330 -1.92 -3.42 -24.44
N ASP A 331 -1.48 -2.52 -23.59
CA ASP A 331 -0.41 -1.61 -24.01
C ASP A 331 0.89 -2.34 -24.31
N VAL A 332 1.30 -3.26 -23.43
CA VAL A 332 2.55 -3.95 -23.64
C VAL A 332 2.46 -4.93 -24.82
N SER A 333 1.42 -5.75 -24.85
CA SER A 333 1.32 -6.78 -25.88
C SER A 333 1.15 -6.16 -27.28
N LYS A 334 0.40 -5.07 -27.38
CA LYS A 334 0.14 -4.44 -28.69
C LYS A 334 1.31 -3.57 -29.15
N ASN A 335 1.94 -2.87 -28.21
CA ASN A 335 2.82 -1.77 -28.55
C ASN A 335 4.30 -1.94 -28.27
N ALA A 336 4.67 -2.81 -27.32
CA ALA A 336 6.08 -2.90 -26.92
C ALA A 336 6.90 -3.72 -27.93
N ASP A 337 8.09 -3.22 -28.27
CA ASP A 337 9.00 -3.89 -29.20
C ASP A 337 9.76 -5.06 -28.56
N LEU A 338 9.01 -6.09 -28.17
CA LEU A 338 9.57 -7.27 -27.53
C LEU A 338 9.69 -8.43 -28.52
N ASP A 339 10.68 -9.28 -28.30
CA ASP A 339 10.91 -10.42 -29.17
C ASP A 339 9.91 -11.55 -28.93
N PHE A 340 9.55 -11.74 -27.67
CA PHE A 340 8.45 -12.63 -27.32
C PHE A 340 7.77 -12.07 -26.08
N LEU A 341 6.56 -12.54 -25.83
CA LEU A 341 5.76 -12.07 -24.71
C LEU A 341 5.91 -13.01 -23.52
N TYR A 342 5.83 -12.43 -22.32
CA TYR A 342 5.98 -13.17 -21.07
C TYR A 342 4.96 -12.63 -20.08
N SER A 343 4.29 -13.52 -19.36
CA SER A 343 3.30 -13.11 -18.38
C SER A 343 3.24 -14.07 -17.20
N GLU A 344 3.18 -13.48 -16.01
CA GLU A 344 3.10 -14.21 -14.77
C GLU A 344 1.65 -14.16 -14.31
N ILE A 345 1.08 -15.34 -14.09
CA ILE A 345 -0.34 -15.47 -13.83
C ILE A 345 -0.51 -15.54 -12.32
N TRP A 346 -1.43 -14.73 -11.78
CA TRP A 346 -1.74 -14.81 -10.36
C TRP A 346 -3.17 -15.36 -10.21
N TYR A 347 -4.14 -14.57 -9.78
CA TYR A 347 -5.47 -15.11 -9.45
C TYR A 347 -6.64 -14.55 -10.24
N LEU A 348 -6.37 -13.98 -11.41
CA LEU A 348 -7.41 -13.44 -12.29
C LEU A 348 -7.70 -14.29 -13.53
N SER A 349 -7.01 -15.44 -13.65
CA SER A 349 -7.27 -16.40 -14.72
C SER A 349 -7.26 -17.85 -14.20
N ASP A 350 -8.02 -18.11 -13.14
CA ASP A 350 -7.89 -19.38 -12.41
C ASP A 350 -8.38 -20.61 -13.17
N SER A 351 -9.31 -20.46 -14.10
CA SER A 351 -9.83 -21.61 -14.85
C SER A 351 -8.95 -21.85 -16.06
N TYR A 352 -8.97 -23.11 -16.53
CA TYR A 352 -8.28 -23.44 -17.77
C TYR A 352 -8.75 -22.54 -18.91
N ASN A 353 -10.06 -22.35 -19.03
CA ASN A 353 -10.60 -21.58 -20.14
C ASN A 353 -10.25 -20.08 -20.05
N GLN A 354 -10.21 -19.53 -18.85
CA GLN A 354 -9.88 -18.10 -18.65
C GLN A 354 -8.42 -17.88 -19.04
N LEU A 355 -7.56 -18.83 -18.68
CA LEU A 355 -6.15 -18.75 -19.04
C LEU A 355 -5.95 -18.95 -20.54
N LYS A 356 -6.69 -19.88 -21.15
CA LYS A 356 -6.69 -20.04 -22.60
C LYS A 356 -7.04 -18.73 -23.28
N ASN A 357 -8.11 -18.08 -22.81
CA ASN A 357 -8.55 -16.84 -23.41
C ASN A 357 -7.48 -15.75 -23.34
N TYR A 358 -6.74 -15.74 -22.24
CA TYR A 358 -5.68 -14.77 -22.05
C TYR A 358 -4.51 -15.01 -23.00
N ILE A 359 -4.07 -16.27 -23.11
CA ILE A 359 -3.04 -16.64 -24.07
C ILE A 359 -3.45 -16.19 -25.48
N GLU A 360 -4.70 -16.48 -25.85
CA GLU A 360 -5.21 -16.05 -27.16
C GLU A 360 -5.19 -14.54 -27.36
N GLN A 361 -5.54 -13.76 -26.33
CA GLN A 361 -5.43 -12.31 -26.43
C GLN A 361 -3.98 -11.87 -26.63
N LEU A 362 -3.04 -12.41 -25.86
CA LEU A 362 -1.63 -12.06 -26.06
C LEU A 362 -1.16 -12.39 -27.50
N ARG A 363 -1.53 -13.57 -27.96
CA ARG A 363 -1.18 -14.01 -29.33
C ARG A 363 -1.75 -13.05 -30.37
N ALA A 364 -3.03 -12.70 -30.23
CA ALA A 364 -3.67 -11.75 -31.15
C ALA A 364 -3.01 -10.38 -31.07
N ASN A 365 -2.87 -9.85 -29.86
CA ASN A 365 -2.32 -8.51 -29.65
C ASN A 365 -0.90 -8.36 -30.17
N GLY A 366 -0.08 -9.39 -29.94
CA GLY A 366 1.33 -9.33 -30.29
C GLY A 366 1.67 -9.67 -31.73
N GLY A 367 0.66 -10.01 -32.54
CA GLY A 367 0.90 -10.41 -33.93
C GLY A 367 1.51 -11.80 -33.98
N ASN A 368 0.95 -12.68 -33.16
CA ASN A 368 1.44 -14.05 -32.96
C ASN A 368 2.93 -14.25 -32.60
N LYS A 369 3.55 -13.25 -31.95
CA LYS A 369 4.79 -13.45 -31.18
C LYS A 369 4.56 -14.62 -30.21
N ALA A 370 5.64 -15.30 -29.85
CA ALA A 370 5.55 -16.41 -28.91
C ALA A 370 5.16 -15.88 -27.53
N VAL A 371 4.50 -16.75 -26.76
CA VAL A 371 4.00 -16.40 -25.42
C VAL A 371 4.55 -17.40 -24.42
N VAL A 372 5.22 -16.90 -23.38
CA VAL A 372 5.73 -17.75 -22.30
C VAL A 372 5.00 -17.35 -21.01
N LEU A 373 4.53 -18.32 -20.25
CA LEU A 373 3.85 -18.04 -18.99
C LEU A 373 4.65 -18.48 -17.78
N ALA A 374 4.72 -17.62 -16.77
CA ALA A 374 5.15 -18.00 -15.43
C ALA A 374 3.87 -18.31 -14.67
N ALA A 375 3.77 -19.53 -14.18
CA ALA A 375 2.52 -19.99 -13.61
C ALA A 375 2.86 -21.12 -12.64
N TYR A 376 3.12 -20.74 -11.39
CA TYR A 376 3.78 -21.60 -10.40
C TYR A 376 2.80 -22.68 -9.95
N MET A 377 3.13 -23.91 -10.27
CA MET A 377 2.18 -25.00 -10.09
C MET A 377 2.07 -25.34 -8.61
N ASN A 378 0.83 -25.56 -8.17
CA ASN A 378 0.51 -25.96 -6.80
C ASN A 378 0.97 -24.93 -5.77
N TYR A 379 1.05 -23.67 -6.18
CA TYR A 379 1.64 -22.58 -5.38
C TYR A 379 0.99 -22.48 -4.02
N ALA A 380 -0.33 -22.64 -3.98
CA ALA A 380 -1.10 -22.47 -2.75
C ALA A 380 -1.21 -23.76 -1.92
N ASP A 381 -0.75 -24.87 -2.47
CA ASP A 381 -1.01 -26.18 -1.89
C ASP A 381 0.20 -26.70 -1.13
N ASN A 382 -0.05 -27.28 0.05
CA ASN A 382 0.99 -28.00 0.77
C ASN A 382 1.01 -29.42 0.21
N ALA A 383 1.41 -29.52 -1.06
CA ALA A 383 1.27 -30.74 -1.83
C ALA A 383 2.37 -31.73 -1.50
N GLY A 384 2.00 -33.02 -1.46
CA GLY A 384 2.94 -34.11 -1.21
C GLY A 384 2.51 -35.04 -0.08
N THR A 385 3.36 -36.02 0.22
CA THR A 385 3.08 -37.00 1.27
C THR A 385 3.12 -36.36 2.66
N ARG A 386 2.04 -36.51 3.42
CA ARG A 386 1.90 -35.82 4.70
C ARG A 386 2.06 -36.77 5.89
N TYR A 387 2.80 -36.31 6.89
CA TYR A 387 2.97 -36.99 8.18
C TYR A 387 2.47 -36.05 9.26
N GLU A 388 1.33 -36.39 9.87
CA GLU A 388 0.73 -35.51 10.88
C GLU A 388 1.60 -35.52 12.13
N ALA A 389 1.82 -34.34 12.70
CA ALA A 389 2.68 -34.19 13.87
C ALA A 389 2.08 -34.86 15.11
N GLU A 390 0.75 -34.85 15.20
CA GLU A 390 0.05 -35.53 16.30
C GLU A 390 0.20 -37.05 16.26
N SER A 391 0.59 -37.59 15.10
CA SER A 391 0.85 -39.03 14.95
C SER A 391 2.35 -39.37 14.93
N ALA A 392 3.20 -38.38 15.20
CA ALA A 392 4.64 -38.59 15.26
C ALA A 392 5.04 -39.04 16.67
N SER A 393 6.35 -39.05 16.95
CA SER A 393 6.86 -39.38 18.28
C SER A 393 7.44 -38.13 18.90
N MET A 394 6.79 -37.66 19.96
CA MET A 394 7.10 -36.38 20.54
C MET A 394 7.53 -36.51 21.99
N THR A 395 8.49 -35.68 22.38
CA THR A 395 9.05 -35.68 23.73
C THR A 395 8.80 -34.34 24.38
N ASN A 396 8.14 -34.39 25.54
CA ASN A 396 7.92 -33.22 26.41
C ASN A 396 6.94 -32.18 25.86
N VAL A 397 6.22 -32.56 24.81
CA VAL A 397 5.10 -31.80 24.30
C VAL A 397 3.98 -32.78 24.02
N SER A 398 2.76 -32.28 24.05
CA SER A 398 1.59 -33.11 23.83
C SER A 398 0.74 -32.50 22.73
N THR A 399 -0.30 -33.22 22.34
CA THR A 399 -1.21 -32.76 21.30
C THR A 399 -2.37 -31.92 21.84
N ASN A 400 -3.07 -31.26 20.92
CA ASN A 400 -4.22 -30.45 21.27
C ASN A 400 -5.10 -30.20 20.06
N THR A 401 -6.31 -29.68 20.29
CA THR A 401 -7.28 -29.40 19.24
C THR A 401 -7.93 -28.03 19.38
N ASN A 402 -7.35 -27.16 20.21
CA ASN A 402 -8.03 -25.94 20.66
C ASN A 402 -7.75 -24.70 19.79
N HIS A 403 -7.19 -24.90 18.59
CA HIS A 403 -7.07 -23.84 17.62
C HIS A 403 -7.51 -24.36 16.26
N ALA A 404 -8.64 -23.84 15.76
CA ALA A 404 -9.20 -24.32 14.49
C ALA A 404 -8.20 -24.08 13.34
N GLY A 405 -8.31 -24.87 12.28
CA GLY A 405 -7.44 -24.74 11.12
C GLY A 405 -6.55 -25.93 10.82
N TYR A 406 -6.18 -26.68 11.85
CA TYR A 406 -5.26 -27.84 11.71
C TYR A 406 -5.82 -28.93 10.79
N THR A 407 -4.90 -29.69 10.19
CA THR A 407 -5.23 -30.91 9.46
C THR A 407 -5.12 -32.10 10.41
N GLY A 408 -5.78 -33.21 10.07
CA GLY A 408 -5.78 -34.42 10.91
C GLY A 408 -6.61 -34.26 12.18
N SER A 409 -6.24 -34.97 13.25
CA SER A 409 -6.99 -34.96 14.52
C SER A 409 -6.52 -33.89 15.48
N GLY A 410 -5.45 -33.19 15.14
CA GLY A 410 -4.97 -32.10 15.96
C GLY A 410 -3.62 -31.56 15.55
N PHE A 411 -2.86 -31.13 16.54
CA PHE A 411 -1.52 -30.62 16.33
C PHE A 411 -0.73 -30.78 17.62
N VAL A 412 0.58 -30.62 17.53
CA VAL A 412 1.45 -30.57 18.69
C VAL A 412 1.53 -29.12 19.14
N ASP A 413 1.26 -28.87 20.42
CA ASP A 413 1.26 -27.48 20.92
C ASP A 413 2.37 -27.20 21.94
N GLN A 414 2.57 -25.91 22.22
CA GLN A 414 3.59 -25.46 23.17
C GLN A 414 4.95 -26.10 22.94
N PHE A 415 5.39 -26.09 21.69
CA PHE A 415 6.72 -26.53 21.33
C PHE A 415 7.62 -25.35 21.65
N ALA A 416 8.04 -25.25 22.92
CA ALA A 416 8.51 -23.97 23.46
C ALA A 416 9.70 -24.00 24.43
N SER A 417 10.27 -25.17 24.69
CA SER A 417 11.30 -25.32 25.74
C SER A 417 12.41 -26.25 25.31
N THR A 418 13.61 -26.01 25.82
CA THR A 418 14.75 -26.89 25.59
C THR A 418 14.37 -28.32 26.00
N GLY A 419 14.72 -29.30 25.16
CA GLY A 419 14.34 -30.70 25.38
C GLY A 419 13.08 -31.15 24.65
N ASP A 420 12.23 -30.20 24.23
CA ASP A 420 11.07 -30.53 23.40
C ASP A 420 11.53 -31.07 22.06
N LYS A 421 10.92 -32.17 21.60
CA LYS A 421 11.27 -32.79 20.32
C LYS A 421 10.03 -33.36 19.64
N VAL A 422 10.01 -33.31 18.31
CA VAL A 422 9.03 -34.07 17.53
C VAL A 422 9.79 -34.80 16.43
N SER A 423 9.60 -36.12 16.38
CA SER A 423 10.33 -36.98 15.47
C SER A 423 9.38 -37.69 14.51
N PHE A 424 9.61 -37.48 13.21
CA PHE A 424 8.80 -38.08 12.14
C PHE A 424 9.52 -39.27 11.52
N ALA A 425 8.84 -40.41 11.43
CA ALA A 425 9.41 -41.57 10.75
C ALA A 425 8.90 -41.58 9.32
N ILE A 426 9.75 -41.22 8.37
CA ILE A 426 9.33 -41.09 6.96
C ILE A 426 9.93 -42.18 6.08
N ASN A 427 9.42 -42.26 4.86
CA ASN A 427 9.97 -43.12 3.85
C ASN A 427 10.19 -42.34 2.56
N ALA A 428 11.42 -42.40 2.05
CA ALA A 428 11.74 -41.90 0.72
C ALA A 428 11.57 -43.04 -0.29
N PRO A 429 10.55 -42.96 -1.16
CA PRO A 429 10.33 -44.06 -2.11
C PRO A 429 11.43 -44.21 -3.16
N GLU A 430 12.22 -43.17 -3.38
CA GLU A 430 13.37 -43.25 -4.27
C GLU A 430 14.45 -42.30 -3.78
N ALA A 431 15.69 -42.54 -4.18
CA ALA A 431 16.79 -41.66 -3.84
C ALA A 431 16.63 -40.31 -4.55
N GLY A 432 16.89 -39.22 -3.85
CA GLY A 432 16.76 -37.87 -4.44
C GLY A 432 16.61 -36.77 -3.42
N ASP A 433 16.37 -35.56 -3.90
CA ASP A 433 16.12 -34.44 -3.01
C ASP A 433 14.68 -34.49 -2.53
N TYR A 434 14.49 -34.15 -1.25
CA TYR A 434 13.16 -34.07 -0.65
C TYR A 434 13.00 -32.74 0.07
N SER A 435 11.88 -32.08 -0.20
CA SER A 435 11.51 -30.84 0.44
C SER A 435 10.76 -31.14 1.74
N LEU A 436 11.35 -30.77 2.87
CA LEU A 436 10.71 -30.97 4.17
C LEU A 436 9.94 -29.71 4.53
N VAL A 437 8.62 -29.80 4.50
CA VAL A 437 7.74 -28.65 4.67
C VAL A 437 6.92 -28.82 5.94
N PHE A 438 7.02 -27.85 6.85
CA PHE A 438 6.28 -27.90 8.11
C PHE A 438 5.13 -26.91 8.10
N ARG A 439 3.95 -27.37 8.49
CA ARG A 439 2.80 -26.51 8.71
C ARG A 439 2.73 -26.20 10.20
N TYR A 440 2.48 -24.94 10.53
CA TYR A 440 2.66 -24.48 11.91
C TYR A 440 1.82 -23.25 12.22
N GLY A 441 1.73 -22.97 13.51
CA GLY A 441 1.11 -21.75 14.01
C GLY A 441 2.11 -21.04 14.89
N ASN A 442 1.95 -19.72 15.00
CA ASN A 442 2.79 -18.91 15.88
C ASN A 442 2.11 -17.54 16.08
N ASN A 443 1.79 -17.22 17.32
CA ASN A 443 1.27 -15.91 17.72
C ASN A 443 1.99 -15.43 18.99
N THR A 444 3.31 -15.66 19.04
CA THR A 444 4.12 -15.25 20.17
C THR A 444 4.48 -13.76 20.14
N GLY A 445 4.29 -13.11 18.99
CA GLY A 445 4.66 -11.71 18.82
C GLY A 445 5.96 -11.50 18.06
N ALA A 446 6.74 -12.55 17.87
CA ALA A 446 7.94 -12.48 17.02
C ALA A 446 8.23 -13.84 16.40
N ASN A 447 9.31 -13.92 15.62
CA ASN A 447 9.73 -15.18 15.01
C ASN A 447 9.99 -16.20 16.10
N SER A 448 9.69 -17.47 15.81
CA SER A 448 10.12 -18.58 16.65
C SER A 448 11.10 -19.42 15.85
N THR A 449 11.91 -20.23 16.55
CA THR A 449 12.85 -21.12 15.86
C THR A 449 12.88 -22.53 16.45
N LEU A 450 13.31 -23.47 15.62
CA LEU A 450 13.54 -24.86 16.02
C LEU A 450 14.68 -25.38 15.21
N ASN A 451 15.39 -26.39 15.73
CA ASN A 451 16.51 -27.00 15.01
C ASN A 451 16.10 -28.27 14.27
N LEU A 452 16.41 -28.34 12.98
CA LEU A 452 16.09 -29.51 12.14
C LEU A 452 17.23 -30.52 12.13
N TYR A 453 16.88 -31.78 12.42
CA TYR A 453 17.82 -32.91 12.34
C TYR A 453 17.26 -33.95 11.37
N VAL A 454 18.15 -34.55 10.59
CA VAL A 454 17.81 -35.62 9.68
C VAL A 454 18.71 -36.81 9.95
N ASP A 455 18.10 -37.94 10.31
CA ASP A 455 18.82 -39.15 10.71
C ASP A 455 19.87 -38.90 11.81
N GLY A 456 19.52 -38.06 12.77
CA GLY A 456 20.40 -37.76 13.91
C GLY A 456 21.37 -36.60 13.74
N ASN A 457 21.49 -36.08 12.51
CA ASN A 457 22.45 -35.01 12.22
C ASN A 457 21.77 -33.65 12.11
N PHE A 458 22.37 -32.64 12.73
CA PHE A 458 21.86 -31.28 12.62
C PHE A 458 21.97 -30.79 11.18
N VAL A 459 20.93 -30.10 10.71
CA VAL A 459 20.89 -29.65 9.33
C VAL A 459 20.68 -28.14 9.22
N GLN A 460 19.82 -27.55 10.05
CA GLN A 460 19.49 -26.14 9.92
C GLN A 460 18.57 -25.67 11.03
N LYS A 461 18.77 -24.44 11.49
CA LYS A 461 17.77 -23.78 12.31
C LYS A 461 16.73 -23.18 11.37
N LEU A 462 15.46 -23.44 11.67
CA LEU A 462 14.36 -23.01 10.81
C LEU A 462 13.57 -21.92 11.51
N TYR A 463 13.04 -20.98 10.73
CA TYR A 463 12.30 -19.86 11.28
C TYR A 463 10.81 -20.03 11.03
N PHE A 464 10.02 -19.68 12.04
CA PHE A 464 8.59 -19.85 12.01
C PHE A 464 7.97 -18.50 12.34
N PHE A 465 7.34 -17.89 11.33
CA PHE A 465 7.01 -16.48 11.36
C PHE A 465 5.76 -16.22 12.19
N ASN A 466 5.70 -15.02 12.77
CA ASN A 466 4.59 -14.64 13.63
C ASN A 466 3.33 -14.33 12.83
N GLN A 467 2.20 -14.76 13.37
CA GLN A 467 0.88 -14.47 12.83
C GLN A 467 0.13 -13.76 13.96
N SER A 468 -0.89 -12.96 13.66
CA SER A 468 -1.61 -12.26 14.73
C SER A 468 -2.67 -13.11 15.42
N SER A 469 -2.76 -14.40 15.07
CA SER A 469 -3.70 -15.32 15.68
C SER A 469 -3.12 -16.73 15.78
N TRP A 470 -3.41 -17.44 16.87
CA TRP A 470 -3.08 -18.86 16.97
C TRP A 470 -3.92 -19.73 16.03
N GLY A 471 -4.96 -19.14 15.44
CA GLY A 471 -5.81 -19.83 14.46
C GLY A 471 -5.31 -19.74 13.02
N THR A 472 -4.23 -19.00 12.80
CA THR A 472 -3.66 -18.79 11.46
C THR A 472 -2.48 -19.75 11.21
N TRP A 473 -2.65 -20.68 10.29
CA TRP A 473 -1.61 -21.65 9.96
C TRP A 473 -0.90 -21.33 8.64
N LYS A 474 0.41 -21.60 8.59
CA LYS A 474 1.21 -21.46 7.37
C LYS A 474 2.08 -22.70 7.14
N HIS A 475 2.53 -22.89 5.90
CA HIS A 475 3.50 -23.96 5.60
C HIS A 475 4.72 -23.46 4.83
N ASP A 476 5.19 -22.27 5.22
CA ASP A 476 6.34 -21.61 4.59
C ASP A 476 7.67 -21.85 5.32
N ALA A 477 7.70 -22.78 6.28
CA ALA A 477 8.94 -23.26 6.88
C ALA A 477 9.36 -24.56 6.20
N TRP A 478 10.43 -24.52 5.41
CA TRP A 478 10.82 -25.65 4.60
C TRP A 478 12.32 -25.72 4.52
N TYR A 479 12.86 -26.91 4.23
CA TYR A 479 14.27 -27.10 3.95
C TYR A 479 14.44 -28.37 3.13
N GLN A 480 15.24 -28.31 2.06
CA GLN A 480 15.41 -29.43 1.16
C GLN A 480 16.69 -30.20 1.47
N VAL A 481 16.62 -31.51 1.44
CA VAL A 481 17.76 -32.39 1.75
C VAL A 481 17.82 -33.59 0.82
N PRO A 482 19.03 -34.13 0.59
CA PRO A 482 19.16 -35.34 -0.19
C PRO A 482 18.89 -36.55 0.69
N LEU A 483 18.14 -37.52 0.18
CA LEU A 483 17.88 -38.75 0.92
C LEU A 483 18.09 -39.96 0.04
N THR A 484 18.68 -41.01 0.61
CA THR A 484 18.75 -42.32 -0.04
C THR A 484 17.37 -42.94 0.02
N GLN A 485 17.11 -43.95 -0.81
CA GLN A 485 15.83 -44.64 -0.77
C GLN A 485 15.68 -45.37 0.55
N GLY A 486 14.46 -45.34 1.12
CA GLY A 486 14.15 -46.08 2.33
C GLY A 486 13.76 -45.19 3.51
N ALA A 487 13.90 -45.73 4.71
CA ALA A 487 13.38 -45.09 5.91
C ALA A 487 14.31 -43.99 6.40
N HIS A 488 13.74 -42.91 6.90
CA HIS A 488 14.53 -41.85 7.49
C HIS A 488 13.80 -41.26 8.67
N THR A 489 14.56 -40.55 9.49
CA THR A 489 14.02 -39.84 10.61
C THR A 489 14.23 -38.35 10.40
N VAL A 490 13.17 -37.58 10.56
CA VAL A 490 13.23 -36.13 10.50
C VAL A 490 12.73 -35.60 11.84
N GLU A 491 13.60 -34.87 12.53
CA GLU A 491 13.26 -34.34 13.84
C GLU A 491 13.37 -32.84 13.91
N LEU A 492 12.43 -32.23 14.60
CA LEU A 492 12.60 -30.88 15.08
C LEU A 492 12.90 -30.97 16.57
N ARG A 493 13.91 -30.22 17.02
CA ARG A 493 14.27 -30.11 18.44
C ARG A 493 14.35 -28.66 18.86
N TYR A 494 13.82 -28.37 20.05
CA TYR A 494 13.97 -27.07 20.67
C TYR A 494 15.16 -27.19 21.60
N GLU A 495 16.21 -26.42 21.33
CA GLU A 495 17.47 -26.56 22.06
C GLU A 495 17.94 -25.22 22.60
N SER A 496 19.06 -25.26 23.32
CA SER A 496 19.73 -24.06 23.79
C SER A 496 19.99 -23.14 22.60
N GLY A 497 19.29 -22.00 22.55
CA GLY A 497 19.46 -21.04 21.46
C GLY A 497 18.20 -20.77 20.64
N ASN A 498 17.22 -21.66 20.70
CA ASN A 498 15.97 -21.45 20.00
C ASN A 498 15.08 -20.50 20.79
N VAL A 499 14.16 -19.81 20.11
CA VAL A 499 13.33 -18.80 20.74
C VAL A 499 11.84 -18.98 20.42
N GLY A 500 11.00 -18.38 21.26
CA GLY A 500 9.57 -18.40 21.08
C GLY A 500 8.96 -19.79 21.17
N ALA A 501 7.86 -19.98 20.44
CA ALA A 501 7.13 -21.23 20.46
C ALA A 501 6.34 -21.38 19.18
N VAL A 502 6.03 -22.62 18.85
CA VAL A 502 5.17 -22.94 17.71
C VAL A 502 4.16 -24.00 18.08
N ASN A 503 3.07 -24.03 17.34
CA ASN A 503 2.22 -25.20 17.24
C ASN A 503 2.57 -25.87 15.94
N LEU A 504 2.85 -27.18 16.00
CA LEU A 504 3.26 -27.94 14.81
C LEU A 504 2.13 -28.83 14.33
N ASP A 505 1.72 -28.65 13.07
CA ASP A 505 0.58 -29.37 12.51
C ASP A 505 1.02 -30.66 11.83
N SER A 506 2.06 -30.58 11.01
CA SER A 506 2.46 -31.66 10.15
C SER A 506 3.82 -31.44 9.49
N LEU A 507 4.36 -32.53 8.94
CA LEU A 507 5.47 -32.52 7.99
C LEU A 507 4.94 -33.06 6.68
N THR A 508 5.32 -32.40 5.57
CA THR A 508 4.96 -32.85 4.24
C THR A 508 6.22 -32.94 3.39
N LEU A 509 6.32 -34.00 2.60
CA LEU A 509 7.39 -34.10 1.62
C LEU A 509 6.89 -33.30 0.41
N GLY A 510 7.33 -32.05 0.33
CA GLY A 510 6.83 -31.14 -0.71
C GLY A 510 7.07 -31.66 -2.10
N THR A 511 5.99 -31.92 -2.83
CA THR A 511 6.08 -32.59 -4.13
C THR A 511 5.11 -31.97 -5.12
N PHE A 512 5.60 -31.65 -6.32
CA PHE A 512 4.71 -31.20 -7.40
C PHE A 512 3.81 -32.36 -7.80
N ASP A 513 2.52 -32.08 -7.91
CA ASP A 513 1.55 -33.08 -8.33
C ASP A 513 1.65 -33.30 -9.83
N GLU A 514 2.09 -34.49 -10.24
CA GLU A 514 2.23 -34.82 -11.66
C GLU A 514 0.96 -34.55 -12.47
N HIS A 515 -0.21 -34.83 -11.90
CA HIS A 515 -1.44 -34.79 -12.68
C HIS A 515 -1.79 -33.36 -13.09
N SER A 516 -1.79 -32.43 -12.14
CA SER A 516 -2.04 -31.02 -12.41
C SER A 516 -0.98 -30.42 -13.32
N VAL A 517 0.28 -30.77 -13.08
CA VAL A 517 1.39 -30.22 -13.85
C VAL A 517 1.27 -30.66 -15.32
N ARG A 518 0.95 -31.93 -15.55
CA ARG A 518 0.76 -32.41 -16.92
C ARG A 518 -0.44 -31.75 -17.61
N LEU A 519 -1.57 -31.64 -16.92
CA LEU A 519 -2.76 -31.02 -17.53
C LEU A 519 -2.55 -29.52 -17.81
N ALA A 520 -1.92 -28.82 -16.88
CA ALA A 520 -1.61 -27.40 -17.09
C ALA A 520 -0.69 -27.21 -18.30
N ASP A 521 0.37 -28.00 -18.40
CA ASP A 521 1.30 -27.88 -19.53
C ASP A 521 0.61 -28.19 -20.88
N ALA A 522 -0.27 -29.18 -20.87
CA ALA A 522 -1.06 -29.54 -22.05
C ALA A 522 -1.97 -28.38 -22.45
N MET A 523 -2.72 -27.85 -21.50
CA MET A 523 -3.60 -26.71 -21.75
C MET A 523 -2.82 -25.52 -22.29
N MET A 524 -1.70 -25.21 -21.65
CA MET A 524 -0.92 -24.05 -22.10
C MET A 524 -0.43 -24.19 -23.53
N SER A 525 0.12 -25.35 -23.87
CA SER A 525 0.71 -25.52 -25.20
C SER A 525 -0.33 -25.78 -26.29
N ALA A 526 -1.42 -26.47 -25.95
CA ALA A 526 -2.57 -26.55 -26.86
C ALA A 526 -3.17 -25.16 -27.15
N SER A 527 -3.08 -24.25 -26.18
CA SER A 527 -3.58 -22.89 -26.34
C SER A 527 -2.58 -21.97 -27.05
N GLY A 528 -1.34 -22.42 -27.18
CA GLY A 528 -0.32 -21.69 -27.94
C GLY A 528 0.75 -20.97 -27.14
N ALA A 529 0.93 -21.38 -25.87
CA ALA A 529 2.00 -20.84 -25.00
C ALA A 529 2.93 -21.92 -24.50
N THR A 530 4.10 -21.50 -24.01
CA THR A 530 4.99 -22.37 -23.25
C THR A 530 5.04 -21.84 -21.81
N HIS A 531 5.84 -22.48 -20.97
CA HIS A 531 5.71 -22.37 -19.52
C HIS A 531 7.12 -22.36 -18.95
N ILE A 532 7.52 -21.26 -18.31
CA ILE A 532 8.80 -21.24 -17.59
C ILE A 532 8.59 -21.98 -16.27
N GLU A 533 9.25 -23.12 -16.12
CA GLU A 533 9.02 -23.99 -14.96
C GLU A 533 10.23 -24.87 -14.55
N LEU A 534 11.30 -24.88 -15.34
CA LEU A 534 12.44 -25.74 -15.04
C LEU A 534 13.73 -24.94 -15.03
N GLY A 535 14.61 -25.26 -14.10
CA GLY A 535 15.85 -24.52 -13.97
C GLY A 535 16.84 -25.13 -13.01
N ASP A 536 17.98 -24.46 -12.89
CA ASP A 536 19.06 -24.88 -12.03
C ASP A 536 19.37 -26.36 -12.29
N ASP A 537 19.57 -27.17 -11.23
CA ASP A 537 19.90 -28.59 -11.43
C ASP A 537 18.62 -29.40 -11.45
N ASN A 538 17.89 -29.28 -12.57
CA ASN A 538 16.64 -30.00 -12.79
C ASN A 538 15.60 -29.78 -11.70
N GLN A 539 15.39 -28.51 -11.35
CA GLN A 539 14.42 -28.12 -10.36
C GLN A 539 13.19 -27.58 -11.06
N MET A 540 12.01 -27.88 -10.53
CA MET A 540 10.78 -27.25 -11.04
C MET A 540 10.44 -26.07 -10.13
N LEU A 541 9.82 -25.06 -10.71
CA LEU A 541 9.68 -23.75 -10.09
C LEU A 541 8.45 -23.67 -9.16
N PRO A 542 8.67 -23.53 -7.84
CA PRO A 542 7.53 -23.58 -6.93
C PRO A 542 6.93 -22.24 -6.53
N HIS A 543 7.64 -21.15 -6.84
CA HIS A 543 7.40 -19.86 -6.22
C HIS A 543 8.12 -18.78 -7.06
N GLU A 544 7.69 -17.53 -6.92
CA GLU A 544 8.25 -16.41 -7.72
C GLU A 544 9.73 -16.11 -7.37
N TYR A 545 10.15 -16.49 -6.18
CA TYR A 545 11.55 -16.41 -5.79
C TYR A 545 12.19 -17.69 -6.24
N TYR A 546 12.91 -17.63 -7.36
CA TYR A 546 13.32 -18.83 -8.09
C TYR A 546 14.20 -19.78 -7.27
N PRO A 547 15.04 -19.27 -6.36
CA PRO A 547 15.83 -20.20 -5.55
C PRO A 547 15.01 -21.05 -4.56
N ASN A 548 13.72 -20.77 -4.42
CA ASN A 548 12.83 -21.53 -3.55
C ASN A 548 12.84 -23.01 -3.96
N ARG A 549 13.06 -23.88 -2.97
CA ARG A 549 13.10 -25.33 -3.18
C ARG A 549 12.06 -26.05 -2.30
N SER A 550 10.90 -25.41 -2.11
CA SER A 550 9.85 -25.91 -1.20
C SER A 550 8.98 -27.05 -1.75
N LYS A 551 9.12 -27.33 -3.04
CA LYS A 551 8.61 -28.57 -3.64
C LYS A 551 9.67 -29.11 -4.59
N THR A 552 9.62 -30.43 -4.83
CA THR A 552 10.52 -31.10 -5.75
C THR A 552 9.73 -32.04 -6.67
N MET A 553 10.31 -32.35 -7.82
CA MET A 553 9.73 -33.32 -8.76
C MET A 553 10.25 -34.71 -8.44
N ARG A 554 9.36 -35.69 -8.42
CA ARG A 554 9.81 -37.08 -8.33
C ARG A 554 10.04 -37.59 -9.75
N SER A 555 10.69 -38.75 -9.86
CA SER A 555 11.13 -39.29 -11.16
C SER A 555 9.99 -39.45 -12.17
N SER A 556 8.80 -39.82 -11.70
CA SER A 556 7.68 -40.01 -12.58
C SER A 556 7.32 -38.71 -13.32
N LEU A 557 7.30 -37.61 -12.59
CA LEU A 557 7.03 -36.29 -13.21
C LEU A 557 8.20 -35.86 -14.11
N LYS A 558 9.43 -36.07 -13.67
CA LYS A 558 10.57 -35.78 -14.51
C LYS A 558 10.41 -36.48 -15.86
N ASN A 559 10.03 -37.75 -15.84
CA ASN A 559 9.87 -38.50 -17.10
C ASN A 559 8.76 -37.93 -17.97
N ALA A 560 7.63 -37.57 -17.37
CA ALA A 560 6.53 -36.95 -18.11
C ALA A 560 6.91 -35.59 -18.71
N MET A 561 7.77 -34.84 -18.02
CA MET A 561 8.27 -33.56 -18.55
C MET A 561 9.25 -33.80 -19.69
N LYS A 562 10.08 -34.83 -19.61
CA LYS A 562 10.91 -35.16 -20.76
C LYS A 562 10.04 -35.44 -22.00
N ASP A 563 8.98 -36.22 -21.82
CA ASP A 563 8.05 -36.52 -22.92
C ASP A 563 7.32 -35.24 -23.37
N HIS A 564 6.89 -34.43 -22.41
CA HIS A 564 6.19 -33.19 -22.73
C HIS A 564 7.07 -32.24 -23.56
N TYR A 565 8.32 -32.07 -23.14
CA TYR A 565 9.22 -31.14 -23.85
C TYR A 565 9.70 -31.69 -25.19
N ASN A 566 9.83 -33.01 -25.30
CA ASN A 566 10.01 -33.62 -26.63
C ASN A 566 8.83 -33.26 -27.52
N PHE A 567 7.63 -33.34 -26.96
CA PHE A 567 6.41 -33.11 -27.71
C PHE A 567 6.29 -31.67 -28.21
N ILE A 568 6.50 -30.69 -27.34
CA ILE A 568 6.31 -29.28 -27.74
C ILE A 568 7.47 -28.77 -28.60
N THR A 569 8.53 -29.55 -28.69
CA THR A 569 9.62 -29.29 -29.61
C THR A 569 9.30 -29.95 -30.96
N ALA A 570 9.05 -31.27 -30.94
CA ALA A 570 8.79 -32.01 -32.18
C ALA A 570 7.62 -31.42 -32.95
N TYR A 571 6.57 -31.01 -32.25
CA TYR A 571 5.34 -30.48 -32.87
C TYR A 571 5.13 -28.95 -32.72
N GLU A 572 6.23 -28.23 -32.49
CA GLU A 572 6.20 -26.77 -32.35
C GLU A 572 5.50 -26.06 -33.50
N ASN A 573 5.66 -26.59 -34.72
CA ASN A 573 4.99 -25.99 -35.89
C ASN A 573 3.48 -26.02 -35.76
N LEU A 574 2.94 -27.13 -35.28
CA LEU A 574 1.49 -27.29 -35.13
C LEU A 574 0.92 -26.58 -33.90
N LEU A 575 1.78 -26.30 -32.92
CA LEU A 575 1.35 -25.67 -31.68
C LEU A 575 1.51 -24.15 -31.67
N PHE A 576 2.60 -23.65 -32.27
CA PHE A 576 3.01 -22.26 -32.03
C PHE A 576 3.18 -21.36 -33.26
N ASP A 577 3.03 -21.90 -34.47
CA ASP A 577 3.29 -21.07 -35.66
C ASP A 577 2.29 -19.93 -35.82
N SER A 578 2.73 -18.87 -36.50
CA SER A 578 1.91 -17.69 -36.78
C SER A 578 0.55 -18.05 -37.40
N ASP A 579 0.54 -19.02 -38.29
CA ASP A 579 -0.69 -19.44 -38.97
C ASP A 579 -1.56 -20.41 -38.16
N VAL A 580 -1.08 -20.83 -36.97
CA VAL A 580 -1.90 -21.65 -36.07
C VAL A 580 -2.85 -20.74 -35.31
N VAL A 581 -4.11 -20.70 -35.75
CA VAL A 581 -5.09 -19.80 -35.16
C VAL A 581 -6.29 -20.58 -34.62
N PRO A 582 -7.06 -19.96 -33.70
CA PRO A 582 -8.30 -20.57 -33.23
C PRO A 582 -9.22 -20.90 -34.39
N ASN A 583 -9.94 -22.02 -34.29
CA ASN A 583 -10.86 -22.45 -35.33
C ASN A 583 -12.29 -22.47 -34.77
N ASP A 584 -12.57 -21.56 -33.85
CA ASP A 584 -13.92 -21.39 -33.30
C ASP A 584 -14.75 -20.49 -34.23
N THR A 585 -14.10 -19.94 -35.24
CA THR A 585 -14.74 -19.06 -36.22
C THR A 585 -15.21 -19.83 -37.46
N GLY A 586 -16.34 -20.51 -37.35
CA GLY A 586 -16.93 -21.24 -38.48
C GLY A 586 -18.02 -22.23 -38.10
N SER A 587 -18.40 -23.06 -39.07
CA SER A 587 -19.40 -24.12 -38.86
C SER A 587 -18.72 -25.47 -38.64
N GLN A 588 -18.49 -25.82 -37.37
CA GLN A 588 -17.77 -27.04 -37.01
C GLN A 588 -17.98 -27.41 -35.55
N PHE A 589 -17.79 -28.69 -35.22
CA PHE A 589 -18.17 -29.25 -33.92
C PHE A 589 -17.47 -30.60 -33.68
N VAL A 590 -17.17 -30.88 -32.41
CA VAL A 590 -16.55 -32.16 -32.03
C VAL A 590 -17.56 -32.99 -31.24
N ASN A 591 -17.66 -34.27 -31.59
CA ASN A 591 -18.61 -35.20 -30.96
C ASN A 591 -17.90 -36.47 -30.52
N LEU A 592 -17.86 -36.68 -29.21
CA LEU A 592 -17.17 -37.82 -28.62
C LEU A 592 -18.20 -38.74 -28.00
N THR A 593 -18.16 -40.01 -28.37
CA THR A 593 -19.15 -40.97 -27.88
C THR A 593 -18.67 -41.60 -26.58
N GLY A 594 -19.54 -41.60 -25.57
CA GLY A 594 -19.29 -42.33 -24.33
C GLY A 594 -18.51 -41.57 -23.27
N VAL A 595 -18.36 -40.26 -23.44
CA VAL A 595 -17.78 -39.38 -22.43
C VAL A 595 -18.46 -38.01 -22.51
N SER A 596 -18.60 -37.32 -21.39
CA SER A 596 -19.02 -35.92 -21.41
C SER A 596 -17.89 -35.11 -22.04
N ALA A 597 -18.25 -34.19 -22.93
CA ALA A 597 -17.29 -33.38 -23.65
C ALA A 597 -17.66 -31.91 -23.51
N SER A 598 -16.66 -31.03 -23.66
CA SER A 598 -16.89 -29.60 -23.59
C SER A 598 -15.89 -28.82 -24.43
N GLY A 599 -16.31 -27.65 -24.89
CA GLY A 599 -15.44 -26.76 -25.67
C GLY A 599 -14.84 -25.64 -24.84
N ASP A 600 -15.15 -25.60 -23.55
CA ASP A 600 -14.77 -24.49 -22.65
C ASP A 600 -14.06 -24.96 -21.36
N GLY A 601 -13.44 -26.13 -21.42
CA GLY A 601 -12.67 -26.67 -20.29
C GLY A 601 -13.49 -26.88 -19.03
N SER A 602 -14.68 -27.45 -19.20
CA SER A 602 -15.58 -27.71 -18.07
C SER A 602 -15.07 -28.90 -17.25
N ALA A 603 -15.28 -28.84 -15.94
CA ALA A 603 -14.85 -29.90 -15.03
C ALA A 603 -15.48 -31.23 -15.45
N ASN A 604 -14.74 -32.30 -15.27
CA ASN A 604 -15.24 -33.66 -15.53
C ASN A 604 -15.75 -33.80 -16.97
N THR A 605 -14.97 -33.33 -17.93
CA THR A 605 -15.24 -33.55 -19.35
C THR A 605 -13.94 -33.79 -20.09
N VAL A 606 -14.06 -34.31 -21.30
CA VAL A 606 -12.97 -34.27 -22.26
C VAL A 606 -13.12 -32.92 -22.97
N TRP A 607 -12.09 -32.10 -22.86
CA TRP A 607 -12.09 -30.75 -23.40
C TRP A 607 -11.49 -30.78 -24.78
N TYR A 608 -12.25 -30.32 -25.77
CA TYR A 608 -11.73 -30.23 -27.12
C TYR A 608 -11.41 -28.77 -27.46
N ILE A 609 -10.28 -28.59 -28.13
CA ILE A 609 -9.85 -27.28 -28.63
C ILE A 609 -9.54 -27.41 -30.11
N ASN A 610 -10.23 -26.60 -30.93
CA ASN A 610 -10.11 -26.66 -32.39
C ASN A 610 -9.19 -25.58 -32.95
N LYS A 611 -8.12 -26.01 -33.62
CA LYS A 611 -7.17 -25.10 -34.25
C LYS A 611 -7.07 -25.43 -35.73
N ARG A 612 -6.42 -24.54 -36.48
CA ARG A 612 -6.09 -24.81 -37.86
C ARG A 612 -4.89 -24.01 -38.38
N THR A 613 -4.23 -24.58 -39.39
CA THR A 613 -3.32 -23.87 -40.27
C THR A 613 -3.89 -24.03 -41.68
N SER A 614 -3.13 -23.61 -42.70
CA SER A 614 -3.52 -23.82 -44.08
C SER A 614 -3.67 -25.31 -44.41
N ASP A 615 -2.80 -26.12 -43.82
CA ASP A 615 -2.66 -27.53 -44.19
C ASP A 615 -3.31 -28.54 -43.25
N TYR A 616 -3.59 -28.13 -42.01
CA TYR A 616 -4.09 -29.07 -41.00
C TYR A 616 -5.28 -28.53 -40.22
N ASN A 617 -6.24 -29.42 -39.98
CA ASN A 617 -7.33 -29.21 -39.04
C ASN A 617 -6.89 -29.89 -37.73
N ILE A 618 -6.75 -29.11 -36.67
CA ILE A 618 -6.15 -29.59 -35.41
C ILE A 618 -7.18 -29.62 -34.29
N VAL A 619 -7.32 -30.76 -33.62
CA VAL A 619 -8.21 -30.90 -32.49
C VAL A 619 -7.41 -31.46 -31.32
N HIS A 620 -7.29 -30.64 -30.27
CA HIS A 620 -6.70 -31.11 -29.01
C HIS A 620 -7.79 -31.69 -28.12
N LEU A 621 -7.48 -32.81 -27.49
CA LEU A 621 -8.34 -33.39 -26.47
C LEU A 621 -7.57 -33.32 -25.18
N ILE A 622 -8.14 -32.66 -24.18
CA ILE A 622 -7.54 -32.57 -22.85
C ILE A 622 -8.50 -33.19 -21.84
N ASN A 623 -7.99 -34.19 -21.13
CA ASN A 623 -8.84 -35.03 -20.30
C ASN A 623 -9.07 -34.47 -18.92
N LEU A 624 -10.19 -33.77 -18.73
CA LEU A 624 -10.56 -33.28 -17.41
C LEU A 624 -11.57 -34.19 -16.68
N LEU A 625 -11.77 -35.39 -17.20
CA LEU A 625 -12.60 -36.38 -16.50
C LEU A 625 -12.01 -36.67 -15.11
N GLY A 626 -12.81 -36.44 -14.08
CA GLY A 626 -12.41 -36.70 -12.70
C GLY A 626 -11.69 -35.52 -12.04
N ASN A 627 -11.68 -34.37 -12.69
CA ASN A 627 -11.03 -33.20 -12.14
C ASN A 627 -11.82 -31.90 -12.35
N ASP A 628 -11.44 -30.86 -11.61
CA ASP A 628 -12.10 -29.55 -11.69
C ASP A 628 -11.56 -28.72 -12.87
N ASN A 629 -12.08 -27.49 -13.03
CA ASN A 629 -11.67 -26.63 -14.14
C ASN A 629 -10.56 -25.62 -13.78
N GLN A 630 -9.84 -25.86 -12.68
CA GLN A 630 -8.82 -24.92 -12.17
C GLN A 630 -7.42 -25.40 -12.56
N TRP A 631 -6.59 -24.52 -13.11
CA TRP A 631 -5.31 -24.98 -13.65
C TRP A 631 -4.20 -25.21 -12.62
N ARG A 632 -4.21 -24.44 -11.53
CA ARG A 632 -3.04 -24.39 -10.63
C ARG A 632 -3.01 -25.45 -9.52
N ASN A 633 -4.18 -25.82 -9.02
CA ASN A 633 -4.26 -26.68 -7.83
C ASN A 633 -3.91 -28.14 -8.12
N THR A 634 -3.75 -28.94 -7.07
CA THR A 634 -3.43 -30.34 -7.26
C THR A 634 -4.65 -31.06 -7.85
N ALA A 635 -4.40 -32.15 -8.57
CA ALA A 635 -5.46 -32.89 -9.26
C ALA A 635 -5.31 -34.38 -9.03
N SER A 636 -6.37 -35.13 -9.35
CA SER A 636 -6.31 -36.59 -9.36
C SER A 636 -5.85 -37.10 -10.71
N GLN A 637 -5.53 -38.39 -10.79
CA GLN A 637 -5.27 -39.00 -12.08
C GLN A 637 -6.53 -38.91 -12.91
N PRO A 638 -6.42 -38.46 -14.18
CA PRO A 638 -7.61 -38.44 -15.05
C PRO A 638 -8.20 -39.84 -15.28
N SER A 639 -9.47 -39.91 -15.64
CA SER A 639 -10.09 -41.18 -16.01
C SER A 639 -9.67 -41.51 -17.42
N PHE A 640 -8.66 -42.37 -17.53
CA PHE A 640 -8.08 -42.71 -18.83
C PHE A 640 -9.12 -43.43 -19.68
N GLN A 641 -9.08 -43.18 -20.98
CA GLN A 641 -10.06 -43.73 -21.92
C GLN A 641 -9.38 -44.56 -22.99
N THR A 642 -10.06 -45.61 -23.45
CA THR A 642 -9.59 -46.41 -24.57
C THR A 642 -10.70 -46.53 -25.61
N ASN A 643 -10.30 -46.65 -26.88
CA ASN A 643 -11.24 -46.75 -28.02
C ASN A 643 -12.39 -45.74 -27.96
N LEU A 644 -12.02 -44.47 -27.97
CA LEU A 644 -12.96 -43.37 -27.86
C LEU A 644 -13.38 -42.93 -29.27
N PRO A 645 -14.67 -43.14 -29.62
CA PRO A 645 -15.09 -42.77 -30.97
C PRO A 645 -15.28 -41.26 -31.10
N ALA A 646 -14.71 -40.66 -32.14
CA ALA A 646 -14.80 -39.23 -32.36
C ALA A 646 -15.45 -38.95 -33.70
N LYS A 647 -16.31 -37.93 -33.73
CA LYS A 647 -16.89 -37.41 -34.96
C LYS A 647 -16.64 -35.90 -35.01
N ILE A 648 -15.90 -35.46 -36.02
CA ILE A 648 -15.53 -34.06 -36.15
C ILE A 648 -16.16 -33.50 -37.42
N TYR A 649 -16.98 -32.46 -37.26
CA TYR A 649 -17.57 -31.75 -38.40
C TYR A 649 -16.54 -30.80 -38.98
N ILE A 650 -16.51 -30.73 -40.31
CA ILE A 650 -15.57 -29.89 -41.04
C ILE A 650 -16.33 -29.02 -42.04
N GLY A 651 -15.69 -28.00 -42.58
CA GLY A 651 -16.33 -27.11 -43.56
C GLY A 651 -16.59 -27.82 -44.88
N ALA A 652 -17.57 -27.33 -45.63
CA ALA A 652 -17.88 -27.90 -46.95
C ALA A 652 -16.68 -27.81 -47.89
N ASP A 653 -15.86 -26.77 -47.69
CA ASP A 653 -14.61 -26.59 -48.43
C ASP A 653 -13.55 -27.67 -48.17
N GLU A 654 -13.57 -28.28 -46.99
CA GLU A 654 -12.49 -29.20 -46.55
C GLU A 654 -12.69 -30.64 -47.00
N THR A 655 -11.59 -31.26 -47.46
CA THR A 655 -11.49 -32.71 -47.55
C THR A 655 -10.22 -33.15 -46.82
N ILE A 656 -10.33 -34.22 -46.05
CA ILE A 656 -9.22 -34.73 -45.24
C ILE A 656 -8.53 -35.89 -45.94
N SER A 657 -7.23 -35.75 -46.19
CA SER A 657 -6.42 -36.83 -46.75
C SER A 657 -6.17 -37.93 -45.71
N ASP A 658 -5.70 -37.50 -44.53
CA ASP A 658 -5.22 -38.43 -43.51
C ASP A 658 -5.52 -37.87 -42.11
N VAL A 659 -5.76 -38.77 -41.15
CA VAL A 659 -5.94 -38.38 -39.76
C VAL A 659 -4.77 -38.89 -38.91
N TYR A 660 -4.17 -37.98 -38.13
CA TYR A 660 -3.00 -38.30 -37.31
C TYR A 660 -3.26 -37.95 -35.85
N LEU A 661 -2.59 -38.65 -34.94
CA LEU A 661 -2.72 -38.40 -33.51
C LEU A 661 -1.35 -38.61 -32.87
N ALA A 662 -0.88 -37.58 -32.17
CA ALA A 662 0.33 -37.66 -31.37
C ALA A 662 -0.02 -37.23 -29.95
N SER A 663 0.63 -37.86 -28.97
CA SER A 663 0.45 -37.55 -27.56
C SER A 663 1.76 -37.77 -26.81
N PRO A 664 2.16 -36.83 -25.93
CA PRO A 664 3.35 -37.07 -25.11
C PRO A 664 3.16 -38.29 -24.20
N ASP A 665 1.90 -38.64 -23.95
CA ASP A 665 1.53 -39.74 -23.06
C ASP A 665 1.70 -41.11 -23.71
N LEU A 666 1.82 -41.15 -25.04
CA LEU A 666 1.73 -42.40 -25.81
C LEU A 666 2.96 -42.53 -26.71
N SER A 667 3.71 -43.62 -26.52
CA SER A 667 4.91 -43.89 -27.33
C SER A 667 5.83 -42.68 -27.50
N GLY A 668 5.96 -41.88 -26.45
CA GLY A 668 6.89 -40.76 -26.47
C GLY A 668 6.55 -39.59 -27.37
N GLY A 669 5.31 -39.53 -27.87
CA GLY A 669 4.92 -38.48 -28.81
C GLY A 669 4.91 -38.88 -30.29
N GLU A 670 5.21 -40.14 -30.59
CA GLU A 670 5.25 -40.59 -31.99
C GLU A 670 3.86 -40.48 -32.61
N THR A 671 3.81 -40.00 -33.84
CA THR A 671 2.54 -39.86 -34.53
C THR A 671 2.05 -41.24 -34.97
N GLN A 672 0.77 -41.51 -34.73
CA GLN A 672 0.10 -42.70 -35.25
C GLN A 672 -0.91 -42.23 -36.29
N GLU A 673 -0.94 -42.89 -37.45
CA GLU A 673 -1.99 -42.62 -38.42
C GLU A 673 -3.22 -43.45 -38.07
N LEU A 674 -4.38 -42.81 -38.07
CA LEU A 674 -5.62 -43.48 -37.75
C LEU A 674 -6.45 -43.70 -39.02
N ALA A 675 -7.06 -44.88 -39.11
CA ALA A 675 -8.06 -45.12 -40.16
C ALA A 675 -9.29 -44.28 -39.85
N PHE A 676 -9.89 -43.67 -40.88
CA PHE A 676 -11.06 -42.83 -40.69
C PHE A 676 -12.05 -42.99 -41.83
N THR A 677 -13.31 -42.63 -41.58
CA THR A 677 -14.32 -42.63 -42.64
C THR A 677 -14.82 -41.21 -42.85
N SER A 678 -14.92 -40.83 -44.12
CA SER A 678 -15.49 -39.54 -44.52
C SER A 678 -16.98 -39.71 -44.79
N GLY A 679 -17.78 -38.74 -44.36
CA GLY A 679 -19.23 -38.77 -44.59
C GLY A 679 -19.87 -37.40 -44.49
N THR A 680 -21.11 -37.29 -44.96
CA THR A 680 -21.89 -36.06 -44.87
C THR A 680 -23.32 -36.36 -44.48
N ASP A 681 -23.82 -35.66 -43.46
CA ASP A 681 -25.19 -35.82 -42.99
C ASP A 681 -25.80 -34.44 -42.75
N ALA A 682 -27.01 -34.41 -42.19
CA ALA A 682 -27.73 -33.16 -41.95
C ALA A 682 -26.93 -32.13 -41.16
N GLY A 683 -26.15 -32.61 -40.19
CA GLY A 683 -25.29 -31.73 -39.39
C GLY A 683 -24.18 -31.06 -40.17
N GLY A 684 -23.74 -31.69 -41.26
CA GLY A 684 -22.70 -31.15 -42.13
C GLY A 684 -21.72 -32.21 -42.59
N LYS A 685 -20.68 -31.78 -43.29
CA LYS A 685 -19.62 -32.68 -43.72
C LYS A 685 -18.79 -33.05 -42.49
N TYR A 686 -18.45 -34.33 -42.36
CA TYR A 686 -17.74 -34.81 -41.17
C TYR A 686 -16.69 -35.87 -41.45
N VAL A 687 -15.88 -36.11 -40.44
CA VAL A 687 -14.92 -37.19 -40.44
C VAL A 687 -15.09 -37.94 -39.12
N SER A 688 -14.93 -39.26 -39.12
CA SER A 688 -15.00 -40.02 -37.87
C SER A 688 -13.92 -41.09 -37.79
N PHE A 689 -13.55 -41.41 -36.55
CA PHE A 689 -12.49 -42.35 -36.28
C PHE A 689 -12.56 -42.76 -34.80
N THR A 690 -11.70 -43.70 -34.41
CA THR A 690 -11.61 -44.10 -33.02
C THR A 690 -10.25 -43.71 -32.46
N VAL A 691 -10.27 -43.00 -31.33
CA VAL A 691 -9.06 -42.65 -30.60
C VAL A 691 -8.64 -43.84 -29.75
N PRO A 692 -7.50 -44.48 -30.07
CA PRO A 692 -7.15 -45.68 -29.30
C PRO A 692 -7.01 -45.45 -27.79
N GLU A 693 -6.41 -44.32 -27.40
CA GLU A 693 -6.17 -44.03 -25.98
C GLU A 693 -6.17 -42.53 -25.71
N LEU A 694 -6.79 -42.13 -24.61
CA LEU A 694 -6.65 -40.76 -24.08
C LEU A 694 -6.32 -40.82 -22.60
N LYS A 695 -5.15 -40.29 -22.24
CA LYS A 695 -4.75 -40.23 -20.84
C LYS A 695 -4.87 -38.78 -20.35
N TYR A 696 -3.95 -37.91 -20.78
CA TYR A 696 -3.97 -36.47 -20.41
C TYR A 696 -4.28 -35.57 -21.62
N TRP A 697 -3.52 -35.77 -22.69
CA TRP A 697 -3.54 -34.85 -23.83
C TRP A 697 -3.23 -35.53 -25.17
N ASN A 698 -4.19 -35.43 -26.09
CA ASN A 698 -3.99 -35.90 -27.46
C ASN A 698 -4.12 -34.71 -28.41
N MET A 699 -3.21 -34.64 -29.37
CA MET A 699 -3.34 -33.71 -30.48
C MET A 699 -3.65 -34.50 -31.73
N ILE A 700 -4.88 -34.36 -32.20
CA ILE A 700 -5.29 -34.90 -33.48
C ILE A 700 -4.99 -33.85 -34.55
N TYR A 701 -4.26 -34.22 -35.59
CA TYR A 701 -4.10 -33.32 -36.72
C TYR A 701 -4.42 -33.99 -38.03
N MET A 702 -5.26 -33.33 -38.82
CA MET A 702 -5.84 -33.92 -40.01
C MET A 702 -5.37 -33.12 -41.23
N LEU A 703 -4.70 -33.82 -42.14
CA LEU A 703 -4.13 -33.22 -43.33
C LEU A 703 -5.23 -32.88 -44.32
N GLU A 704 -5.17 -31.67 -44.87
CA GLU A 704 -6.11 -31.21 -45.90
C GLU A 704 -5.58 -31.65 -47.27
N HIS A 705 -6.46 -32.15 -48.12
CA HIS A 705 -6.10 -32.53 -49.49
C HIS A 705 -5.95 -31.28 -50.36
N GLY B 6 -3.58 46.06 33.04
CA GLY B 6 -3.26 44.62 33.33
C GLY B 6 -3.84 44.12 34.64
N GLY B 7 -4.90 44.75 35.11
CA GLY B 7 -5.58 44.35 36.33
C GLY B 7 -6.66 43.32 36.05
N ILE B 8 -7.35 43.46 34.92
CA ILE B 8 -8.37 42.50 34.52
C ILE B 8 -7.67 41.30 33.87
N GLU B 9 -7.49 40.25 34.65
CA GLU B 9 -6.76 39.06 34.21
C GLU B 9 -7.59 38.16 33.30
N ARG B 10 -8.83 37.92 33.69
CA ARG B 10 -9.72 37.06 32.93
C ARG B 10 -11.14 37.58 33.00
N VAL B 11 -11.83 37.53 31.87
CA VAL B 11 -13.28 37.68 31.85
C VAL B 11 -13.80 36.44 31.14
N PHE B 12 -14.81 35.81 31.70
CA PHE B 12 -15.36 34.58 31.13
C PHE B 12 -16.72 34.27 31.73
N THR B 13 -17.38 33.25 31.18
CA THR B 13 -18.66 32.80 31.68
C THR B 13 -18.59 31.33 32.12
N ASP B 14 -19.61 30.91 32.86
CA ASP B 14 -19.65 29.58 33.44
C ASP B 14 -19.88 28.44 32.41
N LYS B 15 -20.53 28.77 31.29
CA LYS B 15 -20.83 27.78 30.25
C LYS B 15 -20.42 28.29 28.87
N ALA B 16 -20.35 27.36 27.92
CA ALA B 16 -19.87 27.66 26.57
C ALA B 16 -20.95 28.16 25.65
N ARG B 17 -22.20 27.86 26.02
CA ARG B 17 -23.37 28.12 25.18
C ARG B 17 -24.57 28.17 26.12
N TYR B 18 -25.56 29.01 25.80
CA TYR B 18 -26.74 29.19 26.67
C TYR B 18 -28.02 29.11 25.85
N ASN B 19 -29.07 28.60 26.49
CA ASN B 19 -30.38 28.62 25.89
C ASN B 19 -31.04 29.96 26.22
N PRO B 20 -31.90 30.47 25.32
CA PRO B 20 -32.67 31.66 25.65
C PRO B 20 -33.32 31.53 27.02
N GLY B 21 -33.21 32.58 27.84
CA GLY B 21 -33.76 32.57 29.18
C GLY B 21 -32.83 32.06 30.27
N ASP B 22 -31.71 31.43 29.90
CA ASP B 22 -30.78 30.92 30.93
C ASP B 22 -30.09 32.07 31.67
N ALA B 23 -29.72 31.79 32.91
CA ALA B 23 -28.92 32.69 33.72
C ALA B 23 -27.45 32.57 33.32
N VAL B 24 -26.84 33.68 32.94
CA VAL B 24 -25.44 33.72 32.55
C VAL B 24 -24.63 34.36 33.67
N SER B 25 -23.66 33.62 34.22
CA SER B 25 -22.74 34.19 35.21
C SER B 25 -21.45 34.63 34.54
N ILE B 26 -21.23 35.95 34.53
CA ILE B 26 -20.06 36.55 33.94
C ILE B 26 -19.07 36.82 35.04
N ARG B 27 -17.90 36.17 34.97
CA ARG B 27 -16.88 36.27 36.01
C ARG B 27 -15.77 37.22 35.58
N VAL B 28 -15.29 38.01 36.54
CA VAL B 28 -14.24 38.99 36.30
C VAL B 28 -13.15 38.77 37.34
N GLN B 29 -12.00 38.28 36.90
CA GLN B 29 -10.88 38.04 37.79
C GLN B 29 -9.97 39.27 37.70
N ALA B 30 -9.82 39.95 38.83
CA ALA B 30 -9.10 41.21 38.87
C ALA B 30 -8.00 41.14 39.92
N LYS B 31 -6.86 41.76 39.62
CA LYS B 31 -5.73 41.81 40.52
C LYS B 31 -5.15 43.21 40.51
N ASN B 32 -4.97 43.79 41.70
CA ASN B 32 -4.39 45.13 41.81
C ASN B 32 -2.86 45.08 41.68
N GLY B 33 -2.35 45.54 40.55
CA GLY B 33 -0.91 45.67 40.34
C GLY B 33 -0.53 47.09 39.97
N THR B 34 -1.10 48.06 40.69
CA THR B 34 -0.86 49.48 40.44
C THR B 34 0.21 50.08 41.37
N GLY B 35 0.57 49.34 42.43
CA GLY B 35 1.56 49.82 43.40
C GLY B 35 0.97 50.34 44.71
N SER B 36 -0.27 50.82 44.67
CA SER B 36 -0.98 51.28 45.86
C SER B 36 -2.45 50.84 45.84
N SER B 37 -3.19 51.16 46.90
CA SER B 37 -4.60 50.79 47.00
C SER B 37 -5.39 51.36 45.82
N TRP B 38 -6.42 50.62 45.39
CA TRP B 38 -7.26 51.03 44.27
C TRP B 38 -8.73 50.88 44.63
N SER B 39 -9.53 51.89 44.26
CA SER B 39 -10.98 51.84 44.44
C SER B 39 -11.68 52.45 43.25
N GLY B 40 -12.81 51.87 42.88
CA GLY B 40 -13.56 52.33 41.72
C GLY B 40 -14.69 51.37 41.41
N ALA B 41 -15.07 51.33 40.14
CA ALA B 41 -16.19 50.51 39.71
C ALA B 41 -15.74 49.57 38.59
N ALA B 42 -16.36 48.40 38.55
CA ALA B 42 -16.25 47.51 37.40
C ALA B 42 -17.55 47.63 36.63
N ARG B 43 -17.45 48.12 35.41
CA ARG B 43 -18.62 48.39 34.57
C ARG B 43 -18.73 47.32 33.49
N LEU B 44 -19.84 46.60 33.51
CA LEU B 44 -20.19 45.61 32.47
C LEU B 44 -21.10 46.24 31.41
N GLU B 45 -20.75 46.06 30.15
CA GLU B 45 -21.65 46.39 29.05
C GLU B 45 -21.66 45.25 28.03
N ILE B 46 -22.86 44.86 27.62
CA ILE B 46 -23.04 43.78 26.66
C ILE B 46 -23.67 44.35 25.41
N PHE B 47 -23.14 43.97 24.25
CA PHE B 47 -23.60 44.45 22.96
C PHE B 47 -24.06 43.30 22.11
N HIS B 48 -25.09 43.54 21.30
CA HIS B 48 -25.41 42.70 20.18
C HIS B 48 -25.12 43.47 18.89
N LEU B 49 -24.01 43.10 18.24
CA LEU B 49 -23.51 43.81 17.07
C LEU B 49 -23.34 45.28 17.47
N GLU B 50 -23.94 46.23 16.75
CA GLU B 50 -23.73 47.65 17.05
C GLU B 50 -24.48 48.15 18.30
N ASN B 51 -25.46 47.39 18.76
CA ASN B 51 -26.37 47.86 19.82
C ASN B 51 -26.01 47.39 21.23
N SER B 52 -25.97 48.34 22.16
CA SER B 52 -25.81 48.05 23.58
C SER B 52 -27.13 47.50 24.10
N VAL B 53 -27.08 46.36 24.80
CA VAL B 53 -28.29 45.72 25.31
C VAL B 53 -28.31 45.56 26.84
N TYR B 54 -27.18 45.76 27.49
CA TYR B 54 -27.13 45.63 28.94
C TYR B 54 -25.94 46.39 29.52
N THR B 55 -26.15 47.06 30.66
CA THR B 55 -25.05 47.67 31.40
C THR B 55 -25.30 47.46 32.88
N SER B 56 -24.25 47.17 33.62
CA SER B 56 -24.34 47.01 35.08
C SER B 56 -23.00 47.38 35.69
N SER B 57 -23.01 47.75 36.96
CA SER B 57 -21.78 48.11 37.67
C SER B 57 -21.76 47.56 39.09
N GLN B 58 -20.56 47.35 39.63
CA GLN B 58 -20.40 47.08 41.06
C GLN B 58 -19.07 47.59 41.58
N SER B 59 -19.03 47.85 42.89
CA SER B 59 -17.86 48.43 43.53
C SER B 59 -16.72 47.44 43.60
N LEU B 60 -15.51 47.98 43.51
CA LEU B 60 -14.30 47.17 43.58
C LEU B 60 -13.22 47.97 44.31
N SER B 61 -12.85 47.50 45.49
CA SER B 61 -11.73 48.07 46.22
C SER B 61 -10.73 46.96 46.51
N LEU B 62 -9.46 47.22 46.18
CA LEU B 62 -8.40 46.24 46.36
C LEU B 62 -7.13 46.91 46.89
N THR B 63 -6.55 46.32 47.93
CA THR B 63 -5.22 46.72 48.41
C THR B 63 -4.19 46.34 47.34
N ASN B 64 -2.99 46.89 47.43
CA ASN B 64 -1.95 46.58 46.45
C ASN B 64 -1.60 45.09 46.47
N GLY B 65 -1.60 44.47 45.27
CA GLY B 65 -1.35 43.03 45.14
C GLY B 65 -2.55 42.14 45.42
N GLN B 66 -3.69 42.73 45.74
CA GLN B 66 -4.88 41.96 46.06
C GLN B 66 -5.66 41.62 44.80
N SER B 67 -6.29 40.45 44.81
CA SER B 67 -7.12 40.03 43.70
C SER B 67 -8.50 39.59 44.19
N THR B 68 -9.47 39.61 43.29
CA THR B 68 -10.80 39.10 43.59
C THR B 68 -11.47 38.68 42.30
N THR B 69 -12.55 37.91 42.43
CA THR B 69 -13.38 37.55 41.28
C THR B 69 -14.81 38.04 41.48
N LEU B 70 -15.23 38.96 40.62
CA LEU B 70 -16.59 39.47 40.64
C LEU B 70 -17.46 38.59 39.76
N THR B 71 -18.76 38.60 40.06
CA THR B 71 -19.76 37.91 39.25
C THR B 71 -20.87 38.89 38.90
N PHE B 72 -21.19 38.97 37.62
CA PHE B 72 -22.37 39.65 37.14
C PHE B 72 -23.32 38.60 36.57
N THR B 73 -24.60 38.70 36.90
CA THR B 73 -25.61 37.80 36.37
C THR B 73 -26.44 38.50 35.30
N TRP B 74 -26.69 37.78 34.22
CA TRP B 74 -27.42 38.31 33.08
C TRP B 74 -28.36 37.23 32.56
N THR B 75 -29.59 37.61 32.24
CA THR B 75 -30.53 36.66 31.66
C THR B 75 -30.36 36.69 30.14
N ALA B 76 -30.11 35.52 29.55
CA ALA B 76 -29.98 35.39 28.10
C ALA B 76 -31.27 35.83 27.42
N PRO B 77 -31.20 36.78 26.48
CA PRO B 77 -32.45 37.21 25.85
C PRO B 77 -33.18 36.12 25.08
N SER B 78 -34.46 36.36 24.79
CA SER B 78 -35.34 35.34 24.23
C SER B 78 -35.02 34.96 22.79
N THR B 79 -34.38 35.83 22.01
CA THR B 79 -34.16 35.53 20.59
C THR B 79 -33.04 34.51 20.43
N ASP B 80 -33.38 33.34 19.90
CA ASP B 80 -32.44 32.23 19.78
C ASP B 80 -31.38 32.50 18.72
N PHE B 81 -30.20 31.92 18.90
CA PHE B 81 -29.11 31.98 17.90
C PHE B 81 -28.61 33.41 17.74
N ARG B 82 -28.11 33.96 18.84
CA ARG B 82 -27.52 35.28 18.83
C ARG B 82 -26.24 35.34 19.64
N GLY B 83 -25.26 36.02 19.09
CA GLY B 83 -24.00 36.26 19.76
C GLY B 83 -23.91 37.67 20.31
N TYR B 84 -23.16 37.83 21.39
CA TYR B 84 -23.04 39.09 22.10
C TYR B 84 -21.58 39.35 22.44
N PHE B 85 -21.19 40.62 22.45
CA PHE B 85 -19.87 41.05 22.95
C PHE B 85 -19.97 41.56 24.38
N VAL B 86 -19.01 41.21 25.22
CA VAL B 86 -18.99 41.60 26.63
C VAL B 86 -17.75 42.45 26.93
N ARG B 87 -17.98 43.70 27.35
CA ARG B 87 -16.90 44.59 27.78
C ARG B 87 -16.92 44.73 29.30
N ILE B 88 -15.74 44.63 29.91
CA ILE B 88 -15.56 45.00 31.30
C ILE B 88 -14.61 46.19 31.34
N ASP B 89 -15.07 47.31 31.90
CA ASP B 89 -14.19 48.46 32.11
C ASP B 89 -14.02 48.69 33.61
N ALA B 90 -12.77 48.69 34.06
CA ALA B 90 -12.45 48.97 35.45
C ALA B 90 -11.51 50.19 35.56
N GLY B 91 -11.70 51.15 34.67
CA GLY B 91 -10.97 52.42 34.68
C GLY B 91 -9.46 52.26 34.61
N THR B 92 -8.76 52.82 35.59
CA THR B 92 -7.29 52.78 35.64
C THR B 92 -6.76 51.39 35.98
N LEU B 93 -7.61 50.53 36.55
CA LEU B 93 -7.24 49.14 36.81
C LEU B 93 -7.15 48.32 35.52
N GLY B 94 -7.88 48.73 34.49
CA GLY B 94 -7.80 48.09 33.17
C GLY B 94 -9.16 47.73 32.59
N GLN B 95 -9.14 47.01 31.47
CA GLN B 95 -10.36 46.52 30.84
C GLN B 95 -10.18 45.07 30.39
N GLY B 96 -11.29 44.43 30.06
CA GLY B 96 -11.26 43.05 29.55
C GLY B 96 -12.50 42.78 28.75
N ALA B 97 -12.61 41.57 28.19
CA ALA B 97 -13.72 41.24 27.33
C ALA B 97 -13.97 39.75 27.32
N THR B 98 -15.19 39.38 26.94
CA THR B 98 -15.51 38.02 26.55
C THR B 98 -16.68 38.05 25.57
N ALA B 99 -17.34 36.92 25.38
CA ALA B 99 -18.46 36.84 24.44
C ALA B 99 -19.43 35.80 24.95
N ILE B 100 -20.66 35.86 24.46
CA ILE B 100 -21.73 34.97 24.89
C ILE B 100 -22.51 34.50 23.68
N ASP B 101 -22.83 33.20 23.66
CA ASP B 101 -23.54 32.58 22.57
C ASP B 101 -24.85 32.05 23.13
N VAL B 102 -25.96 32.67 22.74
CA VAL B 102 -27.28 32.17 23.08
C VAL B 102 -27.78 31.37 21.88
N SER B 103 -27.64 30.05 21.98
CA SER B 103 -28.04 29.12 20.93
C SER B 103 -28.55 27.85 21.58
N SER B 104 -29.70 27.37 21.13
CA SER B 104 -30.31 26.20 21.74
C SER B 104 -29.71 24.92 21.17
N ASP B 105 -28.89 25.04 20.13
CA ASP B 105 -28.38 23.91 19.35
C ASP B 105 -26.98 24.28 18.86
N PHE B 106 -25.94 23.61 19.36
CA PHE B 106 -24.56 23.95 18.99
C PHE B 106 -24.26 23.84 17.49
N THR B 107 -25.04 23.03 16.76
CA THR B 107 -24.69 22.75 15.36
C THR B 107 -24.87 23.94 14.44
N LYS B 108 -25.59 24.96 14.87
CA LYS B 108 -25.68 26.19 14.10
C LYS B 108 -24.37 27.00 14.17
N TYR B 109 -23.76 27.03 15.36
CA TYR B 109 -22.51 27.77 15.56
C TYR B 109 -21.54 26.88 16.32
N PRO B 110 -21.03 25.85 15.64
CA PRO B 110 -20.09 24.98 16.32
C PRO B 110 -18.74 25.66 16.56
N ARG B 111 -18.17 25.40 17.72
CA ARG B 111 -16.81 25.79 18.03
C ARG B 111 -16.20 24.51 18.58
N TYR B 112 -15.53 23.80 17.68
CA TYR B 112 -15.19 22.38 17.85
C TYR B 112 -13.77 22.24 18.38
N GLY B 113 -13.63 21.56 19.50
CA GLY B 113 -12.33 21.20 20.05
C GLY B 113 -12.21 19.68 20.12
N TYR B 114 -11.20 19.17 20.83
CA TYR B 114 -11.00 17.71 20.95
C TYR B 114 -10.52 17.29 22.31
N ILE B 115 -10.74 16.01 22.62
CA ILE B 115 -10.12 15.33 23.75
C ILE B 115 -9.51 14.04 23.20
N SER B 116 -8.24 13.79 23.49
CA SER B 116 -7.55 12.61 22.93
C SER B 116 -6.73 11.82 23.92
N GLU B 117 -6.79 12.22 25.19
CA GLU B 117 -6.04 11.56 26.24
C GLU B 117 -6.98 11.23 27.39
N PHE B 118 -6.84 10.02 27.93
CA PHE B 118 -7.82 9.43 28.84
C PHE B 118 -7.11 8.71 29.99
N GLU B 119 -6.12 9.35 30.57
CA GLU B 119 -5.24 8.67 31.55
C GLU B 119 -5.99 8.32 32.83
N SER B 120 -5.74 7.11 33.35
CA SER B 120 -6.38 6.68 34.59
C SER B 120 -5.97 7.53 35.80
N GLY B 121 -4.77 8.09 35.75
CA GLY B 121 -4.30 9.00 36.80
C GLY B 121 -4.99 10.35 36.84
N GLU B 122 -5.73 10.70 35.79
CA GLU B 122 -6.43 11.99 35.74
C GLU B 122 -7.62 12.00 36.69
N THR B 123 -7.65 12.95 37.62
CA THR B 123 -8.76 13.06 38.57
C THR B 123 -9.97 13.76 37.94
N ALA B 124 -11.13 13.58 38.53
CA ALA B 124 -12.34 14.27 38.09
C ALA B 124 -12.11 15.78 38.05
N LEU B 125 -11.43 16.29 39.08
CA LEU B 125 -11.14 17.72 39.13
C LEU B 125 -10.26 18.15 37.97
N GLU B 126 -9.25 17.35 37.66
CA GLU B 126 -8.35 17.64 36.55
C GLU B 126 -9.05 17.58 35.20
N SER B 127 -9.95 16.60 35.03
CA SER B 127 -10.77 16.52 33.80
C SER B 127 -11.64 17.78 33.66
N LYS B 128 -12.28 18.18 34.76
CA LYS B 128 -13.12 19.36 34.76
C LYS B 128 -12.32 20.63 34.41
N ALA B 129 -11.13 20.74 34.97
CA ALA B 129 -10.28 21.91 34.71
C ALA B 129 -9.91 22.06 33.24
N LYS B 130 -9.57 20.96 32.58
CA LYS B 130 -9.19 21.07 31.18
C LYS B 130 -10.36 21.41 30.28
N VAL B 131 -11.54 20.84 30.58
CA VAL B 131 -12.73 21.19 29.83
C VAL B 131 -13.12 22.65 30.10
N ASP B 132 -13.13 23.05 31.36
CA ASP B 132 -13.49 24.41 31.73
C ASP B 132 -12.60 25.45 31.06
N GLN B 133 -11.30 25.19 31.02
CA GLN B 133 -10.39 26.14 30.39
C GLN B 133 -10.73 26.38 28.92
N LEU B 134 -11.03 25.32 28.18
CA LEU B 134 -11.40 25.48 26.76
C LEU B 134 -12.76 26.19 26.60
N ALA B 135 -13.71 25.84 27.46
CA ALA B 135 -15.03 26.44 27.44
C ALA B 135 -14.92 27.93 27.78
N GLN B 136 -14.13 28.25 28.79
CA GLN B 136 -14.03 29.62 29.30
C GLN B 136 -13.24 30.55 28.39
N ASP B 137 -12.10 30.06 27.89
CA ASP B 137 -11.17 30.87 27.11
C ASP B 137 -11.56 30.96 25.64
N TYR B 138 -12.23 29.94 25.12
CA TYR B 138 -12.58 29.93 23.71
C TYR B 138 -14.06 29.64 23.40
N HIS B 139 -14.86 29.38 24.42
CA HIS B 139 -16.29 29.08 24.20
C HIS B 139 -16.48 27.80 23.36
N ILE B 140 -15.52 26.88 23.46
CA ILE B 140 -15.67 25.58 22.80
C ILE B 140 -16.98 24.95 23.29
N ASN B 141 -17.83 24.56 22.35
CA ASN B 141 -19.15 24.00 22.69
C ASN B 141 -19.32 22.52 22.30
N ALA B 142 -18.30 21.94 21.68
CA ALA B 142 -18.33 20.52 21.33
C ALA B 142 -16.91 20.01 21.24
N TRP B 143 -16.71 18.78 21.67
CA TRP B 143 -15.40 18.14 21.66
C TRP B 143 -15.48 16.81 20.90
N GLN B 144 -14.57 16.64 19.94
CA GLN B 144 -14.36 15.35 19.28
C GLN B 144 -13.49 14.51 20.21
N PHE B 145 -14.01 13.36 20.65
CA PHE B 145 -13.25 12.44 21.49
C PHE B 145 -12.53 11.49 20.55
N TYR B 146 -11.21 11.62 20.52
CA TYR B 146 -10.36 10.99 19.52
C TYR B 146 -9.65 9.78 20.11
N ASP B 147 -9.78 8.63 19.47
CA ASP B 147 -9.13 7.38 19.92
C ASP B 147 -9.46 6.99 21.36
N TRP B 148 -10.73 7.16 21.70
CA TRP B 148 -11.31 6.76 22.99
C TRP B 148 -11.67 5.26 23.01
N MET B 149 -11.92 4.72 21.83
CA MET B 149 -12.55 3.40 21.69
C MET B 149 -11.56 2.27 21.86
N TRP B 150 -12.06 1.08 22.19
CA TRP B 150 -11.18 -0.09 22.33
C TRP B 150 -10.72 -0.58 20.95
N ARG B 151 -11.67 -1.04 20.13
CA ARG B 151 -11.42 -1.36 18.73
C ARG B 151 -12.37 -0.54 17.86
N HIS B 152 -11.96 -0.28 16.61
CA HIS B 152 -12.78 0.43 15.66
C HIS B 152 -14.12 -0.27 15.37
N ASP B 153 -14.16 -1.59 15.58
CA ASP B 153 -15.38 -2.44 15.38
C ASP B 153 -15.99 -2.98 16.69
N LYS B 154 -15.46 -2.53 17.82
CA LYS B 154 -15.88 -3.04 19.13
C LYS B 154 -15.47 -1.99 20.14
N MET B 155 -16.33 -0.99 20.26
CA MET B 155 -15.90 0.31 20.77
C MET B 155 -15.77 0.33 22.29
N ILE B 156 -16.68 -0.34 22.97
CA ILE B 156 -16.62 -0.48 24.41
C ILE B 156 -16.22 -1.91 24.75
N LYS B 157 -15.10 -2.05 25.47
CA LYS B 157 -14.59 -3.39 25.80
C LYS B 157 -15.33 -3.94 27.01
N ARG B 158 -15.90 -5.12 26.86
CA ARG B 158 -16.69 -5.73 27.92
C ARG B 158 -16.14 -7.12 28.26
N THR B 159 -16.34 -7.50 29.51
CA THR B 159 -16.11 -8.84 30.00
C THR B 159 -17.48 -9.36 30.38
N GLY B 160 -18.05 -10.23 29.56
CA GLY B 160 -19.44 -10.65 29.76
C GLY B 160 -20.32 -9.43 29.55
N GLY B 161 -21.04 -9.03 30.59
CA GLY B 161 -21.88 -7.84 30.53
C GLY B 161 -21.27 -6.60 31.18
N SER B 162 -20.08 -6.74 31.72
CA SER B 162 -19.42 -5.70 32.51
C SER B 162 -18.46 -4.87 31.66
N ILE B 163 -18.57 -3.55 31.76
CA ILE B 163 -17.65 -2.64 31.05
C ILE B 163 -16.29 -2.66 31.74
N ASP B 164 -15.23 -2.90 30.98
CA ASP B 164 -13.88 -2.95 31.55
C ASP B 164 -13.48 -1.54 31.99
N SER B 165 -12.79 -1.47 33.12
CA SER B 165 -12.42 -0.20 33.72
C SER B 165 -11.32 0.48 32.91
N THR B 166 -10.48 -0.32 32.25
CA THR B 166 -9.51 0.22 31.30
C THR B 166 -9.40 -0.69 30.10
N TRP B 167 -8.89 -0.14 29.01
CA TRP B 167 -8.53 -0.94 27.85
C TRP B 167 -7.36 -0.32 27.09
N LEU B 168 -6.66 -1.15 26.33
CA LEU B 168 -5.53 -0.68 25.54
C LEU B 168 -5.98 -0.38 24.11
N ASP B 169 -5.69 0.82 23.60
CA ASP B 169 -6.09 1.20 22.26
C ASP B 169 -5.10 0.60 21.24
N LEU B 170 -5.24 0.94 19.96
CA LEU B 170 -4.45 0.29 18.91
C LEU B 170 -2.96 0.62 19.01
N PHE B 171 -2.61 1.68 19.74
CA PHE B 171 -1.21 2.04 19.95
C PHE B 171 -0.79 1.76 21.40
N ASN B 172 -1.51 0.86 22.06
CA ASN B 172 -1.15 0.35 23.38
C ASN B 172 -1.20 1.45 24.45
N ARG B 173 -2.05 2.46 24.23
CA ARG B 173 -2.34 3.46 25.25
C ARG B 173 -3.45 2.94 26.15
N GLU B 174 -3.30 3.17 27.46
CA GLU B 174 -4.31 2.74 28.41
C GLU B 174 -5.40 3.81 28.56
N ILE B 175 -6.60 3.45 28.10
CA ILE B 175 -7.76 4.31 28.15
C ILE B 175 -8.54 3.95 29.42
N SER B 176 -8.89 4.96 30.21
CA SER B 176 -9.63 4.77 31.44
C SER B 176 -11.09 5.15 31.26
N TRP B 177 -11.97 4.19 31.54
CA TRP B 177 -13.41 4.44 31.47
C TRP B 177 -13.81 5.57 32.40
N SER B 178 -13.30 5.55 33.62
CA SER B 178 -13.70 6.55 34.62
C SER B 178 -13.26 7.94 34.15
N THR B 179 -12.05 8.04 33.61
CA THR B 179 -11.59 9.33 33.08
C THR B 179 -12.48 9.82 31.93
N LEU B 180 -12.74 8.94 30.96
CA LEU B 180 -13.62 9.28 29.83
C LEU B 180 -14.97 9.80 30.32
N GLN B 181 -15.57 9.07 31.26
CA GLN B 181 -16.85 9.48 31.84
C GLN B 181 -16.79 10.82 32.57
N ASN B 182 -15.71 11.08 33.30
CA ASN B 182 -15.54 12.37 33.98
C ASN B 182 -15.42 13.51 32.98
N GLN B 183 -14.74 13.26 31.87
CA GLN B 183 -14.56 14.28 30.85
C GLN B 183 -15.90 14.58 30.18
N ILE B 184 -16.67 13.55 29.86
CA ILE B 184 -17.98 13.72 29.24
C ILE B 184 -18.90 14.50 30.18
N ASP B 185 -18.88 14.17 31.47
CA ASP B 185 -19.66 14.94 32.47
C ASP B 185 -19.26 16.42 32.46
N ALA B 186 -17.96 16.68 32.45
CA ALA B 186 -17.45 18.05 32.48
C ALA B 186 -17.88 18.83 31.25
N VAL B 187 -17.84 18.17 30.09
CA VAL B 187 -18.36 18.73 28.85
C VAL B 187 -19.82 19.10 29.02
N HIS B 188 -20.62 18.19 29.55
CA HIS B 188 -22.04 18.46 29.74
C HIS B 188 -22.27 19.63 30.72
N ASP B 189 -21.42 19.74 31.72
CA ASP B 189 -21.55 20.80 32.74
C ASP B 189 -21.36 22.22 32.20
N VAL B 190 -20.67 22.36 31.07
CA VAL B 190 -20.51 23.66 30.40
C VAL B 190 -21.47 23.80 29.22
N ASN B 191 -22.51 22.96 29.18
CA ASN B 191 -23.47 22.86 28.06
C ASN B 191 -22.79 22.49 26.75
N GLY B 192 -21.70 21.74 26.86
CA GLY B 192 -21.02 21.21 25.67
C GLY B 192 -21.62 19.88 25.22
N LYS B 193 -21.28 19.50 23.99
CA LYS B 193 -21.62 18.17 23.48
C LYS B 193 -20.37 17.36 23.17
N ALA B 194 -20.46 16.05 23.39
CA ALA B 194 -19.35 15.13 23.21
C ALA B 194 -19.61 14.29 21.97
N MET B 195 -18.73 14.42 20.99
CA MET B 195 -18.84 13.69 19.72
C MET B 195 -17.84 12.55 19.72
N ALA B 196 -18.32 11.32 19.57
CA ALA B 196 -17.45 10.16 19.55
C ALA B 196 -16.84 9.94 18.15
N TYR B 197 -15.52 9.96 18.07
CA TYR B 197 -14.82 9.53 16.86
C TYR B 197 -15.20 8.08 16.55
N ALA B 198 -15.65 7.82 15.34
CA ALA B 198 -15.88 6.44 14.86
C ALA B 198 -15.73 6.38 13.35
N MET B 199 -15.05 5.34 12.86
CA MET B 199 -14.91 5.19 11.41
C MET B 199 -16.23 4.77 10.78
N ILE B 200 -16.41 5.19 9.54
CA ILE B 200 -17.54 4.79 8.71
C ILE B 200 -17.48 3.32 8.26
N TYR B 201 -16.26 2.78 8.15
CA TYR B 201 -16.07 1.50 7.45
C TYR B 201 -14.87 0.66 7.89
N ALA B 202 -14.43 0.83 9.14
CA ALA B 202 -13.23 0.14 9.64
C ALA B 202 -13.51 -0.92 10.71
N SER B 203 -12.95 -2.11 10.51
CA SER B 203 -12.73 -3.07 11.58
C SER B 203 -11.25 -3.07 11.90
N ARG B 204 -10.89 -3.75 12.97
CA ARG B 204 -9.51 -4.08 13.26
C ARG B 204 -9.21 -5.48 12.71
N GLU B 205 -7.98 -5.94 12.89
CA GLU B 205 -7.58 -7.30 12.47
C GLU B 205 -8.33 -8.39 13.25
N ASN B 206 -8.36 -9.61 12.72
CA ASN B 206 -8.99 -10.73 13.43
C ASN B 206 -10.46 -10.42 13.73
N TYR B 207 -11.21 -10.01 12.72
CA TYR B 207 -12.58 -9.58 12.90
C TYR B 207 -13.60 -10.70 12.77
N SER B 208 -13.21 -11.81 12.17
CA SER B 208 -14.12 -12.94 11.97
C SER B 208 -14.72 -13.46 13.29
N PRO B 209 -13.91 -13.56 14.35
CA PRO B 209 -14.48 -14.00 15.62
C PRO B 209 -15.49 -13.05 16.27
N LEU B 210 -15.60 -11.82 15.75
CA LEU B 210 -16.63 -10.86 16.18
C LEU B 210 -17.90 -10.99 15.34
N GLY B 211 -17.91 -11.93 14.40
CA GLY B 211 -19.10 -12.19 13.58
C GLY B 211 -19.21 -11.29 12.38
N ILE B 212 -18.10 -10.61 12.07
CA ILE B 212 -18.01 -9.70 10.95
C ILE B 212 -17.52 -10.53 9.77
N SER B 213 -18.23 -10.43 8.65
CA SER B 213 -17.95 -11.25 7.48
C SER B 213 -17.08 -10.51 6.46
N PRO B 214 -16.04 -11.20 5.91
CA PRO B 214 -15.30 -10.64 4.77
C PRO B 214 -16.19 -10.27 3.59
N THR B 215 -17.34 -10.92 3.47
CA THR B 215 -18.26 -10.63 2.37
C THR B 215 -18.86 -9.22 2.41
N TRP B 216 -18.72 -8.54 3.55
CA TRP B 216 -19.20 -7.15 3.67
C TRP B 216 -18.13 -6.13 3.30
N GLY B 217 -16.92 -6.60 2.99
CA GLY B 217 -15.75 -5.73 2.84
C GLY B 217 -15.62 -5.10 1.46
N ILE B 218 -14.64 -4.21 1.33
CA ILE B 218 -14.26 -3.69 0.01
C ILE B 218 -12.85 -4.15 -0.31
N TYR B 219 -12.62 -4.37 -1.60
CA TYR B 219 -11.41 -5.05 -2.07
C TYR B 219 -10.72 -4.29 -3.20
N GLU B 220 -9.40 -4.44 -3.25
CA GLU B 220 -8.55 -3.78 -4.24
C GLU B 220 -8.57 -4.48 -5.60
N ASP B 221 -9.18 -5.65 -5.66
CA ASP B 221 -9.22 -6.45 -6.90
C ASP B 221 -10.60 -7.05 -7.06
N SER B 222 -10.86 -7.67 -8.21
CA SER B 222 -12.17 -8.25 -8.51
C SER B 222 -12.30 -9.70 -8.03
N SER B 223 -11.31 -10.23 -7.34
CA SER B 223 -11.32 -11.66 -6.94
C SER B 223 -11.29 -11.81 -5.40
N HIS B 224 -11.77 -10.78 -4.70
CA HIS B 224 -11.66 -10.69 -3.23
C HIS B 224 -10.37 -11.26 -2.65
N THR B 225 -9.24 -10.91 -3.26
CA THR B 225 -7.95 -11.40 -2.82
C THR B 225 -7.38 -10.50 -1.72
N ASN B 226 -7.37 -9.19 -1.94
CA ASN B 226 -6.79 -8.27 -0.97
C ASN B 226 -7.80 -7.20 -0.57
N GLN B 227 -8.24 -7.28 0.68
CA GLN B 227 -9.18 -6.31 1.23
C GLN B 227 -8.45 -4.99 1.45
N PHE B 228 -9.11 -3.88 1.16
CA PHE B 228 -8.54 -2.58 1.48
C PHE B 228 -8.19 -2.55 2.96
N ASP B 229 -7.01 -2.03 3.29
CA ASP B 229 -6.60 -1.99 4.68
C ASP B 229 -5.94 -0.67 5.07
N VAL B 230 -5.58 -0.58 6.34
CA VAL B 230 -4.60 0.39 6.81
C VAL B 230 -3.61 -0.42 7.62
N ASP B 231 -2.34 -0.29 7.29
CA ASP B 231 -1.29 -1.12 7.84
C ASP B 231 -0.40 -0.27 8.72
N PHE B 232 -0.44 -0.49 10.03
CA PHE B 232 0.24 0.39 10.99
C PHE B 232 1.70 0.02 11.20
N GLY B 233 2.17 -1.00 10.51
CA GLY B 233 3.61 -1.23 10.37
C GLY B 233 4.24 -2.25 11.30
N ASP B 234 3.42 -2.92 12.12
CA ASP B 234 3.93 -3.93 13.04
C ASP B 234 3.64 -5.36 12.62
N GLY B 235 3.11 -5.54 11.42
CA GLY B 235 2.76 -6.86 10.92
C GLY B 235 1.59 -7.53 11.61
N SER B 236 0.83 -6.76 12.40
CA SER B 236 -0.22 -7.31 13.27
C SER B 236 -1.44 -6.39 13.44
N THR B 237 -1.22 -5.09 13.60
CA THR B 237 -2.30 -4.12 13.82
C THR B 237 -2.70 -3.52 12.49
N TYR B 238 -3.97 -3.68 12.12
CA TYR B 238 -4.51 -3.19 10.87
C TYR B 238 -5.92 -2.66 11.05
N LEU B 239 -6.34 -1.77 10.17
CA LEU B 239 -7.74 -1.57 9.87
C LEU B 239 -8.05 -2.32 8.59
N TYR B 240 -9.26 -2.88 8.52
CA TYR B 240 -9.79 -3.43 7.27
C TYR B 240 -11.06 -2.66 6.91
N MET B 241 -11.23 -2.40 5.63
CA MET B 241 -12.28 -1.52 5.14
C MET B 241 -13.49 -2.29 4.61
N PHE B 242 -14.67 -1.72 4.86
CA PHE B 242 -15.93 -2.32 4.51
C PHE B 242 -16.76 -1.40 3.63
N ASP B 243 -17.80 -1.96 3.02
CA ASP B 243 -18.66 -1.23 2.11
C ASP B 243 -19.72 -0.42 2.89
N PRO B 244 -19.64 0.92 2.86
CA PRO B 244 -20.62 1.72 3.60
C PRO B 244 -22.09 1.48 3.18
N GLN B 245 -22.33 1.04 1.96
CA GLN B 245 -23.70 0.77 1.52
C GLN B 245 -24.18 -0.63 1.88
N ASN B 246 -23.29 -1.48 2.37
CA ASN B 246 -23.65 -2.85 2.68
C ASN B 246 -24.58 -2.85 3.89
N PRO B 247 -25.75 -3.49 3.77
CA PRO B 247 -26.74 -3.44 4.84
C PRO B 247 -26.30 -4.17 6.10
N ASN B 248 -25.47 -5.19 5.97
CA ASN B 248 -24.97 -5.91 7.13
C ASN B 248 -23.89 -5.12 7.86
N TRP B 249 -23.03 -4.45 7.10
CA TRP B 249 -22.02 -3.60 7.71
C TRP B 249 -22.72 -2.43 8.42
N GLN B 250 -23.72 -1.82 7.79
CA GLN B 250 -24.50 -0.75 8.43
C GLN B 250 -25.12 -1.24 9.74
N ASN B 251 -25.79 -2.39 9.69
CA ASN B 251 -26.38 -2.95 10.90
C ASN B 251 -25.35 -3.08 12.01
N TYR B 252 -24.20 -3.69 11.69
CA TYR B 252 -23.16 -3.94 12.67
C TYR B 252 -22.61 -2.65 13.28
N ILE B 253 -22.14 -1.76 12.42
CA ILE B 253 -21.45 -0.57 12.90
C ILE B 253 -22.41 0.50 13.46
N HIS B 254 -23.61 0.63 12.90
CA HIS B 254 -24.60 1.52 13.50
C HIS B 254 -24.98 1.05 14.91
N ALA B 255 -25.02 -0.27 15.12
CA ALA B 255 -25.23 -0.80 16.46
C ALA B 255 -24.11 -0.36 17.42
N GLU B 256 -22.85 -0.40 16.96
CA GLU B 256 -21.74 0.16 17.74
C GLU B 256 -21.91 1.65 18.05
N TYR B 257 -22.36 2.44 17.08
CA TYR B 257 -22.59 3.86 17.29
C TYR B 257 -23.61 4.06 18.43
N ILE B 258 -24.72 3.34 18.35
CA ILE B 258 -25.79 3.46 19.34
C ILE B 258 -25.35 2.98 20.73
N ASP B 259 -24.61 1.87 20.78
CA ASP B 259 -23.96 1.42 22.02
C ASP B 259 -23.10 2.53 22.65
N SER B 260 -22.28 3.18 21.83
CA SER B 260 -21.45 4.28 22.31
C SER B 260 -22.29 5.43 22.89
N ILE B 261 -23.35 5.83 22.18
CA ILE B 261 -24.24 6.89 22.66
C ILE B 261 -24.85 6.51 24.00
N ASN B 262 -25.47 5.33 24.06
CA ASN B 262 -26.25 4.94 25.24
C ASN B 262 -25.42 4.54 26.45
N THR B 263 -24.29 3.87 26.19
CA THR B 263 -23.45 3.36 27.25
C THR B 263 -22.47 4.40 27.78
N ALA B 264 -21.84 5.15 26.87
CA ALA B 264 -20.84 6.17 27.26
C ALA B 264 -21.41 7.56 27.50
N GLY B 265 -22.61 7.83 26.99
CA GLY B 265 -23.22 9.14 27.16
C GLY B 265 -22.75 10.20 26.16
N PHE B 266 -22.24 9.78 25.01
CA PHE B 266 -21.93 10.71 23.92
C PHE B 266 -23.20 11.36 23.39
N ASP B 267 -23.04 12.50 22.72
CA ASP B 267 -24.16 13.27 22.17
C ASP B 267 -24.26 13.16 20.65
N GLY B 268 -23.36 12.40 20.07
CA GLY B 268 -23.31 12.26 18.63
C GLY B 268 -22.08 11.50 18.19
N ILE B 269 -21.96 11.32 16.88
CA ILE B 269 -20.85 10.58 16.29
C ILE B 269 -20.12 11.48 15.30
N HIS B 270 -18.81 11.57 15.49
CA HIS B 270 -17.93 12.19 14.53
C HIS B 270 -17.49 11.07 13.58
N VAL B 271 -18.12 10.97 12.41
CA VAL B 271 -17.84 9.85 11.51
C VAL B 271 -16.59 10.16 10.70
N ALA B 272 -15.67 9.21 10.70
CA ALA B 272 -14.36 9.39 10.15
C ALA B 272 -14.13 8.47 8.93
N GLN B 273 -13.11 8.79 8.16
CA GLN B 273 -12.70 7.96 7.01
C GLN B 273 -11.23 8.21 6.71
N MET B 274 -10.67 7.45 5.78
CA MET B 274 -9.26 7.59 5.41
C MET B 274 -9.06 8.44 4.17
N GLY B 275 -10.14 8.77 3.47
CA GLY B 275 -10.05 9.56 2.26
C GLY B 275 -10.00 8.70 1.01
N GLN B 276 -9.73 9.37 -0.10
CA GLN B 276 -9.87 8.81 -1.43
C GLN B 276 -9.19 7.46 -1.60
N ARG B 277 -9.97 6.52 -2.10
CA ARG B 277 -9.46 5.21 -2.52
C ARG B 277 -10.13 4.94 -3.86
N SER B 278 -9.35 4.48 -4.82
CA SER B 278 -9.85 4.23 -6.17
C SER B 278 -9.73 2.77 -6.54
N ASN B 279 -10.36 2.41 -7.65
CA ASN B 279 -10.36 1.04 -8.13
C ASN B 279 -10.86 0.10 -7.04
N VAL B 280 -12.05 0.41 -6.55
CA VAL B 280 -12.67 -0.35 -5.46
C VAL B 280 -13.66 -1.37 -6.00
N TYR B 281 -13.70 -2.52 -5.34
CA TYR B 281 -14.60 -3.61 -5.66
C TYR B 281 -15.30 -4.08 -4.39
N ASP B 282 -16.52 -4.58 -4.52
CA ASP B 282 -17.17 -5.31 -3.43
C ASP B 282 -16.66 -6.76 -3.45
N TYR B 283 -17.12 -7.55 -2.48
CA TYR B 283 -16.64 -8.94 -2.37
C TYR B 283 -16.88 -9.73 -3.67
N ASN B 284 -18.05 -9.56 -4.26
CA ASN B 284 -18.42 -10.33 -5.46
C ASN B 284 -17.72 -9.84 -6.73
N GLY B 285 -16.89 -8.80 -6.63
CA GLY B 285 -16.07 -8.36 -7.74
C GLY B 285 -16.66 -7.26 -8.60
N ASN B 286 -17.79 -6.69 -8.17
CA ASN B 286 -18.39 -5.57 -8.88
C ASN B 286 -17.57 -4.32 -8.61
N SER B 287 -17.36 -3.54 -9.66
CA SER B 287 -16.67 -2.28 -9.55
C SER B 287 -17.62 -1.29 -8.90
N ILE B 288 -17.14 -0.59 -7.88
CA ILE B 288 -17.98 0.40 -7.18
C ILE B 288 -17.24 1.72 -6.97
N ASP B 289 -17.99 2.81 -7.12
CA ASP B 289 -17.48 4.15 -6.85
C ASP B 289 -17.71 4.44 -5.37
N LEU B 290 -16.65 4.41 -4.58
CA LEU B 290 -16.75 4.58 -3.12
C LEU B 290 -17.21 5.99 -2.72
N SER B 291 -16.91 6.98 -3.56
CA SER B 291 -17.17 8.38 -3.21
C SER B 291 -18.63 8.72 -3.01
N THR B 292 -19.53 7.93 -3.56
CA THR B 292 -20.94 8.21 -3.47
C THR B 292 -21.65 7.28 -2.49
N ARG B 293 -20.89 6.45 -1.78
CA ARG B 293 -21.48 5.44 -0.89
C ARG B 293 -21.56 5.87 0.58
N PHE B 294 -21.13 7.09 0.87
CA PHE B 294 -21.14 7.59 2.25
C PHE B 294 -22.48 8.21 2.64
N SER B 295 -23.06 8.97 1.72
CA SER B 295 -24.33 9.63 1.97
C SER B 295 -25.46 8.66 2.38
N PRO B 296 -25.63 7.52 1.69
CA PRO B 296 -26.67 6.59 2.17
C PRO B 296 -26.41 6.03 3.57
N PHE B 297 -25.16 5.71 3.86
CA PHE B 297 -24.74 5.30 5.21
C PHE B 297 -25.08 6.37 6.25
N LEU B 298 -24.73 7.62 5.94
CA LEU B 298 -24.89 8.71 6.89
C LEU B 298 -26.35 9.05 7.10
N ASP B 299 -27.15 8.98 6.04
CA ASP B 299 -28.58 9.19 6.16
C ASP B 299 -29.18 8.16 7.11
N GLN B 300 -28.76 6.91 6.95
CA GLN B 300 -29.25 5.82 7.80
C GLN B 300 -28.75 5.94 9.24
N ALA B 301 -27.49 6.32 9.41
CA ALA B 301 -26.95 6.58 10.75
C ALA B 301 -27.74 7.67 11.46
N LYS B 302 -28.06 8.74 10.74
CA LYS B 302 -28.84 9.84 11.31
C LYS B 302 -30.23 9.35 11.73
N SER B 303 -30.84 8.54 10.88
CA SER B 303 -32.17 8.01 11.18
C SER B 303 -32.17 7.22 12.49
N VAL B 304 -31.24 6.29 12.68
CA VAL B 304 -31.24 5.48 13.89
C VAL B 304 -30.81 6.28 15.11
N LEU B 305 -29.89 7.22 14.92
CA LEU B 305 -29.49 8.11 16.00
C LEU B 305 -30.67 8.96 16.49
N SER B 306 -31.44 9.52 15.57
CA SER B 306 -32.57 10.37 15.93
C SER B 306 -33.68 9.55 16.56
N ALA B 307 -33.94 8.36 16.03
CA ALA B 307 -34.91 7.47 16.66
C ALA B 307 -34.50 7.13 18.08
N ASN B 308 -33.22 6.84 18.28
CA ASN B 308 -32.72 6.42 19.59
C ASN B 308 -32.84 7.52 20.65
N ASN B 309 -32.41 8.72 20.31
CA ASN B 309 -32.41 9.85 21.24
C ASN B 309 -32.24 11.16 20.48
N PRO B 310 -33.35 11.91 20.28
CA PRO B 310 -33.26 13.16 19.53
C PRO B 310 -32.36 14.23 20.18
N ALA B 311 -32.01 14.06 21.45
CA ALA B 311 -31.05 14.97 22.12
C ALA B 311 -29.59 14.52 21.97
N ARG B 312 -29.38 13.32 21.46
CA ARG B 312 -28.03 12.76 21.35
C ARG B 312 -27.84 12.14 19.98
N ASP B 313 -28.24 12.89 18.95
CA ASP B 313 -28.26 12.41 17.56
C ASP B 313 -27.40 13.24 16.60
N ASN B 314 -26.43 13.97 17.14
CA ASN B 314 -25.61 14.87 16.34
C ASN B 314 -24.66 14.08 15.44
N LEU B 315 -24.49 14.54 14.20
CA LEU B 315 -23.74 13.77 13.21
C LEU B 315 -22.97 14.66 12.27
N THR B 316 -21.67 14.38 12.13
CA THR B 316 -20.89 14.95 11.04
C THR B 316 -20.01 13.87 10.42
N TYR B 317 -19.37 14.21 9.30
CA TYR B 317 -18.51 13.27 8.59
C TYR B 317 -17.31 14.03 8.05
N ASN B 318 -16.14 13.44 8.17
CA ASN B 318 -14.95 14.09 7.62
C ASN B 318 -14.83 13.92 6.10
N ILE B 319 -15.08 15.02 5.37
CA ILE B 319 -14.73 15.13 3.96
C ILE B 319 -13.21 15.35 3.91
N VAL B 320 -12.46 14.26 3.76
CA VAL B 320 -10.99 14.30 3.74
C VAL B 320 -10.46 14.86 2.42
N ASP B 321 -9.42 15.69 2.49
CA ASP B 321 -8.75 16.30 1.32
C ASP B 321 -9.64 17.33 0.63
N GLY B 322 -10.12 18.29 1.42
CA GLY B 322 -11.05 19.30 0.94
C GLY B 322 -10.51 20.18 -0.18
N THR B 323 -11.31 20.33 -1.24
CA THR B 323 -11.06 21.27 -2.32
C THR B 323 -12.35 21.40 -3.14
N VAL B 324 -12.44 22.44 -3.95
CA VAL B 324 -13.61 22.62 -4.82
C VAL B 324 -13.78 21.37 -5.70
N ASN B 325 -14.99 20.82 -5.69
CA ASN B 325 -15.34 19.60 -6.43
C ASN B 325 -14.44 18.40 -6.10
N GLY B 326 -13.91 18.38 -4.88
CA GLY B 326 -13.02 17.32 -4.43
C GLY B 326 -13.70 15.98 -4.22
N TRP B 327 -12.94 15.01 -3.75
CA TRP B 327 -13.42 13.64 -3.66
C TRP B 327 -14.52 13.53 -2.61
N ALA B 328 -15.70 13.10 -3.06
CA ALA B 328 -16.91 12.96 -2.21
C ALA B 328 -17.46 14.29 -1.71
N VAL B 329 -16.89 15.40 -2.17
CA VAL B 329 -17.30 16.73 -1.69
C VAL B 329 -18.75 17.00 -2.03
N ASN B 330 -19.09 16.92 -3.32
CA ASN B 330 -20.44 17.24 -3.75
C ASN B 330 -21.49 16.26 -3.20
N ASP B 331 -21.19 14.98 -3.23
CA ASP B 331 -22.19 14.03 -2.76
C ASP B 331 -22.51 14.19 -1.27
N VAL B 332 -21.47 14.32 -0.44
CA VAL B 332 -21.67 14.43 1.00
C VAL B 332 -22.30 15.78 1.36
N SER B 333 -21.70 16.87 0.88
CA SER B 333 -22.17 18.21 1.25
C SER B 333 -23.62 18.47 0.77
N LYS B 334 -23.96 17.98 -0.42
CA LYS B 334 -25.31 18.17 -0.96
C LYS B 334 -26.35 17.18 -0.43
N ASN B 335 -25.95 15.92 -0.21
CA ASN B 335 -26.93 14.85 0.03
C ASN B 335 -26.93 14.17 1.39
N ALA B 336 -25.86 14.29 2.16
CA ALA B 336 -25.78 13.58 3.44
C ALA B 336 -26.52 14.34 4.53
N ASP B 337 -27.27 13.61 5.36
CA ASP B 337 -28.07 14.22 6.42
C ASP B 337 -27.23 14.55 7.64
N LEU B 338 -26.33 15.52 7.49
CA LEU B 338 -25.39 15.91 8.55
C LEU B 338 -25.83 17.21 9.22
N ASP B 339 -25.60 17.33 10.51
CA ASP B 339 -25.99 18.53 11.24
C ASP B 339 -25.08 19.71 10.92
N PHE B 340 -23.80 19.43 10.75
CA PHE B 340 -22.85 20.39 10.22
C PHE B 340 -21.80 19.68 9.37
N LEU B 341 -21.14 20.44 8.51
CA LEU B 341 -20.12 19.92 7.62
C LEU B 341 -18.72 20.05 8.23
N TYR B 342 -17.89 19.05 7.97
CA TYR B 342 -16.53 19.03 8.46
C TYR B 342 -15.63 18.57 7.32
N SER B 343 -14.52 19.27 7.14
CA SER B 343 -13.57 18.88 6.11
C SER B 343 -12.14 19.10 6.56
N GLU B 344 -11.30 18.11 6.26
CA GLU B 344 -9.90 18.17 6.59
C GLU B 344 -9.15 18.54 5.32
N ILE B 345 -8.33 19.59 5.43
CA ILE B 345 -7.66 20.18 4.26
C ILE B 345 -6.25 19.63 4.19
N TRP B 346 -5.89 19.08 3.03
CA TRP B 346 -4.54 18.61 2.82
C TRP B 346 -3.84 19.55 1.83
N TYR B 347 -3.58 19.14 0.58
CA TYR B 347 -2.73 19.96 -0.30
C TYR B 347 -3.39 20.35 -1.61
N LEU B 348 -4.72 20.33 -1.66
CA LEU B 348 -5.43 20.74 -2.86
C LEU B 348 -6.13 22.11 -2.75
N SER B 349 -5.96 22.80 -1.62
CA SER B 349 -6.47 24.16 -1.42
C SER B 349 -5.40 25.02 -0.73
N ASP B 350 -4.18 24.99 -1.27
CA ASP B 350 -3.03 25.56 -0.56
C ASP B 350 -3.07 27.08 -0.40
N SER B 351 -3.75 27.77 -1.32
CA SER B 351 -3.83 29.23 -1.24
C SER B 351 -5.04 29.64 -0.39
N TYR B 352 -4.97 30.83 0.22
CA TYR B 352 -6.11 31.37 0.95
C TYR B 352 -7.34 31.42 0.06
N ASN B 353 -7.16 31.87 -1.19
CA ASN B 353 -8.30 32.02 -2.10
C ASN B 353 -8.91 30.66 -2.46
N GLN B 354 -8.06 29.68 -2.69
CA GLN B 354 -8.55 28.32 -2.97
C GLN B 354 -9.40 27.80 -1.83
N LEU B 355 -8.95 28.02 -0.61
CA LEU B 355 -9.66 27.50 0.55
C LEU B 355 -10.94 28.31 0.79
N LYS B 356 -10.87 29.62 0.58
CA LYS B 356 -12.08 30.46 0.59
C LYS B 356 -13.16 29.93 -0.35
N ASN B 357 -12.77 29.61 -1.59
CA ASN B 357 -13.71 29.09 -2.57
C ASN B 357 -14.29 27.74 -2.15
N TYR B 358 -13.47 26.92 -1.52
CA TYR B 358 -13.93 25.61 -1.06
C TYR B 358 -14.95 25.80 0.06
N ILE B 359 -14.64 26.68 1.01
CA ILE B 359 -15.60 26.98 2.09
C ILE B 359 -16.91 27.45 1.51
N GLU B 360 -16.83 28.33 0.50
CA GLU B 360 -18.04 28.83 -0.14
C GLU B 360 -18.83 27.73 -0.82
N GLN B 361 -18.15 26.75 -1.41
CA GLN B 361 -18.86 25.62 -2.02
C GLN B 361 -19.57 24.77 -0.98
N LEU B 362 -18.90 24.49 0.15
CA LEU B 362 -19.52 23.70 1.20
C LEU B 362 -20.77 24.42 1.76
N ARG B 363 -20.64 25.73 1.95
CA ARG B 363 -21.74 26.55 2.44
C ARG B 363 -22.90 26.52 1.45
N ALA B 364 -22.61 26.71 0.17
CA ALA B 364 -23.63 26.66 -0.88
C ALA B 364 -24.28 25.30 -0.95
N ASN B 365 -23.45 24.26 -1.05
CA ASN B 365 -23.95 22.89 -1.19
C ASN B 365 -24.79 22.45 0.01
N GLY B 366 -24.37 22.84 1.20
CA GLY B 366 -25.04 22.40 2.43
C GLY B 366 -26.26 23.23 2.79
N GLY B 367 -26.54 24.28 2.03
CA GLY B 367 -27.65 25.20 2.36
C GLY B 367 -27.32 26.07 3.55
N ASN B 368 -26.06 26.48 3.63
CA ASN B 368 -25.53 27.27 4.74
C ASN B 368 -25.64 26.61 6.12
N LYS B 369 -25.52 25.29 6.15
CA LYS B 369 -25.12 24.60 7.37
C LYS B 369 -23.75 25.12 7.77
N ALA B 370 -23.41 24.98 9.05
CA ALA B 370 -22.08 25.38 9.53
C ALA B 370 -21.00 24.49 8.93
N VAL B 371 -19.80 25.05 8.81
CA VAL B 371 -18.63 24.38 8.26
C VAL B 371 -17.47 24.48 9.24
N VAL B 372 -16.88 23.33 9.57
CA VAL B 372 -15.71 23.26 10.43
C VAL B 372 -14.57 22.63 9.64
N LEU B 373 -13.41 23.26 9.67
CA LEU B 373 -12.22 22.74 8.99
C LEU B 373 -11.16 22.22 9.94
N ALA B 374 -10.59 21.08 9.61
CA ALA B 374 -9.36 20.64 10.23
C ALA B 374 -8.29 21.04 9.25
N ALA B 375 -7.31 21.80 9.74
CA ALA B 375 -6.30 22.40 8.88
C ALA B 375 -5.11 22.70 9.76
N TYR B 376 -4.20 21.72 9.83
CA TYR B 376 -3.16 21.67 10.86
C TYR B 376 -2.09 22.66 10.53
N MET B 377 -1.96 23.65 11.38
CA MET B 377 -1.14 24.79 11.07
C MET B 377 0.34 24.45 11.20
N ASN B 378 1.12 24.92 10.23
CA ASN B 378 2.59 24.75 10.23
C ASN B 378 3.00 23.27 10.22
N TYR B 379 2.15 22.43 9.61
CA TYR B 379 2.27 20.98 9.68
C TYR B 379 3.65 20.43 9.31
N ALA B 380 4.23 20.92 8.23
CA ALA B 380 5.52 20.39 7.79
C ALA B 380 6.72 21.15 8.35
N ASP B 381 6.47 22.25 9.06
CA ASP B 381 7.53 23.16 9.48
C ASP B 381 8.08 22.77 10.83
N ASN B 382 9.40 22.60 10.92
CA ASN B 382 10.08 22.48 12.21
C ASN B 382 10.24 23.87 12.84
N ALA B 383 9.10 24.48 13.17
CA ALA B 383 9.03 25.88 13.60
C ALA B 383 9.29 26.06 15.08
N GLY B 384 10.00 27.13 15.41
CA GLY B 384 10.35 27.47 16.79
C GLY B 384 11.82 27.81 16.91
N THR B 385 12.21 28.20 18.13
CA THR B 385 13.60 28.52 18.44
C THR B 385 14.50 27.28 18.34
N ARG B 386 15.56 27.37 17.53
CA ARG B 386 16.43 26.24 17.26
C ARG B 386 17.76 26.35 17.98
N TYR B 387 18.20 25.24 18.54
CA TYR B 387 19.51 25.10 19.16
C TYR B 387 20.26 24.02 18.38
N GLU B 388 21.33 24.39 17.68
CA GLU B 388 22.07 23.42 16.88
C GLU B 388 22.83 22.43 17.77
N ALA B 389 22.78 21.14 17.44
CA ALA B 389 23.41 20.12 18.28
C ALA B 389 24.93 20.26 18.34
N GLU B 390 25.51 20.60 17.19
CA GLU B 390 26.96 20.85 17.08
C GLU B 390 27.43 22.05 17.91
N SER B 391 26.51 22.90 18.35
CA SER B 391 26.84 24.04 19.20
C SER B 391 26.53 23.78 20.67
N ALA B 392 26.05 22.58 20.98
CA ALA B 392 25.71 22.21 22.36
C ALA B 392 26.93 21.63 23.09
N SER B 393 26.76 21.30 24.36
CA SER B 393 27.82 20.65 25.14
C SER B 393 27.81 19.15 24.89
N MET B 394 28.90 18.66 24.34
CA MET B 394 28.97 17.29 23.81
C MET B 394 29.91 16.46 24.67
N THR B 395 29.48 15.25 25.01
CA THR B 395 30.32 14.30 25.74
C THR B 395 30.50 13.02 24.90
N ASN B 396 31.76 12.73 24.56
CA ASN B 396 32.14 11.50 23.83
C ASN B 396 31.62 11.32 22.40
N VAL B 397 30.83 12.27 21.91
CA VAL B 397 30.31 12.19 20.56
C VAL B 397 31.19 13.05 19.66
N SER B 398 30.87 13.09 18.38
CA SER B 398 31.64 13.85 17.40
C SER B 398 30.68 14.71 16.57
N THR B 399 31.24 15.52 15.67
CA THR B 399 30.43 16.25 14.69
C THR B 399 30.90 15.93 13.30
N ASN B 400 30.02 16.14 12.34
CA ASN B 400 30.30 15.79 10.95
C ASN B 400 29.43 16.59 10.01
N THR B 401 29.66 16.40 8.71
CA THR B 401 28.96 17.12 7.66
C THR B 401 28.70 16.24 6.44
N ASN B 402 28.81 14.93 6.62
CA ASN B 402 28.86 14.01 5.49
C ASN B 402 27.52 13.38 5.13
N HIS B 403 26.43 13.93 5.67
CA HIS B 403 25.08 13.57 5.24
C HIS B 403 24.32 14.87 5.03
N ALA B 404 24.02 15.17 3.77
CA ALA B 404 23.49 16.48 3.41
C ALA B 404 22.11 16.72 4.00
N GLY B 405 21.78 17.99 4.21
CA GLY B 405 20.44 18.38 4.65
C GLY B 405 20.36 18.92 6.07
N TYR B 406 21.45 18.77 6.83
CA TYR B 406 21.55 19.36 8.17
C TYR B 406 21.41 20.88 8.15
N THR B 407 20.98 21.46 9.27
CA THR B 407 21.01 22.90 9.46
C THR B 407 22.27 23.29 10.24
N GLY B 408 22.61 24.57 10.18
CA GLY B 408 23.82 25.06 10.84
C GLY B 408 25.06 24.53 10.13
N SER B 409 26.14 24.31 10.89
CA SER B 409 27.44 23.96 10.32
C SER B 409 27.71 22.45 10.27
N GLY B 410 26.81 21.67 10.87
CA GLY B 410 26.94 20.21 10.83
C GLY B 410 25.90 19.53 11.69
N PHE B 411 26.28 18.40 12.26
CA PHE B 411 25.43 17.64 13.14
C PHE B 411 26.31 16.77 14.01
N VAL B 412 25.73 16.21 15.07
CA VAL B 412 26.43 15.30 15.95
C VAL B 412 26.30 13.89 15.41
N ASP B 413 27.42 13.18 15.36
CA ASP B 413 27.42 11.76 15.02
C ASP B 413 28.24 10.98 16.04
N GLN B 414 28.54 9.70 15.75
CA GLN B 414 29.19 8.82 16.71
C GLN B 414 28.43 8.86 18.05
N PHE B 415 27.09 8.87 17.96
CA PHE B 415 26.19 8.95 19.11
C PHE B 415 25.53 7.58 19.23
N ALA B 416 26.24 6.65 19.87
CA ALA B 416 25.96 5.23 19.71
C ALA B 416 26.31 4.35 20.92
N SER B 417 26.87 4.93 21.98
CA SER B 417 27.46 4.15 23.08
C SER B 417 27.16 4.73 24.44
N THR B 418 27.08 3.86 25.44
CA THR B 418 26.87 4.29 26.82
C THR B 418 27.91 5.36 27.19
N GLY B 419 27.45 6.43 27.83
CA GLY B 419 28.32 7.57 28.15
C GLY B 419 28.28 8.75 27.17
N ASP B 420 27.69 8.54 25.99
CA ASP B 420 27.53 9.63 25.02
C ASP B 420 26.44 10.58 25.49
N LYS B 421 26.65 11.89 25.33
CA LYS B 421 25.65 12.89 25.70
C LYS B 421 25.73 14.12 24.81
N VAL B 422 24.58 14.77 24.63
CA VAL B 422 24.53 16.11 24.09
C VAL B 422 23.64 16.92 25.04
N SER B 423 24.14 18.05 25.52
CA SER B 423 23.41 18.86 26.48
C SER B 423 23.20 20.26 25.93
N PHE B 424 21.93 20.64 25.76
CA PHE B 424 21.54 21.93 25.22
C PHE B 424 21.24 22.91 26.35
N ALA B 425 21.83 24.10 26.29
CA ALA B 425 21.56 25.15 27.26
C ALA B 425 20.48 26.04 26.70
N ILE B 426 19.25 25.87 27.15
CA ILE B 426 18.12 26.58 26.54
C ILE B 426 17.56 27.64 27.48
N ASN B 427 16.72 28.51 26.93
CA ASN B 427 15.99 29.49 27.71
C ASN B 427 14.50 29.44 27.41
N ALA B 428 13.69 29.32 28.45
CA ALA B 428 12.24 29.47 28.36
C ALA B 428 11.85 30.93 28.64
N PRO B 429 11.36 31.66 27.62
CA PRO B 429 11.05 33.08 27.80
C PRO B 429 9.88 33.34 28.74
N GLU B 430 9.10 32.31 29.01
CA GLU B 430 7.97 32.39 29.93
C GLU B 430 7.68 30.99 30.41
N ALA B 431 7.07 30.87 31.58
CA ALA B 431 6.68 29.56 32.09
C ALA B 431 5.61 28.94 31.19
N GLY B 432 5.62 27.60 31.11
CA GLY B 432 4.61 26.87 30.34
C GLY B 432 5.16 25.59 29.75
N ASP B 433 4.35 24.94 28.92
CA ASP B 433 4.79 23.71 28.27
C ASP B 433 5.64 24.05 27.07
N TYR B 434 6.68 23.25 26.86
CA TYR B 434 7.56 23.35 25.70
C TYR B 434 7.70 22.02 24.98
N SER B 435 7.57 22.07 23.65
CA SER B 435 7.71 20.91 22.79
C SER B 435 9.20 20.78 22.40
N LEU B 436 9.86 19.76 22.94
CA LEU B 436 11.27 19.53 22.66
C LEU B 436 11.33 18.66 21.43
N VAL B 437 11.72 19.26 20.30
CA VAL B 437 11.67 18.60 19.00
C VAL B 437 13.09 18.35 18.47
N PHE B 438 13.43 17.09 18.25
CA PHE B 438 14.75 16.75 17.77
C PHE B 438 14.74 16.39 16.29
N ARG B 439 15.63 17.01 15.52
CA ARG B 439 15.84 16.64 14.13
C ARG B 439 17.04 15.70 14.10
N TYR B 440 16.88 14.58 13.41
CA TYR B 440 17.81 13.46 13.51
C TYR B 440 17.81 12.59 12.25
N GLY B 441 18.79 11.70 12.21
CA GLY B 441 18.87 10.63 11.24
C GLY B 441 19.10 9.33 11.96
N ASN B 442 18.64 8.24 11.36
CA ASN B 442 18.83 6.88 11.87
C ASN B 442 18.59 5.88 10.74
N ASN B 443 19.66 5.21 10.33
CA ASN B 443 19.61 4.10 9.37
C ASN B 443 20.30 2.85 9.94
N THR B 444 20.10 2.63 11.23
CA THR B 444 20.67 1.46 11.89
C THR B 444 19.93 0.16 11.55
N GLY B 445 18.71 0.27 11.02
CA GLY B 445 17.89 -0.90 10.71
C GLY B 445 16.75 -1.13 11.68
N ALA B 446 16.70 -0.31 12.73
CA ALA B 446 15.67 -0.43 13.75
C ALA B 446 15.55 0.89 14.52
N ASN B 447 14.51 1.00 15.35
CA ASN B 447 14.37 2.17 16.20
C ASN B 447 15.64 2.35 17.04
N SER B 448 16.05 3.60 17.22
CA SER B 448 17.12 3.93 18.14
C SER B 448 16.49 4.67 19.33
N THR B 449 17.09 4.54 20.51
CA THR B 449 16.57 5.21 21.69
C THR B 449 17.65 5.99 22.43
N LEU B 450 17.23 7.09 23.05
CA LEU B 450 18.09 7.89 23.92
C LEU B 450 17.25 8.34 25.10
N ASN B 451 17.90 8.60 26.22
CA ASN B 451 17.19 9.04 27.42
C ASN B 451 17.24 10.55 27.55
N LEU B 452 16.05 11.15 27.68
CA LEU B 452 15.91 12.59 27.81
C LEU B 452 15.99 12.98 29.27
N TYR B 453 16.86 13.94 29.58
CA TYR B 453 16.97 14.55 30.89
C TYR B 453 16.72 16.04 30.79
N VAL B 454 15.96 16.59 31.74
CA VAL B 454 15.73 18.02 31.84
C VAL B 454 16.22 18.47 33.22
N ASP B 455 17.13 19.44 33.22
CA ASP B 455 17.73 19.95 34.47
C ASP B 455 18.28 18.85 35.36
N GLY B 456 18.91 17.86 34.74
CA GLY B 456 19.56 16.76 35.46
C GLY B 456 18.64 15.62 35.88
N ASN B 457 17.33 15.72 35.64
CA ASN B 457 16.40 14.63 35.97
C ASN B 457 15.91 13.89 34.72
N PHE B 458 15.90 12.56 34.80
CA PHE B 458 15.37 11.73 33.72
C PHE B 458 13.89 12.02 33.51
N VAL B 459 13.49 12.15 32.25
CA VAL B 459 12.13 12.45 31.88
C VAL B 459 11.47 11.33 31.07
N GLN B 460 12.15 10.79 30.08
CA GLN B 460 11.52 9.84 29.16
C GLN B 460 12.58 9.22 28.28
N LYS B 461 12.44 7.93 27.96
CA LYS B 461 13.21 7.34 26.87
C LYS B 461 12.52 7.71 25.55
N LEU B 462 13.25 8.33 24.63
CA LEU B 462 12.68 8.74 23.34
C LEU B 462 13.09 7.77 22.25
N TYR B 463 12.22 7.61 21.26
CA TYR B 463 12.44 6.72 20.11
C TYR B 463 12.71 7.56 18.87
N PHE B 464 13.70 7.13 18.11
CA PHE B 464 14.11 7.78 16.88
C PHE B 464 13.96 6.72 15.79
N PHE B 465 13.06 6.98 14.85
CA PHE B 465 12.60 5.95 13.94
C PHE B 465 13.62 5.68 12.85
N ASN B 466 13.66 4.43 12.40
CA ASN B 466 14.58 4.00 11.35
C ASN B 466 14.15 4.53 9.99
N GLN B 467 15.14 4.95 9.20
CA GLN B 467 14.93 5.38 7.84
C GLN B 467 15.76 4.46 6.93
N SER B 468 15.52 4.50 5.62
CA SER B 468 16.27 3.66 4.68
C SER B 468 17.64 4.23 4.30
N SER B 469 17.93 5.44 4.76
CA SER B 469 19.20 6.11 4.45
C SER B 469 19.60 7.07 5.56
N TRP B 470 20.90 7.24 5.74
CA TRP B 470 21.41 8.26 6.67
C TRP B 470 21.22 9.65 6.11
N GLY B 471 20.88 9.75 4.83
CA GLY B 471 20.59 11.04 4.20
C GLY B 471 19.20 11.56 4.48
N THR B 472 18.36 10.76 5.15
CA THR B 472 16.99 11.16 5.43
C THR B 472 16.87 11.76 6.83
N TRP B 473 16.60 13.07 6.91
CA TRP B 473 16.40 13.75 8.19
C TRP B 473 14.92 13.80 8.55
N LYS B 474 14.61 13.62 9.83
CA LYS B 474 13.23 13.74 10.32
C LYS B 474 13.22 14.58 11.56
N HIS B 475 12.08 15.19 11.90
CA HIS B 475 11.96 15.90 13.18
C HIS B 475 10.70 15.45 13.93
N ASP B 476 10.46 14.14 13.89
CA ASP B 476 9.26 13.54 14.48
C ASP B 476 9.57 12.85 15.80
N ALA B 477 10.72 13.19 16.40
CA ALA B 477 11.06 12.74 17.75
C ALA B 477 10.88 13.93 18.67
N TRP B 478 9.87 13.86 19.53
CA TRP B 478 9.52 15.01 20.35
C TRP B 478 9.03 14.57 21.72
N TYR B 479 9.04 15.52 22.65
CA TYR B 479 8.47 15.32 23.97
C TYR B 479 8.17 16.69 24.57
N GLN B 480 6.98 16.84 25.13
CA GLN B 480 6.54 18.09 25.71
C GLN B 480 6.70 18.06 27.24
N VAL B 481 7.32 19.11 27.79
CA VAL B 481 7.60 19.20 29.22
C VAL B 481 7.24 20.58 29.74
N PRO B 482 6.82 20.66 31.02
CA PRO B 482 6.58 21.98 31.62
C PRO B 482 7.88 22.61 32.07
N LEU B 483 8.09 23.88 31.75
CA LEU B 483 9.28 24.60 32.19
C LEU B 483 8.92 25.90 32.88
N THR B 484 9.69 26.23 33.93
CA THR B 484 9.65 27.56 34.53
C THR B 484 10.36 28.55 33.63
N GLN B 485 10.05 29.83 33.80
CA GLN B 485 10.75 30.86 33.02
C GLN B 485 12.23 30.80 33.35
N GLY B 486 13.07 30.98 32.32
CA GLY B 486 14.52 31.08 32.50
C GLY B 486 15.32 29.94 31.89
N ALA B 487 16.54 29.76 32.42
CA ALA B 487 17.52 28.81 31.88
C ALA B 487 17.18 27.36 32.25
N HIS B 488 17.41 26.45 31.31
CA HIS B 488 17.25 25.03 31.56
C HIS B 488 18.27 24.26 30.74
N THR B 489 18.54 23.04 31.17
CA THR B 489 19.40 22.12 30.45
C THR B 489 18.56 20.98 29.90
N VAL B 490 18.64 20.76 28.60
CA VAL B 490 17.92 19.66 27.96
C VAL B 490 18.97 18.73 27.39
N GLU B 491 18.95 17.48 27.83
CA GLU B 491 20.05 16.57 27.57
C GLU B 491 19.55 15.24 27.04
N LEU B 492 20.20 14.72 26.01
CA LEU B 492 20.02 13.34 25.59
C LEU B 492 21.26 12.56 25.98
N ARG B 493 21.04 11.45 26.68
CA ARG B 493 22.11 10.60 27.14
C ARG B 493 21.90 9.20 26.60
N TYR B 494 22.96 8.61 26.09
CA TYR B 494 22.98 7.20 25.72
C TYR B 494 23.48 6.45 26.94
N GLU B 495 22.62 5.56 27.45
CA GLU B 495 22.90 4.82 28.67
C GLU B 495 22.63 3.35 28.41
N SER B 496 22.91 2.50 29.40
CA SER B 496 22.70 1.07 29.26
C SER B 496 21.19 0.88 29.07
N GLY B 497 20.80 -0.04 28.20
CA GLY B 497 19.39 -0.17 27.86
C GLY B 497 18.94 0.70 26.69
N ASN B 498 19.73 1.70 26.30
CA ASN B 498 19.49 2.36 25.01
C ASN B 498 20.06 1.51 23.88
N VAL B 499 19.49 1.65 22.68
CA VAL B 499 19.88 0.85 21.53
C VAL B 499 20.09 1.71 20.29
N GLY B 500 20.91 1.20 19.37
CA GLY B 500 21.13 1.82 18.08
C GLY B 500 22.05 3.04 18.14
N ALA B 501 21.70 4.03 17.33
CA ALA B 501 22.49 5.24 17.18
C ALA B 501 21.68 6.29 16.44
N VAL B 502 22.09 7.54 16.61
CA VAL B 502 21.41 8.66 16.02
C VAL B 502 22.44 9.66 15.53
N ASN B 503 22.16 10.32 14.41
CA ASN B 503 22.82 11.57 14.09
C ASN B 503 21.88 12.66 14.57
N LEU B 504 22.37 13.62 15.34
CA LEU B 504 21.51 14.66 15.92
C LEU B 504 21.82 16.02 15.31
N ASP B 505 20.82 16.60 14.66
CA ASP B 505 21.00 17.87 13.96
C ASP B 505 20.76 19.06 14.89
N SER B 506 19.66 19.03 15.65
CA SER B 506 19.24 20.18 16.43
C SER B 506 18.14 19.83 17.42
N LEU B 507 17.92 20.75 18.37
CA LEU B 507 16.73 20.80 19.21
C LEU B 507 15.98 22.07 18.85
N THR B 508 14.67 21.96 18.65
CA THR B 508 13.81 23.10 18.37
C THR B 508 12.74 23.11 19.46
N LEU B 509 12.41 24.30 19.95
CA LEU B 509 11.27 24.48 20.84
C LEU B 509 10.05 24.63 19.93
N GLY B 510 9.35 23.52 19.72
CA GLY B 510 8.30 23.47 18.72
C GLY B 510 7.20 24.45 19.04
N THR B 511 6.98 25.41 18.15
CA THR B 511 6.09 26.53 18.45
C THR B 511 5.23 26.88 17.24
N PHE B 512 3.91 26.98 17.43
CA PHE B 512 3.02 27.49 16.39
C PHE B 512 3.34 28.95 16.13
N ASP B 513 3.41 29.32 14.86
CA ASP B 513 3.68 30.68 14.45
C ASP B 513 2.42 31.51 14.58
N GLU B 514 2.41 32.45 15.52
CA GLU B 514 1.25 33.33 15.72
C GLU B 514 0.70 33.95 14.45
N HIS B 515 1.58 34.40 13.56
CA HIS B 515 1.13 35.21 12.41
C HIS B 515 0.30 34.41 11.43
N SER B 516 0.79 33.23 11.06
CA SER B 516 0.09 32.37 10.12
C SER B 516 -1.21 31.83 10.73
N VAL B 517 -1.17 31.50 12.01
CA VAL B 517 -2.35 30.96 12.71
C VAL B 517 -3.47 32.01 12.74
N ARG B 518 -3.11 33.26 13.04
CA ARG B 518 -4.08 34.35 13.07
C ARG B 518 -4.64 34.62 11.67
N LEU B 519 -3.77 34.69 10.66
CA LEU B 519 -4.24 34.94 9.30
C LEU B 519 -5.12 33.80 8.77
N ALA B 520 -4.74 32.57 9.09
CA ALA B 520 -5.53 31.42 8.64
C ALA B 520 -6.91 31.43 9.29
N ASP B 521 -6.96 31.69 10.59
CA ASP B 521 -8.24 31.74 11.31
C ASP B 521 -9.13 32.89 10.83
N ALA B 522 -8.54 34.04 10.54
CA ALA B 522 -9.29 35.17 9.99
C ALA B 522 -9.92 34.79 8.66
N MET B 523 -9.09 34.26 7.76
CA MET B 523 -9.56 33.85 6.44
C MET B 523 -10.71 32.84 6.53
N MET B 524 -10.56 31.85 7.40
CA MET B 524 -11.57 30.79 7.49
C MET B 524 -12.91 31.36 7.95
N SER B 525 -12.89 32.16 9.01
CA SER B 525 -14.14 32.68 9.57
C SER B 525 -14.75 33.81 8.73
N ALA B 526 -13.90 34.65 8.11
CA ALA B 526 -14.39 35.60 7.11
C ALA B 526 -15.10 34.88 5.96
N SER B 527 -14.60 33.70 5.60
CA SER B 527 -15.15 32.93 4.49
C SER B 527 -16.39 32.13 4.89
N GLY B 528 -16.61 31.96 6.19
CA GLY B 528 -17.81 31.31 6.72
C GLY B 528 -17.60 29.96 7.41
N ALA B 529 -16.37 29.68 7.85
CA ALA B 529 -16.05 28.43 8.57
C ALA B 529 -15.37 28.68 9.91
N THR B 530 -15.45 27.69 10.80
CA THR B 530 -14.60 27.67 11.98
C THR B 530 -13.57 26.57 11.78
N HIS B 531 -12.73 26.37 12.78
CA HIS B 531 -11.48 25.64 12.67
C HIS B 531 -11.34 24.77 13.92
N ILE B 532 -11.22 23.44 13.75
CA ILE B 532 -10.93 22.57 14.90
C ILE B 532 -9.42 22.61 15.11
N GLU B 533 -8.99 23.22 16.22
CA GLU B 533 -7.57 23.44 16.46
C GLU B 533 -7.14 23.46 17.93
N LEU B 534 -8.08 23.31 18.86
CA LEU B 534 -7.76 23.38 20.27
C LEU B 534 -8.36 22.18 20.99
N GLY B 535 -7.61 21.62 21.94
CA GLY B 535 -8.07 20.47 22.66
C GLY B 535 -7.25 20.11 23.87
N ASP B 536 -7.68 19.06 24.56
CA ASP B 536 -7.02 18.55 25.76
C ASP B 536 -6.71 19.71 26.72
N ASP B 537 -5.51 19.77 27.29
CA ASP B 537 -5.18 20.86 28.24
C ASP B 537 -4.60 22.06 27.51
N ASN B 538 -5.47 22.79 26.85
CA ASN B 538 -5.09 23.99 26.10
C ASN B 538 -3.98 23.73 25.08
N GLN B 539 -4.12 22.65 24.30
CA GLN B 539 -3.16 22.28 23.26
C GLN B 539 -3.71 22.69 21.91
N MET B 540 -2.86 23.25 21.06
CA MET B 540 -3.26 23.52 19.70
C MET B 540 -2.87 22.30 18.86
N LEU B 541 -3.63 22.04 17.80
CA LEU B 541 -3.53 20.76 17.08
C LEU B 541 -2.43 20.77 16.00
N PRO B 542 -1.34 19.99 16.20
CA PRO B 542 -0.20 20.03 15.25
C PRO B 542 -0.24 19.03 14.09
N HIS B 543 -1.12 18.04 14.16
CA HIS B 543 -0.98 16.82 13.34
C HIS B 543 -2.32 16.08 13.38
N GLU B 544 -2.58 15.19 12.41
CA GLU B 544 -3.87 14.49 12.33
C GLU B 544 -4.05 13.46 13.46
N TYR B 545 -2.94 13.03 14.05
CA TYR B 545 -2.96 12.19 15.25
C TYR B 545 -3.04 13.14 16.45
N TYR B 546 -4.26 13.33 16.95
CA TYR B 546 -4.51 14.42 17.91
C TYR B 546 -3.63 14.39 19.16
N PRO B 547 -3.23 13.19 19.67
CA PRO B 547 -2.35 13.24 20.84
C PRO B 547 -0.96 13.82 20.60
N ASN B 548 -0.61 14.12 19.36
CA ASN B 548 0.65 14.76 19.02
C ASN B 548 0.77 16.15 19.69
N ARG B 549 1.86 16.34 20.42
CA ARG B 549 2.17 17.59 21.15
C ARG B 549 3.52 18.20 20.69
N SER B 550 3.78 18.13 19.39
CA SER B 550 5.08 18.50 18.82
C SER B 550 5.25 19.99 18.59
N LYS B 551 4.18 20.75 18.77
CA LYS B 551 4.25 22.21 18.83
C LYS B 551 3.31 22.68 19.94
N THR B 552 3.66 23.84 20.51
CA THR B 552 2.93 24.44 21.62
C THR B 552 2.66 25.92 21.29
N MET B 553 1.54 26.46 21.79
CA MET B 553 1.28 27.90 21.69
C MET B 553 2.04 28.64 22.77
N ARG B 554 2.64 29.78 22.43
CA ARG B 554 3.12 30.70 23.46
C ARG B 554 2.03 31.72 23.81
N SER B 555 2.25 32.46 24.90
CA SER B 555 1.22 33.34 25.48
C SER B 555 0.63 34.34 24.50
N SER B 556 1.48 34.91 23.66
CA SER B 556 1.01 35.86 22.66
C SER B 556 -0.04 35.24 21.73
N LEU B 557 0.19 34.01 21.26
CA LEU B 557 -0.79 33.33 20.42
C LEU B 557 -2.03 32.96 21.22
N LYS B 558 -1.83 32.46 22.44
CA LYS B 558 -2.95 32.09 23.30
C LYS B 558 -3.91 33.26 23.47
N ASN B 559 -3.33 34.42 23.76
CA ASN B 559 -4.12 35.65 23.90
C ASN B 559 -4.85 36.03 22.63
N ALA B 560 -4.19 35.91 21.48
CA ALA B 560 -4.81 36.22 20.19
C ALA B 560 -5.95 35.24 19.86
N MET B 561 -5.80 34.01 20.32
CA MET B 561 -6.86 32.98 20.15
C MET B 561 -8.06 33.25 21.07
N LYS B 562 -7.80 33.70 22.29
CA LYS B 562 -8.90 34.16 23.16
C LYS B 562 -9.68 35.29 22.51
N ASP B 563 -8.98 36.31 22.00
CA ASP B 563 -9.61 37.36 21.20
C ASP B 563 -10.34 36.81 19.97
N HIS B 564 -9.69 35.91 19.23
CA HIS B 564 -10.31 35.37 18.00
C HIS B 564 -11.61 34.62 18.29
N TYR B 565 -11.60 33.77 19.31
CA TYR B 565 -12.77 32.99 19.68
C TYR B 565 -13.87 33.84 20.35
N ASN B 566 -13.46 34.89 21.10
CA ASN B 566 -14.42 35.91 21.50
C ASN B 566 -15.09 36.52 20.28
N PHE B 567 -14.28 36.83 19.27
CA PHE B 567 -14.77 37.49 18.07
C PHE B 567 -15.74 36.65 17.25
N ILE B 568 -15.40 35.38 17.00
CA ILE B 568 -16.26 34.55 16.16
C ILE B 568 -17.50 34.05 16.91
N THR B 569 -17.53 34.27 18.22
CA THR B 569 -18.74 34.03 19.01
C THR B 569 -19.64 35.27 19.01
N ALA B 570 -19.07 36.41 19.40
CA ALA B 570 -19.83 37.66 19.48
C ALA B 570 -20.42 38.11 18.13
N TYR B 571 -19.71 37.82 17.04
CA TYR B 571 -20.14 38.22 15.70
C TYR B 571 -20.57 37.05 14.82
N GLU B 572 -20.93 35.94 15.46
CA GLU B 572 -21.35 34.74 14.75
C GLU B 572 -22.50 35.02 13.78
N ASN B 573 -23.38 35.96 14.14
CA ASN B 573 -24.52 36.30 13.29
C ASN B 573 -24.09 36.90 11.96
N LEU B 574 -22.97 37.61 11.95
CA LEU B 574 -22.46 38.23 10.74
C LEU B 574 -21.49 37.32 9.96
N LEU B 575 -21.04 36.25 10.60
CA LEU B 575 -20.04 35.34 10.04
C LEU B 575 -20.62 34.02 9.52
N PHE B 576 -21.56 33.43 10.27
CA PHE B 576 -22.04 32.05 10.02
C PHE B 576 -23.55 31.81 9.88
N ASP B 577 -24.37 32.85 10.06
CA ASP B 577 -25.82 32.66 9.93
C ASP B 577 -26.21 32.15 8.54
N SER B 578 -27.36 31.48 8.46
CA SER B 578 -27.81 30.91 7.19
C SER B 578 -28.12 31.98 6.14
N ASP B 579 -28.28 33.24 6.56
CA ASP B 579 -28.46 34.34 5.60
C ASP B 579 -27.14 35.05 5.20
N VAL B 580 -26.02 34.63 5.78
CA VAL B 580 -24.72 35.21 5.44
C VAL B 580 -24.21 34.58 4.14
N VAL B 581 -24.17 35.37 3.07
CA VAL B 581 -23.85 34.83 1.75
C VAL B 581 -22.83 35.69 1.01
N PRO B 582 -22.26 35.17 -0.09
CA PRO B 582 -21.32 35.99 -0.86
C PRO B 582 -22.02 37.19 -1.48
N ASN B 583 -21.34 38.33 -1.51
CA ASN B 583 -21.82 39.51 -2.21
C ASN B 583 -20.81 39.84 -3.28
N ASP B 584 -20.67 38.92 -4.23
CA ASP B 584 -19.62 38.97 -5.26
C ASP B 584 -20.15 39.32 -6.65
N THR B 585 -21.46 39.20 -6.85
CA THR B 585 -22.08 39.43 -8.15
C THR B 585 -22.41 40.91 -8.38
N GLY B 586 -21.47 41.64 -8.97
CA GLY B 586 -21.71 43.02 -9.41
C GLY B 586 -20.67 44.04 -9.00
N SER B 587 -21.12 45.14 -8.41
CA SER B 587 -20.28 46.30 -8.11
C SER B 587 -19.82 46.33 -6.65
N GLN B 588 -18.91 45.43 -6.29
CA GLN B 588 -18.34 45.41 -4.95
C GLN B 588 -16.82 45.53 -5.02
N PHE B 589 -16.36 46.53 -5.77
CA PHE B 589 -14.96 46.88 -5.80
C PHE B 589 -14.64 47.62 -4.51
N VAL B 590 -13.42 47.44 -4.01
CA VAL B 590 -12.93 48.17 -2.85
C VAL B 590 -11.60 48.81 -3.21
N ASN B 591 -11.46 50.09 -2.91
CA ASN B 591 -10.21 50.82 -3.12
C ASN B 591 -9.60 51.26 -1.80
N LEU B 592 -8.32 50.97 -1.61
CA LEU B 592 -7.58 51.42 -0.44
C LEU B 592 -6.44 52.33 -0.89
N THR B 593 -6.37 53.52 -0.33
CA THR B 593 -5.43 54.53 -0.79
C THR B 593 -4.02 54.27 -0.28
N GLY B 594 -3.07 54.17 -1.21
CA GLY B 594 -1.66 54.02 -0.87
C GLY B 594 -1.24 52.61 -0.48
N VAL B 595 -2.09 51.63 -0.77
CA VAL B 595 -1.84 50.24 -0.43
C VAL B 595 -2.46 49.36 -1.50
N SER B 596 -1.74 48.29 -1.88
CA SER B 596 -2.25 47.34 -2.87
C SER B 596 -3.33 46.50 -2.23
N ALA B 597 -4.42 46.29 -2.96
CA ALA B 597 -5.53 45.48 -2.48
C ALA B 597 -5.93 44.47 -3.55
N SER B 598 -6.55 43.37 -3.11
CA SER B 598 -7.03 42.36 -4.04
C SER B 598 -8.31 41.72 -3.53
N GLY B 599 -9.08 41.17 -4.46
CA GLY B 599 -10.28 40.42 -4.13
C GLY B 599 -10.07 38.92 -4.19
N ASP B 600 -8.81 38.49 -4.33
CA ASP B 600 -8.50 37.07 -4.54
C ASP B 600 -7.32 36.58 -3.71
N GLY B 601 -7.08 37.23 -2.57
CA GLY B 601 -6.05 36.78 -1.63
C GLY B 601 -4.65 36.74 -2.21
N SER B 602 -4.32 37.74 -3.03
CA SER B 602 -2.97 37.85 -3.61
C SER B 602 -1.92 38.20 -2.55
N ALA B 603 -0.73 37.65 -2.72
CA ALA B 603 0.39 37.96 -1.84
C ALA B 603 0.64 39.46 -1.80
N ASN B 604 1.05 39.95 -0.63
CA ASN B 604 1.42 41.35 -0.42
C ASN B 604 0.34 42.37 -0.81
N THR B 605 -0.91 42.04 -0.51
CA THR B 605 -2.03 42.95 -0.70
C THR B 605 -2.94 42.93 0.53
N VAL B 606 -3.81 43.92 0.62
CA VAL B 606 -4.93 43.85 1.55
C VAL B 606 -6.05 43.15 0.80
N TRP B 607 -6.48 42.03 1.34
CA TRP B 607 -7.47 41.19 0.70
C TRP B 607 -8.84 41.58 1.21
N TYR B 608 -9.74 41.95 0.30
CA TYR B 608 -11.12 42.23 0.67
C TYR B 608 -12.04 41.08 0.25
N ILE B 609 -12.99 40.77 1.14
CA ILE B 609 -13.96 39.68 0.93
C ILE B 609 -15.34 40.27 1.17
N ASN B 610 -16.22 40.18 0.17
CA ASN B 610 -17.53 40.80 0.24
C ASN B 610 -18.59 39.77 0.60
N LYS B 611 -19.21 39.98 1.76
CA LYS B 611 -20.33 39.17 2.21
C LYS B 611 -21.53 40.07 2.49
N ARG B 612 -22.71 39.47 2.68
CA ARG B 612 -23.88 40.23 3.06
C ARG B 612 -24.92 39.37 3.78
N THR B 613 -25.73 40.06 4.57
CA THR B 613 -26.95 39.50 5.14
C THR B 613 -28.10 40.40 4.72
N SER B 614 -29.30 40.11 5.23
CA SER B 614 -30.47 40.94 4.99
C SER B 614 -30.21 42.40 5.37
N ASP B 615 -29.60 42.62 6.53
CA ASP B 615 -29.46 43.96 7.11
C ASP B 615 -28.09 44.62 6.90
N TYR B 616 -27.08 43.86 6.48
CA TYR B 616 -25.72 44.41 6.46
C TYR B 616 -24.94 44.11 5.18
N ASN B 617 -24.14 45.09 4.76
CA ASN B 617 -23.13 44.92 3.74
C ASN B 617 -21.80 44.74 4.46
N ILE B 618 -21.18 43.57 4.31
CA ILE B 618 -19.99 43.19 5.08
C ILE B 618 -18.76 43.07 4.19
N VAL B 619 -17.71 43.78 4.58
CA VAL B 619 -16.43 43.73 3.89
C VAL B 619 -15.35 43.37 4.92
N HIS B 620 -14.76 42.18 4.76
CA HIS B 620 -13.62 41.79 5.59
C HIS B 620 -12.33 42.27 4.94
N LEU B 621 -11.41 42.77 5.75
CA LEU B 621 -10.06 43.09 5.28
C LEU B 621 -9.09 42.16 5.97
N ILE B 622 -8.33 41.40 5.18
CA ILE B 622 -7.33 40.50 5.70
C ILE B 622 -5.96 40.96 5.17
N ASN B 623 -5.05 41.22 6.08
CA ASN B 623 -3.82 41.88 5.73
C ASN B 623 -2.74 40.89 5.32
N LEU B 624 -2.57 40.69 4.03
CA LEU B 624 -1.49 39.86 3.48
C LEU B 624 -0.28 40.72 3.06
N LEU B 625 -0.24 41.97 3.51
CA LEU B 625 0.91 42.83 3.21
C LEU B 625 2.13 42.24 3.90
N GLY B 626 3.15 41.94 3.10
CA GLY B 626 4.39 41.38 3.61
C GLY B 626 4.38 39.86 3.68
N ASN B 627 3.35 39.21 3.12
CA ASN B 627 3.27 37.74 3.15
C ASN B 627 2.81 37.10 1.86
N ASP B 628 3.06 35.79 1.73
CA ASP B 628 2.62 35.00 0.58
C ASP B 628 1.14 34.60 0.67
N ASN B 629 0.64 33.94 -0.37
CA ASN B 629 -0.78 33.58 -0.45
C ASN B 629 -1.11 32.17 0.08
N GLN B 630 -0.18 31.56 0.81
CA GLN B 630 -0.31 30.17 1.28
C GLN B 630 -0.79 30.15 2.72
N TRP B 631 -1.83 29.36 3.03
CA TRP B 631 -2.44 29.46 4.36
C TRP B 631 -1.72 28.70 5.47
N ARG B 632 -1.05 27.59 5.14
CA ARG B 632 -0.57 26.65 6.17
C ARG B 632 0.81 26.97 6.75
N ASN B 633 1.68 27.56 5.94
CA ASN B 633 3.09 27.75 6.33
C ASN B 633 3.29 28.92 7.30
N THR B 634 4.48 29.01 7.88
CA THR B 634 4.80 30.09 8.80
C THR B 634 4.82 31.41 8.03
N ALA B 635 4.54 32.50 8.75
CA ALA B 635 4.47 33.82 8.12
C ALA B 635 5.18 34.87 8.97
N SER B 636 5.47 36.01 8.35
CA SER B 636 5.99 37.17 9.06
C SER B 636 4.84 37.97 9.64
N GLN B 637 5.16 38.87 10.57
CA GLN B 637 4.18 39.84 11.01
C GLN B 637 3.69 40.64 9.81
N PRO B 638 2.36 40.82 9.66
CA PRO B 638 1.88 41.68 8.59
C PRO B 638 2.37 43.12 8.73
N SER B 639 2.40 43.85 7.63
CA SER B 639 2.73 45.28 7.69
C SER B 639 1.50 46.02 8.15
N PHE B 640 1.45 46.34 9.45
CA PHE B 640 0.28 47.00 10.02
C PHE B 640 0.08 48.37 9.39
N GLN B 641 -1.19 48.76 9.24
CA GLN B 641 -1.56 50.03 8.63
C GLN B 641 -2.32 50.89 9.63
N THR B 642 -2.20 52.21 9.47
CA THR B 642 -2.92 53.17 10.29
C THR B 642 -3.56 54.21 9.36
N ASN B 643 -4.73 54.69 9.74
CA ASN B 643 -5.45 55.72 8.98
C ASN B 643 -5.48 55.40 7.50
N LEU B 644 -5.97 54.20 7.19
CA LEU B 644 -6.02 53.70 5.82
C LEU B 644 -7.31 54.16 5.14
N PRO B 645 -7.20 55.06 4.14
CA PRO B 645 -8.43 55.54 3.50
C PRO B 645 -9.09 54.46 2.64
N ALA B 646 -10.38 54.23 2.86
CA ALA B 646 -11.12 53.20 2.14
C ALA B 646 -12.29 53.80 1.37
N LYS B 647 -12.65 53.15 0.27
CA LYS B 647 -13.80 53.55 -0.52
C LYS B 647 -14.48 52.30 -1.08
N ILE B 648 -15.69 52.01 -0.62
CA ILE B 648 -16.39 50.78 -0.99
C ILE B 648 -17.55 51.09 -1.93
N TYR B 649 -17.49 50.54 -3.14
CA TYR B 649 -18.58 50.66 -4.09
C TYR B 649 -19.73 49.72 -3.71
N ILE B 650 -20.96 50.23 -3.86
CA ILE B 650 -22.16 49.51 -3.45
C ILE B 650 -23.19 49.48 -4.58
N GLY B 651 -24.33 48.84 -4.34
CA GLY B 651 -25.40 48.74 -5.33
C GLY B 651 -26.10 50.07 -5.59
N ALA B 652 -26.67 50.19 -6.79
CA ALA B 652 -27.34 51.43 -7.22
C ALA B 652 -28.43 51.85 -6.25
N ASP B 653 -29.35 50.93 -5.97
CA ASP B 653 -30.45 51.18 -5.04
C ASP B 653 -30.13 50.68 -3.61
N GLU B 654 -28.85 50.70 -3.24
CA GLU B 654 -28.44 50.44 -1.85
C GLU B 654 -28.12 51.76 -1.17
N THR B 655 -28.58 51.90 0.07
CA THR B 655 -28.28 53.06 0.90
C THR B 655 -27.83 52.54 2.24
N ILE B 656 -26.65 52.98 2.70
CA ILE B 656 -26.17 52.57 4.01
C ILE B 656 -26.28 53.74 5.00
N SER B 657 -26.67 53.43 6.24
CA SER B 657 -26.96 54.43 7.25
C SER B 657 -25.85 54.59 8.28
N ASP B 658 -25.13 53.50 8.56
CA ASP B 658 -24.04 53.51 9.53
C ASP B 658 -22.92 52.55 9.11
N VAL B 659 -21.67 52.91 9.40
CA VAL B 659 -20.51 52.06 9.12
C VAL B 659 -19.86 51.68 10.45
N TYR B 660 -19.74 50.37 10.69
CA TYR B 660 -19.12 49.85 11.91
C TYR B 660 -17.91 48.99 11.56
N LEU B 661 -16.95 48.93 12.47
CA LEU B 661 -15.75 48.14 12.27
C LEU B 661 -15.43 47.44 13.57
N ALA B 662 -15.24 46.12 13.48
CA ALA B 662 -14.80 45.32 14.62
C ALA B 662 -13.67 44.41 14.18
N SER B 663 -12.70 44.22 15.07
CA SER B 663 -11.54 43.35 14.82
C SER B 663 -11.09 42.71 16.10
N PRO B 664 -10.76 41.40 16.06
CA PRO B 664 -10.20 40.75 17.25
C PRO B 664 -8.86 41.35 17.67
N ASP B 665 -8.18 42.00 16.72
CA ASP B 665 -6.87 42.62 16.97
C ASP B 665 -6.97 43.94 17.72
N LEU B 666 -8.16 44.55 17.72
CA LEU B 666 -8.36 45.92 18.21
C LEU B 666 -9.38 45.94 19.35
N SER B 667 -8.92 46.30 20.55
CA SER B 667 -9.78 46.41 21.73
C SER B 667 -10.66 45.16 21.92
N GLY B 668 -10.06 44.00 21.69
CA GLY B 668 -10.72 42.73 21.98
C GLY B 668 -11.93 42.40 21.12
N GLY B 669 -12.13 43.15 20.04
CA GLY B 669 -13.26 42.91 19.14
C GLY B 669 -14.42 43.88 19.29
N GLU B 670 -14.29 44.88 20.17
CA GLU B 670 -15.38 45.82 20.37
C GLU B 670 -15.63 46.60 19.10
N THR B 671 -16.89 46.81 18.77
CA THR B 671 -17.25 47.54 17.55
C THR B 671 -17.04 49.03 17.78
N GLN B 672 -16.48 49.72 16.77
CA GLN B 672 -16.50 51.18 16.78
C GLN B 672 -17.17 51.68 15.52
N GLU B 673 -17.95 52.75 15.67
CA GLU B 673 -18.62 53.35 14.53
C GLU B 673 -17.65 54.29 13.82
N LEU B 674 -17.75 54.33 12.49
CA LEU B 674 -16.86 55.18 11.70
C LEU B 674 -17.66 56.26 10.97
N ALA B 675 -17.13 57.48 10.94
CA ALA B 675 -17.71 58.55 10.16
C ALA B 675 -17.46 58.22 8.70
N PHE B 676 -18.43 58.53 7.83
CA PHE B 676 -18.27 58.21 6.43
C PHE B 676 -18.95 59.22 5.50
N THR B 677 -18.44 59.31 4.28
CA THR B 677 -19.03 60.13 3.25
C THR B 677 -19.70 59.23 2.24
N SER B 678 -20.89 59.63 1.80
CA SER B 678 -21.55 58.99 0.69
C SER B 678 -21.32 59.84 -0.54
N GLY B 679 -21.28 59.19 -1.71
CA GLY B 679 -21.11 59.92 -2.96
C GLY B 679 -21.36 59.04 -4.17
N THR B 680 -21.09 59.58 -5.35
CA THR B 680 -21.19 58.82 -6.59
C THR B 680 -20.05 59.19 -7.54
N ASP B 681 -19.60 58.20 -8.30
CA ASP B 681 -18.33 58.29 -9.02
C ASP B 681 -18.51 57.82 -10.46
N ALA B 682 -17.39 57.73 -11.20
CA ALA B 682 -17.39 57.15 -12.54
C ALA B 682 -17.74 55.66 -12.52
N GLY B 683 -17.45 55.00 -11.40
CA GLY B 683 -17.73 53.57 -11.23
C GLY B 683 -18.90 53.25 -10.32
N GLY B 684 -19.90 54.12 -10.28
CA GLY B 684 -21.13 53.89 -9.51
C GLY B 684 -21.15 54.53 -8.14
N LYS B 685 -22.16 54.20 -7.34
CA LYS B 685 -22.28 54.68 -5.97
C LYS B 685 -21.18 54.12 -5.08
N TYR B 686 -20.82 54.87 -4.03
CA TYR B 686 -19.80 54.43 -3.07
C TYR B 686 -20.02 55.04 -1.70
N VAL B 687 -19.33 54.48 -0.70
CA VAL B 687 -19.14 55.14 0.59
C VAL B 687 -17.65 55.13 0.88
N SER B 688 -17.17 56.16 1.58
CA SER B 688 -15.75 56.24 1.91
C SER B 688 -15.56 56.66 3.36
N PHE B 689 -14.46 56.19 3.94
CA PHE B 689 -14.16 56.43 5.34
C PHE B 689 -12.70 56.09 5.59
N THR B 690 -12.21 56.43 6.77
CA THR B 690 -10.84 56.11 7.13
C THR B 690 -10.87 54.93 8.09
N VAL B 691 -10.09 53.88 7.77
CA VAL B 691 -9.94 52.75 8.67
C VAL B 691 -8.82 53.12 9.64
N PRO B 692 -9.13 53.24 10.95
CA PRO B 692 -8.08 53.65 11.90
C PRO B 692 -6.85 52.75 11.91
N GLU B 693 -7.07 51.44 11.89
CA GLU B 693 -6.00 50.46 12.06
C GLU B 693 -6.34 49.16 11.34
N LEU B 694 -5.34 48.55 10.71
CA LEU B 694 -5.45 47.20 10.19
C LEU B 694 -4.20 46.44 10.57
N LYS B 695 -4.37 45.39 11.39
CA LYS B 695 -3.26 44.54 11.76
C LYS B 695 -3.36 43.22 10.99
N TYR B 696 -4.31 42.36 11.37
CA TYR B 696 -4.56 41.08 10.69
C TYR B 696 -5.89 41.05 9.95
N TRP B 697 -6.97 41.40 10.66
CA TRP B 697 -8.33 41.17 10.16
C TRP B 697 -9.33 42.21 10.71
N ASN B 698 -9.92 42.98 9.81
CA ASN B 698 -11.03 43.88 10.19
C ASN B 698 -12.31 43.41 9.57
N MET B 699 -13.39 43.40 10.34
CA MET B 699 -14.70 43.22 9.75
C MET B 699 -15.43 44.55 9.77
N ILE B 700 -15.65 45.10 8.58
CA ILE B 700 -16.46 46.29 8.39
C ILE B 700 -17.86 45.82 8.05
N TYR B 701 -18.83 46.20 8.88
CA TYR B 701 -20.22 45.90 8.60
C TYR B 701 -21.06 47.17 8.55
N MET B 702 -21.85 47.29 7.48
CA MET B 702 -22.53 48.52 7.15
C MET B 702 -24.03 48.28 7.14
N LEU B 703 -24.74 48.93 8.07
CA LEU B 703 -26.19 48.78 8.18
C LEU B 703 -26.90 49.42 6.98
N GLU B 704 -27.73 48.64 6.29
CA GLU B 704 -28.57 49.14 5.20
C GLU B 704 -29.99 49.45 5.69
C1 GLC C . 11.93 -8.70 -6.24
C2 GLC C . 13.38 -8.42 -6.66
C3 GLC C . 14.13 -9.73 -6.77
C4 GLC C . 13.97 -10.57 -5.49
C5 GLC C . 12.51 -10.68 -5.07
C6 GLC C . 12.36 -11.32 -3.69
O2 GLC C . 13.40 -7.72 -7.88
O3 GLC C . 15.49 -9.48 -7.03
O4 GLC C . 14.48 -11.85 -5.69
O5 GLC C . 11.93 -9.38 -5.00
O6 GLC C . 11.00 -11.70 -3.55
C1 GLC C . 10.58 -11.70 -2.18
C2 GLC C . 9.37 -12.61 -2.04
C3 GLC C . 8.21 -12.04 -2.85
C4 GLC C . 7.96 -10.59 -2.48
C5 GLC C . 9.26 -9.76 -2.46
C6 GLC C . 8.99 -8.39 -1.86
O2 GLC C . 9.66 -13.91 -2.47
O3 GLC C . 7.04 -12.79 -2.61
O4 GLC C . 7.06 -10.02 -3.40
O5 GLC C . 10.29 -10.41 -1.71
O6 GLC C . 8.51 -8.60 -0.55
C1 GLC C . 8.14 -7.39 0.09
C2 GLC C . 7.66 -7.78 1.48
C3 GLC C . 6.40 -8.61 1.33
C4 GLC C . 5.38 -7.82 0.53
C5 GLC C . 5.94 -7.36 -0.81
C6 GLC C . 4.96 -6.43 -1.51
O2 GLC C . 8.67 -8.49 2.18
O3 GLC C . 5.87 -8.86 2.60
O4 GLC C . 4.23 -8.61 0.29
O5 GLC C . 7.16 -6.64 -0.59
O6 GLC C . 4.72 -5.34 -0.65
C1 GLC C . 3.67 -4.51 -1.16
C2 GLC C . 3.78 -3.17 -0.44
C3 GLC C . 3.41 -3.31 1.05
C4 GLC C . 2.05 -3.98 1.20
C5 GLC C . 2.01 -5.28 0.38
C6 GLC C . 0.60 -5.87 0.35
O2 GLC C . 5.10 -2.67 -0.60
O3 GLC C . 3.40 -2.04 1.68
O4 GLC C . 1.78 -4.26 2.56
O5 GLC C . 2.38 -5.04 -0.97
O6 GLC C . 0.71 -7.21 -0.09
C1 GLC C . -0.39 -7.53 -0.98
C2 GLC C . -0.40 -9.04 -1.24
C3 GLC C . 0.86 -9.44 -2.00
C4 GLC C . 0.97 -8.60 -3.27
C5 GLC C . 0.92 -7.13 -2.90
C6 GLC C . 1.00 -6.20 -4.11
O2 GLC C . -0.46 -9.74 -0.02
O3 GLC C . 0.81 -10.82 -2.31
O4 GLC C . 2.18 -8.92 -3.96
O5 GLC C . -0.30 -6.86 -2.22
O6 GLC C . -0.08 -6.39 -5.00
C1 GLC C . 0.24 -5.80 -6.27
C2 GLC C . -1.04 -5.50 -7.03
C3 GLC C . -1.67 -6.80 -7.53
C4 GLC C . -0.64 -7.61 -8.30
C5 GLC C . 0.58 -7.85 -7.42
C6 GLC C . 1.65 -8.65 -8.14
O2 GLC C . -1.95 -4.77 -6.23
O3 GLC C . -2.73 -6.43 -8.39
O4 GLC C . -1.23 -8.82 -8.72
O5 GLC C . 1.13 -6.62 -7.01
O6 GLC C . 2.45 -9.26 -7.17
C1 GLC C . 2.89 -10.57 -7.57
C2 GLC C . 3.31 -11.30 -6.29
C3 GLC C . 4.55 -10.62 -5.73
C4 GLC C . 5.64 -10.51 -6.77
C5 GLC C . 5.10 -9.79 -8.00
C6 GLC C . 6.13 -9.58 -9.09
O2 GLC C . 2.25 -11.26 -5.35
O3 GLC C . 5.06 -11.38 -4.66
O4 GLC C . 6.71 -9.76 -6.23
O5 GLC C . 3.95 -10.49 -8.49
O6 GLC C . 6.87 -10.76 -9.36
C1 GLC C . 8.12 -10.40 -9.99
C2 GLC C . 8.80 -11.62 -10.61
C3 GLC C . 9.27 -12.57 -9.51
C4 GLC C . 10.07 -11.80 -8.45
C5 GLC C . 9.26 -10.62 -7.96
C6 GLC C . 9.95 -9.80 -6.88
O2 GLC C . 7.94 -12.26 -11.54
O3 GLC C . 10.02 -13.63 -10.08
O4 GLC C . 10.32 -12.63 -7.35
O5 GLC C . 8.98 -9.77 -9.04
O6 GLC C . 11.27 -9.45 -7.29
C1 GLC D . 2.82 -12.81 28.75
C2 GLC D . 1.88 -13.49 29.75
C3 GLC D . 0.93 -14.46 29.05
C4 GLC D . 0.22 -13.77 27.89
C5 GLC D . 1.22 -13.03 26.99
C6 GLC D . 0.49 -12.19 25.95
O2 GLC D . 2.64 -14.18 30.72
O3 GLC D . -0.02 -14.95 29.96
O4 GLC D . -0.49 -14.72 27.12
O5 GLC D . 2.06 -12.18 27.75
O6 GLC D . 1.34 -11.89 24.86
C1 GLC D . 1.35 -12.95 23.87
C2 GLC D . 2.23 -12.52 22.69
C3 GLC D . 1.58 -11.39 21.91
C4 GLC D . 0.18 -11.83 21.50
C5 GLC D . -0.61 -12.23 22.75
C6 GLC D . -2.04 -12.65 22.45
O2 GLC D . 3.50 -12.13 23.16
O3 GLC D . 2.35 -11.06 20.79
O4 GLC D . -0.49 -10.78 20.82
O5 GLC D . 0.07 -13.30 23.38
O6 GLC D . -2.77 -12.48 23.66
C1 GLC D . -4.00 -13.23 23.63
C2 GLC D . -4.84 -12.85 24.84
C3 GLC D . -4.20 -13.36 26.12
C4 GLC D . -3.85 -14.85 26.01
C5 GLC D . -3.10 -15.14 24.72
C6 GLC D . -2.92 -16.64 24.52
O2 GLC D . -4.97 -11.45 24.92
O3 GLC D . -5.08 -13.17 27.21
O4 GLC D . -3.07 -15.23 27.10
O5 GLC D . -3.80 -14.62 23.60
O6 GLC D . -4.21 -17.19 24.30
C1 GLC D . -4.18 -18.62 24.28
C2 GLC D . -5.49 -19.10 23.66
C3 GLC D . -6.64 -18.81 24.60
C4 GLC D . -6.37 -19.34 26.01
C5 GLC D . -4.99 -18.91 26.51
C6 GLC D . -4.65 -19.64 27.80
O2 GLC D . -5.71 -18.42 22.45
O3 GLC D . -7.81 -19.41 24.09
O4 GLC D . -7.36 -18.84 26.87
O5 GLC D . -3.99 -19.20 25.55
O6 GLC D . -3.52 -19.01 28.37
C1 GLC D . -2.68 -19.95 29.06
C2 GLC D . -1.68 -19.21 29.94
C3 GLC D . -0.72 -18.39 29.08
C4 GLC D . -0.05 -19.31 28.07
C5 GLC D . -1.06 -20.18 27.32
C6 GLC D . -0.35 -21.27 26.52
O2 GLC D . -2.34 -18.37 30.86
O3 GLC D . 0.25 -17.77 29.89
O4 GLC D . 0.69 -18.53 27.16
O5 GLC D . -1.99 -20.82 28.18
O6 GLC D . -1.08 -21.64 25.36
C1 GLC D . -0.94 -20.71 24.27
C2 GLC D . -1.62 -21.29 23.03
C3 GLC D . -0.85 -22.50 22.50
C4 GLC D . 0.59 -22.11 22.24
C5 GLC D . 1.17 -21.51 23.52
C6 GLC D . 2.61 -21.08 23.38
O2 GLC D . -2.94 -21.65 23.34
O3 GLC D . -1.47 -22.97 21.32
O4 GLC D . 1.35 -23.24 21.88
O5 GLC D . 0.41 -20.40 23.94
O6 GLC D . 3.05 -20.95 24.70
C1 GLC D . 4.37 -20.38 24.77
C2 GLC D . 4.91 -20.61 26.17
C3 GLC D . 4.09 -19.81 27.17
C4 GLC D . 4.02 -18.34 26.76
C5 GLC D . 3.61 -18.17 25.30
C6 GLC D . 3.81 -16.72 24.87
O2 GLC D . 4.85 -21.99 26.49
O3 GLC D . 4.70 -19.93 28.43
O4 GLC D . 3.08 -17.68 27.57
O5 GLC D . 4.39 -19.01 24.45
O6 GLC D . 5.19 -16.44 24.86
C1 GLC D . 5.45 -15.08 24.48
C2 GLC D . 6.96 -14.88 24.34
C3 GLC D . 7.64 -14.95 25.69
C4 GLC D . 7.00 -13.97 26.66
C5 GLC D . 5.49 -14.19 26.71
C6 GLC D . 4.80 -13.15 27.57
O2 GLC D . 7.49 -15.86 23.48
O3 GLC D . 9.02 -14.65 25.56
O4 GLC D . 7.57 -14.12 27.93
O5 GLC D . 4.93 -14.14 25.41
O6 GLC D . 3.72 -13.79 28.21
C1 GLC E . -8.15 -10.35 7.91
C2 GLC E . -8.61 -10.44 9.37
C3 GLC E . -9.26 -11.80 9.65
C4 GLC E . -10.26 -12.17 8.57
C5 GLC E . -9.62 -12.06 7.20
C6 GLC E . -10.63 -12.43 6.12
O2 GLC E . -7.48 -10.22 10.19
O3 GLC E . -9.98 -11.79 10.85
O4 GLC E . -10.73 -13.49 8.78
O5 GLC E . -9.17 -10.73 7.02
O6 GLC E . -10.19 -12.05 4.83
C1 GLC E . -9.38 -13.08 4.22
C2 GLC E . -8.69 -12.53 2.98
C3 GLC E . -9.76 -12.07 2.00
C4 GLC E . -10.69 -13.23 1.69
C5 GLC E . -11.18 -14.00 2.93
C6 GLC E . -11.66 -15.41 2.59
O2 GLC E . -7.83 -11.46 3.32
O3 GLC E . -9.16 -11.62 0.80
O4 GLC E . -11.78 -12.69 0.98
O5 GLC E . -10.14 -14.22 3.87
O6 GLC E . -12.70 -15.43 1.65
C1 GLC E . -12.45 -16.10 0.39
C2 GLC E . -12.47 -17.64 0.49
C3 GLC E . -11.10 -18.29 0.64
C4 GLC E . -10.13 -17.73 -0.39
C5 GLC E . -10.06 -16.21 -0.27
C6 GLC E . -9.21 -15.60 -1.39
O2 GLC E . -13.35 -18.09 1.50
O3 GLC E . -11.21 -19.69 0.50
O4 GLC E . -8.84 -18.26 -0.15
O5 GLC E . -11.33 -15.58 -0.34
O6 GLC E . -9.81 -15.92 -2.64
C1 GLC E . -9.15 -15.25 -3.73
C2 GLC E . -9.81 -15.68 -5.04
C3 GLC E . -9.56 -17.17 -5.25
C4 GLC E . -8.07 -17.45 -5.23
C5 GLC E . -7.40 -16.85 -3.99
C6 GLC E . -5.89 -17.01 -4.06
O2 GLC E . -11.20 -15.47 -5.03
O3 GLC E . -10.12 -17.56 -6.48
O4 GLC E . -7.87 -18.84 -5.22
O5 GLC E . -7.75 -15.48 -3.83
O6 GLC E . -5.49 -17.78 -2.94
C1 GLC E . -4.53 -17.07 -2.16
C2 GLC E . -4.30 -17.82 -0.83
C3 GLC E . -5.09 -17.17 0.29
C4 GLC E . -4.67 -15.71 0.50
C5 GLC E . -4.34 -15.04 -0.84
C6 GLC E . -2.84 -14.84 -1.09
O2 GLC E . -4.69 -19.17 -0.99
O3 GLC E . -4.90 -17.90 1.49
O4 GLC E . -5.73 -15.00 1.10
O5 GLC E . -4.92 -15.72 -1.93
O6 GLC E . -2.63 -13.60 -1.70
C1 GLC E . -1.69 -12.71 -1.05
C2 GLC E . -0.29 -13.34 -0.89
C3 GLC E . 0.04 -13.90 0.51
C4 GLC E . -0.53 -13.02 1.61
C5 GLC E . -2.02 -12.78 1.38
C6 GLC E . -2.63 -11.92 2.50
O2 GLC E . -0.04 -14.32 -1.89
O3 GLC E . 1.44 -14.00 0.65
O4 GLC E . -0.37 -13.68 2.84
O5 GLC E . -2.20 -12.10 0.15
O6 GLC E . -2.00 -10.66 2.48
C1 GLC E . -2.76 -9.68 3.23
C2 GLC E . -2.12 -8.31 2.98
C3 GLC E . -0.75 -8.20 3.66
C4 GLC E . -0.78 -8.69 5.11
C5 GLC E . -1.55 -10.00 5.26
C6 GLC E . -1.77 -10.38 6.73
O2 GLC E . -2.02 -8.10 1.59
O3 GLC E . -0.32 -6.86 3.67
O4 GLC E . 0.55 -8.87 5.57
O5 GLC E . -2.81 -9.93 4.62
O6 GLC E . -2.15 -11.73 6.73
C1 GLC E . -2.98 -12.10 7.85
C2 GLC E . -3.13 -13.63 7.88
C3 GLC E . -4.11 -14.18 6.83
C4 GLC E . -5.38 -13.34 6.75
C5 GLC E . -5.03 -11.86 6.68
C6 GLC E . -6.29 -10.99 6.63
O2 GLC E . -1.88 -14.24 7.63
O3 GLC E . -4.43 -15.51 7.17
O4 GLC E . -6.08 -13.72 5.59
O5 GLC E . -4.27 -11.50 7.82
O6 GLC E . -6.98 -11.18 7.83
C1 GLC F . -6.47 6.21 11.74
C2 GLC F . -7.29 5.58 12.85
C3 GLC F . -7.06 6.31 14.18
C4 GLC F . -5.56 6.42 14.46
C5 GLC F . -4.81 6.96 13.24
C6 GLC F . -3.30 6.90 13.43
O2 GLC F . -8.67 5.54 12.53
O3 GLC F . -7.72 5.62 15.22
O4 GLC F . -5.30 7.28 15.55
O5 GLC F . -5.10 6.20 12.10
O6 GLC F . -2.73 7.73 12.43
C1 GLC F . -1.41 7.26 12.09
C2 GLC F . -0.64 8.43 11.45
C3 GLC F . -1.32 8.85 10.17
C4 GLC F . -1.49 7.65 9.26
C5 GLC F . -2.11 6.43 9.98
C6 GLC F . -2.03 5.19 9.08
O2 GLC F . -0.57 9.49 12.37
O3 GLC F . -0.52 9.82 9.51
O4 GLC F . -2.29 8.02 8.16
O5 GLC F . -1.39 6.17 11.18
O6 GLC F . -0.67 4.95 8.77
C1 GLC F . -0.51 3.80 7.91
C2 GLC F . 0.99 3.57 7.75
C3 GLC F . 1.61 4.73 7.00
C4 GLC F . 0.88 4.90 5.69
C5 GLC F . -0.62 5.09 5.92
C6 GLC F . -1.38 5.21 4.61
O2 GLC F . 1.62 3.44 8.99
O3 GLC F . 3.00 4.50 6.82
O4 GLC F . 1.44 6.00 5.00
O5 GLC F . -1.13 3.98 6.65
O6 GLC F . -1.10 4.07 3.83
C1 GLC F . -1.73 4.10 2.54
C2 GLC F . -1.71 2.70 1.96
C3 GLC F . -0.25 2.35 1.67
C4 GLC F . 0.41 3.40 0.79
C5 GLC F . 0.28 4.78 1.43
C6 GLC F . 0.83 5.84 0.48
O2 GLC F . -2.26 1.77 2.86
O3 GLC F . -0.18 1.09 1.04
O4 GLC F . 1.75 3.06 0.56
O5 GLC F . -1.10 5.02 1.66
O6 GLC F . 0.99 7.05 1.20
C1 GLC F . 0.49 8.15 0.42
C2 GLC F . 0.92 9.45 1.07
C3 GLC F . 0.25 9.58 2.44
C4 GLC F . -1.25 9.49 2.26
C5 GLC F . -1.60 8.20 1.54
C6 GLC F . -3.09 8.05 1.29
O2 GLC F . 2.33 9.52 1.20
O3 GLC F . 0.61 10.83 2.95
O4 GLC F . -1.89 9.59 3.54
O5 GLC F . -0.91 8.13 0.28
O6 GLC F . -3.50 8.87 0.22
C1 GLC F . -4.93 8.87 0.14
C2 GLC F . -5.34 9.55 -1.17
C3 GLC F . -5.14 11.06 -1.09
C4 GLC F . -5.79 11.63 0.18
C5 GLC F . -5.24 10.88 1.39
C6 GLC F . -5.83 11.39 2.72
O2 GLC F . -4.58 9.03 -2.24
O3 GLC F . -5.70 11.66 -2.24
O4 GLC F . -5.48 13.01 0.26
O5 GLC F . -5.54 9.50 1.25
O6 GLC F . -4.88 11.11 3.73
C1 GLC F . -4.77 12.16 4.71
C2 GLC F . -3.45 11.97 5.46
C3 GLC F . -3.47 10.65 6.24
C4 GLC F . -4.71 10.59 7.13
C5 GLC F . -5.96 10.86 6.29
C6 GLC F . -7.28 10.80 7.07
O2 GLC F . -2.35 12.01 4.58
O3 GLC F . -2.31 10.56 7.03
O4 GLC F . -4.80 9.30 7.72
O5 GLC F . -5.85 12.11 5.63
O6 GLC F . -7.22 11.45 8.33
C1 GLC F . -8.24 10.89 9.19
C2 GLC F . -8.51 11.80 10.38
C3 GLC F . -7.26 11.84 11.26
C4 GLC F . -6.79 10.42 11.62
C5 GLC F . -6.64 9.63 10.33
C6 GLC F . -6.15 8.19 10.52
O2 GLC F . -8.84 13.10 9.92
O3 GLC F . -7.52 12.57 12.44
O4 GLC F . -5.55 10.48 12.28
O5 GLC F . -7.89 9.61 9.67
O6 GLC F . -6.92 7.54 11.51
C1 GLC G . 31.15 2.77 7.78
C2 GLC G . 31.95 4.00 7.36
C3 GLC G . 32.57 4.68 8.58
C4 GLC G . 31.51 4.97 9.62
C5 GLC G . 30.57 3.79 9.88
C6 GLC G . 29.32 4.27 10.62
O1 GLC G . 32.01 1.82 8.40
O2 GLC G . 32.95 3.62 6.44
O3 GLC G . 33.15 5.90 8.20
O4 GLC G . 32.17 5.27 10.84
O5 GLC G . 30.13 3.18 8.68
O6 GLC G . 28.83 5.46 10.01
C1 GLC G . 27.46 5.40 9.76
C2 GLC G . 26.89 6.74 9.30
C3 GLC G . 26.95 7.77 10.41
C4 GLC G . 26.25 7.25 11.67
C5 GLC G . 26.84 5.89 12.01
C6 GLC G . 26.24 5.23 13.24
O2 GLC G . 27.56 7.25 8.18
O3 GLC G . 26.33 8.94 9.93
O4 GLC G . 26.41 8.17 12.73
O5 GLC G . 26.72 5.00 10.90
O6 GLC G . 27.19 4.27 13.65
C1 GLC G . 26.67 3.37 14.63
C2 GLC G . 27.83 2.56 15.21
C3 GLC G . 28.44 1.69 14.12
C4 GLC G . 27.35 0.81 13.51
C5 GLC G . 26.18 1.67 13.04
C6 GLC G . 25.03 0.79 12.54
O2 GLC G . 28.78 3.43 15.78
O3 GLC G . 29.43 0.86 14.67
O4 GLC G . 27.88 0.10 12.42
O5 GLC G . 25.72 2.46 14.11
O6 GLC G . 24.61 -0.01 13.63
C1 GLC G . 23.69 -1.03 13.20
C2 GLC G . 23.10 -1.69 14.43
C3 GLC G . 24.17 -2.50 15.15
C4 GLC G . 24.85 -3.45 14.19
C5 GLC G . 25.40 -2.69 12.99
C6 GLC G . 26.08 -3.63 11.99
O2 GLC G . 22.57 -0.71 15.31
O3 GLC G . 23.55 -3.27 16.17
O4 GLC G . 25.91 -4.09 14.87
O5 GLC G . 24.31 -2.01 12.36
O6 GLC G . 25.13 -4.53 11.45
CA CA H . -2.22 -32.12 12.30
NA NA I . -7.40 -28.53 -11.10
S SO4 J . 23.59 -18.95 -32.98
O1 SO4 J . 24.74 -19.45 -32.22
O2 SO4 J . 22.64 -20.05 -33.21
O3 SO4 J . 22.92 -17.86 -32.25
O4 SO4 J . 24.04 -18.40 -34.29
S SO4 K . 16.29 -30.39 -47.17
O1 SO4 K . 16.72 -30.96 -48.48
O2 SO4 K . 15.78 -31.49 -46.33
O3 SO4 K . 17.44 -29.74 -46.49
O4 SO4 K . 15.20 -29.40 -47.44
S SO4 L . 36.88 -25.23 -11.83
O1 SO4 L . 36.93 -26.71 -11.89
O2 SO4 L . 36.74 -24.84 -10.41
O3 SO4 L . 38.13 -24.67 -12.39
O4 SO4 L . 35.72 -24.75 -12.60
S SO4 M . 29.76 -11.07 -30.27
O1 SO4 M . 30.58 -11.61 -29.17
O2 SO4 M . 28.30 -11.20 -30.00
O3 SO4 M . 30.16 -9.65 -30.44
O4 SO4 M . 30.05 -11.81 -31.52
S SO4 N . -2.20 -23.53 4.32
O1 SO4 N . -1.24 -24.51 4.88
O2 SO4 N . -3.59 -23.90 4.71
O3 SO4 N . -1.87 -22.19 4.84
O4 SO4 N . -2.13 -23.53 2.84
S SO4 O . 18.15 -36.08 -12.16
O1 SO4 O . 18.91 -36.41 -10.92
O2 SO4 O . 17.08 -37.09 -12.36
O3 SO4 O . 17.56 -34.74 -12.03
O4 SO4 O . 19.08 -36.09 -13.32
S SO4 P . 11.43 -16.74 24.45
O1 SO4 P . 11.70 -15.71 23.42
O2 SO4 P . 9.97 -16.96 24.56
O3 SO4 P . 12.10 -17.99 24.06
O4 SO4 P . 11.96 -16.28 25.75
C1 EDO Q . 16.82 6.49 -1.08
O1 EDO Q . 18.18 6.86 -1.35
C2 EDO Q . 16.64 6.15 0.39
O2 EDO Q . 17.38 4.96 0.73
C1 EDO R . 26.21 3.01 -1.41
O1 EDO R . 26.32 4.35 -1.90
C2 EDO R . 25.13 2.32 -2.23
O2 EDO R . 23.86 2.64 -1.67
C1 EDO S . 24.18 -17.62 -4.79
O1 EDO S . 25.34 -17.91 -5.59
C2 EDO S . 23.79 -18.86 -4.02
O2 EDO S . 23.29 -19.81 -4.96
C1 EDO T . 30.74 -15.38 -21.19
O1 EDO T . 30.91 -14.21 -21.99
C2 EDO T . 32.11 -15.82 -20.68
O2 EDO T . 32.95 -16.22 -21.77
C1 EDO U . -10.39 -28.62 11.36
O1 EDO U . -9.39 -27.78 10.74
C2 EDO U . -11.17 -27.78 12.37
O2 EDO U . -10.28 -26.87 13.01
O1 MES V . 12.04 -39.64 -21.38
C2 MES V . 10.93 -40.33 -20.79
C3 MES V . 10.67 -41.59 -21.60
N4 MES V . 10.43 -41.28 -23.02
C5 MES V . 11.45 -40.38 -23.59
C6 MES V . 11.71 -39.18 -22.69
C7 MES V . 10.42 -42.57 -23.76
C8 MES V . 9.31 -42.57 -24.79
S MES V . 9.23 -43.99 -25.68
O1S MES V . 8.17 -44.83 -25.12
O2S MES V . 10.52 -44.66 -25.73
O3S MES V . 8.79 -43.55 -27.04
CA CA W . 22.88 21.15 12.91
NA NA X . 1.67 32.01 4.27
S SO4 Y . -28.93 21.66 26.47
O1 SO4 Y . -28.54 21.10 27.77
O2 SO4 Y . -28.37 23.02 26.34
O3 SO4 Y . -28.46 20.81 25.37
O4 SO4 Y . -30.41 21.73 26.36
S SO4 Z . -11.26 11.28 41.37
O1 SO4 Z . -9.83 11.20 41.73
O2 SO4 Z . -11.91 9.97 41.60
O3 SO4 Z . -11.94 12.30 42.21
O4 SO4 Z . -11.41 11.65 39.95
S SO4 AA . -30.97 11.92 27.87
O1 SO4 AA . -30.39 12.38 26.59
O2 SO4 AA . -31.15 10.45 27.93
O3 SO4 AA . -30.07 12.31 28.98
O4 SO4 AA . -32.28 12.58 28.04
S SO4 BA . 12.60 18.31 7.86
O1 SO4 BA . 13.51 18.03 6.73
O2 SO4 BA . 13.01 17.51 9.04
O3 SO4 BA . 12.63 19.77 8.15
O4 SO4 BA . 11.22 17.93 7.49
S SO4 CA . -1.88 27.02 30.10
O1 SO4 CA . -1.96 28.42 30.60
O2 SO4 CA . -3.12 26.31 30.53
O3 SO4 CA . -1.78 27.02 28.63
O4 SO4 CA . -0.70 26.35 30.68
S SO4 DA . 22.74 -1.95 19.61
O1 SO4 DA . 23.61 -2.14 18.44
O2 SO4 DA . 23.04 -2.99 20.62
O3 SO4 DA . 23.02 -0.61 20.17
O4 SO4 DA . 21.32 -2.05 19.23
C1 EDO EA . -36.54 40.82 24.30
O1 EDO EA . -35.33 40.48 23.63
C2 EDO EA . -36.87 39.71 25.29
O2 EDO EA . -35.65 39.06 25.65
C1 EDO FA . -3.30 8.15 27.16
O1 EDO FA . -3.78 9.47 26.88
C2 EDO FA . -4.44 7.17 26.96
O2 EDO FA . -5.49 7.43 27.91
C1 EDO GA . 0.38 7.31 15.39
O1 EDO GA . 1.28 8.04 14.55
C2 EDO GA . 0.99 7.08 16.76
O2 EDO GA . 2.23 6.38 16.60
C1 EDO HA . 24.32 21.03 3.36
O1 EDO HA . 23.83 19.73 2.99
C2 EDO HA . 23.47 21.63 4.47
O2 EDO HA . 22.15 21.08 4.43
O1 MES IA . -7.91 37.49 26.28
C2 MES IA . -6.89 38.28 25.68
C3 MES IA . -7.17 39.78 25.92
N4 MES IA . -8.54 40.17 25.54
C5 MES IA . -9.51 39.22 26.11
C6 MES IA . -9.17 37.80 25.70
C7 MES IA . -8.87 41.53 26.04
C8 MES IA . -8.53 42.64 25.04
S MES IA . -9.16 44.13 25.52
O1S MES IA . -9.16 44.15 26.99
O2S MES IA . -10.50 44.33 24.98
O3S MES IA . -8.29 45.16 24.95
#